data_2RRE
#
_entry.id   2RRE
#
_entity_poly.entity_id   1
_entity_poly.type   'polypeptide(L)'
_entity_poly.pdbx_seq_one_letter_code
;GSDHMKPRPGVFVDRKLKQRVIQYLSSNRCGKYVDTGILASDLQRLYSVDYGRRKRNAFRIQVEKVFSIISSEKELKN
;
_entity_poly.pdbx_strand_id   A
#
# COMPACT_ATOMS: atom_id res chain seq x y z
N MET A 5 -12.51 -0.45 24.97
CA MET A 5 -12.31 -0.67 23.51
C MET A 5 -12.62 0.60 22.72
N LYS A 6 -11.90 0.81 21.63
CA LYS A 6 -12.10 1.98 20.79
C LYS A 6 -13.06 1.67 19.64
N PRO A 7 -13.78 2.69 19.15
CA PRO A 7 -14.75 2.53 18.06
C PRO A 7 -14.06 2.15 16.75
N ARG A 8 -14.78 2.27 15.64
CA ARG A 8 -14.24 1.93 14.33
C ARG A 8 -13.83 3.20 13.57
N PRO A 9 -12.52 3.46 13.46
CA PRO A 9 -12.01 4.64 12.76
C PRO A 9 -12.35 4.62 11.27
N GLY A 10 -12.16 3.46 10.65
CA GLY A 10 -12.45 3.32 9.23
C GLY A 10 -11.53 2.33 8.55
N VAL A 11 -10.34 2.16 9.10
CA VAL A 11 -9.36 1.22 8.54
C VAL A 11 -9.36 -0.10 9.30
N PHE A 12 -9.54 -1.20 8.58
CA PHE A 12 -9.56 -2.52 9.18
C PHE A 12 -8.34 -3.33 8.76
N VAL A 13 -7.64 -3.90 9.74
CA VAL A 13 -6.45 -4.71 9.47
C VAL A 13 -5.31 -3.84 8.94
N ASP A 14 -5.47 -3.35 7.73
CA ASP A 14 -4.45 -2.50 7.10
C ASP A 14 -5.01 -1.79 5.88
N ARG A 15 -6.09 -1.04 6.07
CA ARG A 15 -6.72 -0.31 4.98
C ARG A 15 -5.85 0.84 4.52
N LYS A 16 -5.06 1.40 5.45
CA LYS A 16 -4.18 2.52 5.14
C LYS A 16 -3.25 2.16 3.98
N LEU A 17 -2.77 0.93 3.97
CA LEU A 17 -1.86 0.47 2.92
C LEU A 17 -2.51 0.64 1.54
N LYS A 18 -3.80 0.32 1.46
CA LYS A 18 -4.53 0.44 0.20
C LYS A 18 -4.84 1.91 -0.11
N GLN A 19 -5.44 2.59 0.87
CA GLN A 19 -5.79 4.01 0.70
C GLN A 19 -4.55 4.84 0.40
N ARG A 20 -3.49 4.59 1.15
CA ARG A 20 -2.24 5.33 0.96
C ARG A 20 -1.64 5.06 -0.41
N VAL A 21 -1.63 3.79 -0.80
CA VAL A 21 -1.09 3.40 -2.10
C VAL A 21 -1.92 3.99 -3.24
N ILE A 22 -3.22 3.77 -3.21
CA ILE A 22 -4.10 4.28 -4.26
C ILE A 22 -3.93 5.79 -4.43
N GLN A 23 -3.70 6.48 -3.32
CA GLN A 23 -3.52 7.93 -3.35
C GLN A 23 -2.16 8.29 -3.97
N TYR A 24 -1.17 7.43 -3.74
CA TYR A 24 0.18 7.66 -4.27
C TYR A 24 0.22 7.42 -5.78
N LEU A 25 -0.48 6.40 -6.24
CA LEU A 25 -0.50 6.08 -7.67
C LEU A 25 -1.32 7.11 -8.44
N SER A 26 -2.48 7.46 -7.89
CA SER A 26 -3.36 8.42 -8.53
C SER A 26 -2.66 9.77 -8.70
N SER A 27 -2.00 10.22 -7.65
CA SER A 27 -1.28 11.49 -7.67
C SER A 27 -0.13 11.44 -8.67
N ASN A 28 0.51 10.27 -8.78
CA ASN A 28 1.62 10.10 -9.70
C ASN A 28 2.08 8.65 -9.74
N ARG A 29 2.93 8.32 -10.70
CA ARG A 29 3.44 6.96 -10.85
C ARG A 29 4.19 6.53 -9.60
N CYS A 30 4.89 7.48 -8.97
CA CYS A 30 5.65 7.19 -7.77
C CYS A 30 6.71 6.12 -8.03
N GLY A 31 7.23 6.10 -9.26
CA GLY A 31 8.25 5.14 -9.62
C GLY A 31 8.00 4.52 -10.99
N LYS A 32 9.05 3.93 -11.56
CA LYS A 32 8.94 3.31 -12.87
C LYS A 32 8.54 1.84 -12.75
N TYR A 33 7.27 1.55 -12.98
CA TYR A 33 6.75 0.19 -12.89
C TYR A 33 7.01 -0.40 -11.52
N VAL A 34 6.47 0.24 -10.49
CA VAL A 34 6.64 -0.21 -9.12
C VAL A 34 5.87 -1.51 -8.88
N ASP A 35 6.60 -2.58 -8.57
CA ASP A 35 5.98 -3.88 -8.31
C ASP A 35 5.62 -4.02 -6.84
N THR A 36 5.13 -5.20 -6.47
CA THR A 36 4.75 -5.47 -5.09
C THR A 36 5.93 -5.27 -4.14
N GLY A 37 7.01 -5.99 -4.40
CA GLY A 37 8.19 -5.87 -3.56
C GLY A 37 8.79 -4.48 -3.58
N ILE A 38 8.69 -3.82 -4.73
CA ILE A 38 9.21 -2.47 -4.89
C ILE A 38 8.37 -1.45 -4.15
N LEU A 39 7.05 -1.53 -4.34
CA LEU A 39 6.13 -0.60 -3.69
C LEU A 39 6.25 -0.71 -2.17
N ALA A 40 6.46 -1.92 -1.68
CA ALA A 40 6.60 -2.15 -0.24
C ALA A 40 7.81 -1.42 0.32
N SER A 41 8.96 -1.62 -0.30
CA SER A 41 10.19 -0.98 0.14
C SER A 41 10.10 0.53 0.00
N ASP A 42 9.37 0.99 -1.01
CA ASP A 42 9.21 2.42 -1.26
C ASP A 42 8.27 3.04 -0.23
N LEU A 43 7.12 2.40 -0.02
CA LEU A 43 6.13 2.90 0.93
C LEU A 43 6.72 3.00 2.33
N GLN A 44 7.56 2.04 2.69
CA GLN A 44 8.18 2.02 4.01
C GLN A 44 9.30 3.07 4.10
N ARG A 45 10.01 3.26 2.99
CA ARG A 45 11.10 4.23 2.94
C ARG A 45 10.57 5.64 3.17
N LEU A 46 9.51 6.00 2.46
CA LEU A 46 8.91 7.33 2.58
C LEU A 46 8.22 7.49 3.94
N TYR A 47 7.68 6.39 4.46
CA TYR A 47 6.99 6.41 5.75
C TYR A 47 7.73 5.55 6.77
N SER A 48 9.02 5.79 6.91
CA SER A 48 9.84 5.04 7.85
C SER A 48 9.43 5.32 9.29
N VAL A 49 8.93 6.53 9.53
CA VAL A 49 8.50 6.93 10.87
C VAL A 49 7.16 6.30 11.22
N ASP A 50 6.32 6.11 10.21
CA ASP A 50 5.00 5.51 10.42
C ASP A 50 5.00 4.03 10.06
N TYR A 51 5.17 3.73 8.78
CA TYR A 51 5.18 2.35 8.31
C TYR A 51 6.47 1.64 8.72
N GLY A 52 7.57 2.38 8.71
CA GLY A 52 8.85 1.80 9.09
C GLY A 52 8.83 1.20 10.48
N ARG A 53 8.48 -0.09 10.56
CA ARG A 53 8.42 -0.78 11.84
C ARG A 53 9.32 -2.02 11.83
N ARG A 54 9.10 -2.91 12.78
CA ARG A 54 9.90 -4.13 12.88
C ARG A 54 9.19 -5.30 12.20
N LYS A 55 8.53 -5.03 11.09
CA LYS A 55 7.81 -6.05 10.35
C LYS A 55 8.13 -5.96 8.85
N ARG A 56 9.35 -6.32 8.48
CA ARG A 56 9.78 -6.27 7.09
C ARG A 56 9.03 -7.31 6.26
N ASN A 57 8.88 -8.51 6.79
CA ASN A 57 8.19 -9.58 6.09
C ASN A 57 6.69 -9.34 6.05
N ALA A 58 6.11 -9.01 7.21
CA ALA A 58 4.68 -8.76 7.31
C ALA A 58 4.27 -7.59 6.41
N PHE A 59 4.99 -6.47 6.52
CA PHE A 59 4.70 -5.29 5.72
C PHE A 59 4.78 -5.62 4.22
N ARG A 60 5.76 -6.45 3.86
CA ARG A 60 5.94 -6.84 2.47
C ARG A 60 4.70 -7.56 1.93
N ILE A 61 4.16 -8.46 2.74
CA ILE A 61 2.97 -9.21 2.35
C ILE A 61 1.76 -8.29 2.17
N GLN A 62 1.64 -7.31 3.07
CA GLN A 62 0.52 -6.37 3.00
C GLN A 62 0.56 -5.58 1.70
N VAL A 63 1.75 -5.09 1.33
CA VAL A 63 1.91 -4.33 0.10
C VAL A 63 1.67 -5.21 -1.12
N GLU A 64 2.03 -6.48 -1.01
CA GLU A 64 1.86 -7.42 -2.11
C GLU A 64 0.39 -7.66 -2.39
N LYS A 65 -0.38 -7.89 -1.33
CA LYS A 65 -1.81 -8.13 -1.47
C LYS A 65 -2.56 -6.83 -1.77
N VAL A 66 -2.06 -5.72 -1.23
CA VAL A 66 -2.68 -4.42 -1.44
C VAL A 66 -2.45 -3.95 -2.87
N PHE A 67 -1.33 -4.33 -3.46
CA PHE A 67 -1.02 -3.93 -4.82
C PHE A 67 -1.93 -4.64 -5.82
N SER A 68 -2.21 -5.91 -5.56
CA SER A 68 -3.09 -6.69 -6.42
C SER A 68 -4.55 -6.30 -6.24
N ILE A 69 -4.92 -5.97 -5.00
CA ILE A 69 -6.29 -5.60 -4.69
C ILE A 69 -6.64 -4.21 -5.20
N ILE A 70 -5.71 -3.26 -5.05
CA ILE A 70 -5.94 -1.90 -5.51
C ILE A 70 -6.24 -1.86 -7.01
N SER A 71 -5.60 -2.74 -7.76
CA SER A 71 -5.80 -2.80 -9.20
C SER A 71 -7.14 -3.43 -9.56
N SER A 72 -7.44 -4.57 -8.93
CA SER A 72 -8.69 -5.27 -9.18
C SER A 72 -9.89 -4.57 -8.55
N GLU A 73 -9.71 -4.05 -7.34
CA GLU A 73 -10.79 -3.37 -6.64
C GLU A 73 -11.08 -1.99 -7.21
N LYS A 74 -10.02 -1.19 -7.37
CA LYS A 74 -10.18 0.17 -7.91
C LYS A 74 -10.16 0.16 -9.43
N GLU A 75 -9.16 -0.50 -10.01
CA GLU A 75 -9.03 -0.57 -11.47
C GLU A 75 -8.82 0.81 -12.06
N LEU A 76 -7.57 1.27 -12.08
CA LEU A 76 -7.24 2.58 -12.63
C LEU A 76 -6.84 2.47 -14.09
N LYS A 77 -6.00 1.48 -14.40
CA LYS A 77 -5.53 1.27 -15.75
C LYS A 77 -4.80 2.49 -16.28
N ASN A 78 -3.48 2.39 -16.38
CA ASN A 78 -2.66 3.49 -16.86
C ASN A 78 -1.65 3.00 -17.88
N MET A 5 -3.52 -5.35 18.52
CA MET A 5 -3.81 -6.80 18.41
C MET A 5 -5.15 -7.16 19.06
N LYS A 6 -6.12 -6.28 18.89
CA LYS A 6 -7.45 -6.49 19.46
C LYS A 6 -8.42 -7.02 18.39
N PRO A 7 -9.46 -7.76 18.82
CA PRO A 7 -10.45 -8.31 17.90
C PRO A 7 -11.48 -7.28 17.44
N ARG A 8 -11.34 -6.05 17.92
CA ARG A 8 -12.27 -4.98 17.55
C ARG A 8 -12.30 -4.78 16.04
N PRO A 9 -13.51 -4.64 15.46
CA PRO A 9 -13.67 -4.45 14.02
C PRO A 9 -13.26 -3.06 13.56
N GLY A 10 -13.58 -2.72 12.32
CA GLY A 10 -13.24 -1.42 11.79
C GLY A 10 -12.77 -1.48 10.35
N VAL A 11 -11.46 -1.34 10.15
CA VAL A 11 -10.88 -1.39 8.81
C VAL A 11 -10.31 -2.76 8.50
N PHE A 12 -10.25 -3.11 7.23
CA PHE A 12 -9.71 -4.39 6.80
C PHE A 12 -8.25 -4.53 7.22
N VAL A 13 -7.64 -5.65 6.86
CA VAL A 13 -6.25 -5.91 7.20
C VAL A 13 -5.34 -4.84 6.61
N ASP A 14 -4.99 -3.85 7.42
CA ASP A 14 -4.13 -2.76 6.99
C ASP A 14 -4.74 -2.02 5.80
N ARG A 15 -5.95 -1.51 6.00
CA ARG A 15 -6.65 -0.78 4.95
C ARG A 15 -5.85 0.45 4.51
N LYS A 16 -5.10 1.03 5.44
CA LYS A 16 -4.29 2.22 5.14
C LYS A 16 -3.34 1.94 3.98
N LEU A 17 -2.78 0.74 3.95
CA LEU A 17 -1.85 0.36 2.89
C LEU A 17 -2.51 0.52 1.51
N LYS A 18 -3.78 0.18 1.44
CA LYS A 18 -4.52 0.30 0.18
C LYS A 18 -4.87 1.75 -0.11
N GLN A 19 -5.43 2.43 0.88
CA GLN A 19 -5.81 3.84 0.73
C GLN A 19 -4.59 4.71 0.44
N ARG A 20 -3.52 4.47 1.20
CA ARG A 20 -2.29 5.24 1.02
C ARG A 20 -1.67 4.98 -0.34
N VAL A 21 -1.66 3.71 -0.75
CA VAL A 21 -1.10 3.33 -2.04
C VAL A 21 -1.93 3.91 -3.19
N ILE A 22 -3.23 3.67 -3.17
CA ILE A 22 -4.11 4.17 -4.21
C ILE A 22 -3.96 5.68 -4.39
N GLN A 23 -3.76 6.37 -3.28
CA GLN A 23 -3.60 7.82 -3.30
C GLN A 23 -2.24 8.21 -3.88
N TYR A 24 -1.24 7.37 -3.65
CA TYR A 24 0.11 7.63 -4.14
C TYR A 24 0.21 7.40 -5.65
N LEU A 25 -0.50 6.39 -6.15
CA LEU A 25 -0.48 6.07 -7.57
C LEU A 25 -1.27 7.10 -8.37
N SER A 26 -2.40 7.53 -7.82
CA SER A 26 -3.25 8.51 -8.48
C SER A 26 -2.52 9.84 -8.63
N SER A 27 -1.64 10.14 -7.68
CA SER A 27 -0.88 11.39 -7.71
C SER A 27 0.34 11.26 -8.60
N ASN A 28 1.02 10.12 -8.49
CA ASN A 28 2.22 9.87 -9.29
C ASN A 28 2.48 8.37 -9.41
N ARG A 29 3.18 7.98 -10.47
CA ARG A 29 3.50 6.57 -10.70
C ARG A 29 4.26 5.98 -9.52
N CYS A 30 5.05 6.81 -8.85
CA CYS A 30 5.82 6.37 -7.70
C CYS A 30 6.84 5.30 -8.10
N GLY A 31 7.55 5.55 -9.20
CA GLY A 31 8.54 4.60 -9.67
C GLY A 31 8.20 4.04 -11.05
N LYS A 32 7.25 4.66 -11.73
CA LYS A 32 6.85 4.23 -13.06
C LYS A 32 6.28 2.80 -13.02
N TYR A 33 7.16 1.81 -12.98
CA TYR A 33 6.75 0.42 -12.93
C TYR A 33 6.94 -0.16 -11.54
N VAL A 34 6.51 0.59 -10.53
CA VAL A 34 6.64 0.15 -9.14
C VAL A 34 5.92 -1.19 -8.92
N ASP A 35 6.68 -2.20 -8.54
CA ASP A 35 6.12 -3.52 -8.30
C ASP A 35 5.75 -3.69 -6.83
N THR A 36 5.30 -4.89 -6.47
CA THR A 36 4.91 -5.18 -5.09
C THR A 36 6.08 -4.99 -4.13
N GLY A 37 7.17 -5.70 -4.39
CA GLY A 37 8.34 -5.60 -3.55
C GLY A 37 8.92 -4.20 -3.54
N ILE A 38 8.83 -3.52 -4.67
CA ILE A 38 9.35 -2.15 -4.79
C ILE A 38 8.46 -1.17 -4.06
N LEU A 39 7.15 -1.27 -4.26
CA LEU A 39 6.20 -0.38 -3.62
C LEU A 39 6.28 -0.50 -2.10
N ALA A 40 6.28 -1.73 -1.61
CA ALA A 40 6.36 -1.98 -0.17
C ALA A 40 7.53 -1.25 0.46
N SER A 41 8.71 -1.40 -0.14
CA SER A 41 9.92 -0.77 0.36
C SER A 41 9.82 0.76 0.22
N ASP A 42 9.49 1.21 -0.99
CA ASP A 42 9.37 2.64 -1.26
C ASP A 42 8.36 3.29 -0.31
N LEU A 43 7.25 2.60 -0.07
CA LEU A 43 6.21 3.12 0.82
C LEU A 43 6.75 3.33 2.23
N GLN A 44 7.43 2.31 2.76
CA GLN A 44 8.00 2.38 4.10
C GLN A 44 9.22 3.29 4.13
N ARG A 45 9.94 3.36 3.02
CA ARG A 45 11.14 4.19 2.94
C ARG A 45 10.79 5.67 3.05
N LEU A 46 9.80 6.10 2.28
CA LEU A 46 9.36 7.49 2.29
C LEU A 46 8.68 7.84 3.61
N TYR A 47 8.01 6.86 4.20
CA TYR A 47 7.31 7.05 5.47
C TYR A 47 8.00 6.28 6.59
N SER A 48 9.32 6.36 6.64
CA SER A 48 10.10 5.66 7.66
C SER A 48 9.66 6.09 9.06
N VAL A 49 9.21 7.34 9.18
CA VAL A 49 8.77 7.88 10.46
C VAL A 49 7.41 7.30 10.87
N ASP A 50 6.50 7.24 9.91
CA ASP A 50 5.16 6.72 10.17
C ASP A 50 5.14 5.19 10.08
N TYR A 51 5.51 4.66 8.92
CA TYR A 51 5.54 3.23 8.71
C TYR A 51 6.56 2.56 9.63
N GLY A 52 7.82 2.93 9.46
CA GLY A 52 8.87 2.36 10.29
C GLY A 52 9.22 0.93 9.90
N ARG A 53 9.45 0.08 10.89
CA ARG A 53 9.79 -1.31 10.64
C ARG A 53 9.44 -2.18 11.83
N ARG A 54 8.43 -3.03 11.68
CA ARG A 54 8.00 -3.92 12.75
C ARG A 54 8.04 -5.37 12.30
N LYS A 55 7.57 -5.62 11.08
CA LYS A 55 7.56 -6.97 10.53
C LYS A 55 7.82 -6.94 9.03
N ARG A 56 9.07 -7.16 8.64
CA ARG A 56 9.46 -7.16 7.24
C ARG A 56 8.60 -8.12 6.43
N ASN A 57 8.52 -9.37 6.87
CA ASN A 57 7.73 -10.38 6.19
C ASN A 57 6.27 -9.97 6.08
N ALA A 58 5.71 -9.52 7.19
CA ALA A 58 4.31 -9.10 7.23
C ALA A 58 4.07 -7.89 6.33
N PHE A 59 4.90 -6.87 6.47
CA PHE A 59 4.78 -5.66 5.67
C PHE A 59 4.84 -5.97 4.18
N ARG A 60 5.67 -6.95 3.83
CA ARG A 60 5.83 -7.35 2.43
C ARG A 60 4.55 -7.99 1.90
N ILE A 61 3.95 -8.85 2.71
CA ILE A 61 2.72 -9.53 2.31
C ILE A 61 1.56 -8.56 2.20
N GLN A 62 1.49 -7.61 3.13
CA GLN A 62 0.43 -6.61 3.13
C GLN A 62 0.46 -5.79 1.85
N VAL A 63 1.65 -5.34 1.47
CA VAL A 63 1.81 -4.54 0.25
C VAL A 63 1.59 -5.39 -1.00
N GLU A 64 1.99 -6.65 -0.92
CA GLU A 64 1.82 -7.57 -2.05
C GLU A 64 0.35 -7.78 -2.36
N LYS A 65 -0.45 -8.03 -1.32
CA LYS A 65 -1.88 -8.24 -1.49
C LYS A 65 -2.60 -6.93 -1.80
N VAL A 66 -2.12 -5.85 -1.19
CA VAL A 66 -2.71 -4.54 -1.39
C VAL A 66 -2.43 -4.03 -2.80
N PHE A 67 -1.29 -4.41 -3.36
CA PHE A 67 -0.93 -3.99 -4.71
C PHE A 67 -1.80 -4.69 -5.74
N SER A 68 -2.07 -5.97 -5.52
CA SER A 68 -2.90 -6.74 -6.44
C SER A 68 -4.37 -6.37 -6.32
N ILE A 69 -4.79 -6.02 -5.11
CA ILE A 69 -6.18 -5.66 -4.86
C ILE A 69 -6.50 -4.27 -5.39
N ILE A 70 -5.64 -3.31 -5.11
CA ILE A 70 -5.85 -1.94 -5.58
C ILE A 70 -6.07 -1.89 -7.08
N SER A 71 -5.37 -2.76 -7.81
CA SER A 71 -5.49 -2.80 -9.26
C SER A 71 -6.89 -3.29 -9.66
N SER A 72 -7.31 -4.41 -9.09
CA SER A 72 -8.61 -4.99 -9.38
C SER A 72 -9.74 -4.19 -8.73
N GLU A 73 -9.60 -3.91 -7.44
CA GLU A 73 -10.62 -3.17 -6.69
C GLU A 73 -10.92 -1.83 -7.35
N LYS A 74 -9.88 -1.07 -7.66
CA LYS A 74 -10.06 0.24 -8.28
C LYS A 74 -10.21 0.11 -9.79
N GLU A 75 -9.25 -0.56 -10.42
CA GLU A 75 -9.28 -0.75 -11.87
C GLU A 75 -9.26 0.58 -12.60
N LEU A 76 -9.32 0.53 -13.92
CA LEU A 76 -9.30 1.74 -14.74
C LEU A 76 -10.52 1.79 -15.65
N LYS A 77 -11.54 2.53 -15.23
CA LYS A 77 -12.77 2.67 -16.00
C LYS A 77 -13.14 4.14 -16.17
N ASN A 78 -12.14 4.99 -16.23
CA ASN A 78 -12.36 6.43 -16.38
C ASN A 78 -11.45 7.01 -17.46
N MET A 5 -23.32 -2.19 -1.28
CA MET A 5 -23.93 -2.55 0.04
C MET A 5 -23.06 -2.06 1.19
N LYS A 6 -21.77 -2.35 1.13
CA LYS A 6 -20.84 -1.94 2.17
C LYS A 6 -20.34 -0.52 1.92
N PRO A 7 -20.04 0.23 3.00
CA PRO A 7 -19.56 1.61 2.89
C PRO A 7 -18.12 1.68 2.38
N ARG A 8 -17.70 2.86 1.95
CA ARG A 8 -16.36 3.06 1.43
C ARG A 8 -15.36 3.25 2.56
N PRO A 9 -15.63 4.19 3.49
CA PRO A 9 -14.74 4.47 4.62
C PRO A 9 -14.67 3.31 5.60
N GLY A 10 -13.86 2.31 5.25
CA GLY A 10 -13.72 1.15 6.12
C GLY A 10 -12.28 0.70 6.25
N VAL A 11 -11.81 0.55 7.49
CA VAL A 11 -10.45 0.13 7.75
C VAL A 11 -10.39 -1.36 8.08
N PHE A 12 -9.18 -1.89 8.21
CA PHE A 12 -8.98 -3.30 8.52
C PHE A 12 -7.50 -3.64 8.62
N VAL A 13 -7.00 -3.72 9.84
CA VAL A 13 -5.59 -4.04 10.08
C VAL A 13 -4.67 -2.92 9.60
N ASP A 14 -4.57 -2.76 8.28
CA ASP A 14 -3.74 -1.72 7.70
C ASP A 14 -4.35 -1.18 6.41
N ARG A 15 -5.51 -0.55 6.53
CA ARG A 15 -6.21 0.01 5.38
C ARG A 15 -5.40 1.15 4.76
N LYS A 16 -4.64 1.86 5.59
CA LYS A 16 -3.82 2.98 5.12
C LYS A 16 -2.91 2.54 3.98
N LEU A 17 -2.48 1.29 4.02
CA LEU A 17 -1.60 0.75 2.98
C LEU A 17 -2.26 0.89 1.61
N LYS A 18 -3.53 0.51 1.53
CA LYS A 18 -4.28 0.58 0.28
C LYS A 18 -4.61 2.04 -0.07
N GLN A 19 -5.20 2.75 0.89
CA GLN A 19 -5.57 4.14 0.69
C GLN A 19 -4.36 4.99 0.28
N ARG A 20 -3.26 4.82 1.00
CA ARG A 20 -2.05 5.58 0.72
C ARG A 20 -1.48 5.21 -0.64
N VAL A 21 -1.54 3.91 -0.98
CA VAL A 21 -1.03 3.43 -2.26
C VAL A 21 -1.89 3.95 -3.41
N ILE A 22 -3.19 3.75 -3.32
CA ILE A 22 -4.10 4.20 -4.37
C ILE A 22 -3.92 5.68 -4.65
N GLN A 23 -3.71 6.46 -3.59
CA GLN A 23 -3.52 7.91 -3.73
C GLN A 23 -2.15 8.21 -4.35
N TYR A 24 -1.18 7.36 -4.07
CA TYR A 24 0.18 7.55 -4.59
C TYR A 24 0.24 7.25 -6.08
N LEU A 25 -0.45 6.22 -6.51
CA LEU A 25 -0.46 5.84 -7.93
C LEU A 25 -1.30 6.82 -8.74
N SER A 26 -2.49 7.13 -8.25
CA SER A 26 -3.38 8.05 -8.94
C SER A 26 -2.72 9.40 -9.16
N SER A 27 -2.13 9.95 -8.09
CA SER A 27 -1.45 11.24 -8.17
C SER A 27 -0.30 11.19 -9.16
N ASN A 28 0.33 10.02 -9.28
CA ASN A 28 1.45 9.84 -10.19
C ASN A 28 1.93 8.39 -10.18
N ARG A 29 2.78 8.04 -11.14
CA ARG A 29 3.31 6.70 -11.24
C ARG A 29 4.08 6.31 -9.98
N CYS A 30 4.78 7.28 -9.40
CA CYS A 30 5.54 7.06 -8.18
C CYS A 30 6.61 5.99 -8.41
N GLY A 31 7.10 5.90 -9.65
CA GLY A 31 8.10 4.91 -9.96
C GLY A 31 7.81 4.16 -11.25
N LYS A 32 8.86 3.75 -11.94
CA LYS A 32 8.71 3.02 -13.20
C LYS A 32 8.32 1.56 -12.94
N TYR A 33 7.03 1.26 -13.09
CA TYR A 33 6.54 -0.09 -12.88
C TYR A 33 6.79 -0.54 -11.44
N VAL A 34 6.36 0.27 -10.49
CA VAL A 34 6.54 -0.04 -9.07
C VAL A 34 5.88 -1.37 -8.72
N ASP A 35 6.71 -2.36 -8.40
CA ASP A 35 6.20 -3.69 -8.05
C ASP A 35 5.85 -3.74 -6.55
N THR A 36 5.38 -4.91 -6.11
CA THR A 36 5.02 -5.09 -4.71
C THR A 36 6.20 -4.83 -3.79
N GLY A 37 7.28 -5.57 -3.99
CA GLY A 37 8.47 -5.40 -3.17
C GLY A 37 9.05 -4.00 -3.29
N ILE A 38 8.89 -3.40 -4.46
CA ILE A 38 9.40 -2.05 -4.69
C ILE A 38 8.55 -1.01 -3.98
N LEU A 39 7.24 -1.21 -4.03
CA LEU A 39 6.31 -0.28 -3.38
C LEU A 39 6.48 -0.30 -1.87
N ALA A 40 6.58 -1.50 -1.30
CA ALA A 40 6.75 -1.66 0.14
C ALA A 40 7.99 -0.92 0.63
N SER A 41 9.06 -0.99 -0.16
CA SER A 41 10.32 -0.34 0.20
C SER A 41 10.16 1.18 0.18
N ASP A 42 9.48 1.69 -0.84
CA ASP A 42 9.26 3.13 -0.97
C ASP A 42 8.25 3.62 0.06
N LEU A 43 7.14 2.90 0.18
CA LEU A 43 6.09 3.26 1.14
C LEU A 43 6.66 3.35 2.56
N GLN A 44 7.57 2.44 2.90
CA GLN A 44 8.18 2.41 4.22
C GLN A 44 9.19 3.54 4.36
N ARG A 45 9.99 3.77 3.32
CA ARG A 45 11.01 4.81 3.35
C ARG A 45 10.39 6.18 3.61
N LEU A 46 9.32 6.50 2.87
CA LEU A 46 8.64 7.77 3.03
C LEU A 46 7.90 7.84 4.36
N TYR A 47 7.39 6.70 4.81
CA TYR A 47 6.67 6.63 6.08
C TYR A 47 7.42 5.77 7.09
N SER A 48 8.68 6.08 7.31
CA SER A 48 9.51 5.33 8.24
C SER A 48 8.99 5.51 9.68
N VAL A 49 8.65 6.74 10.03
CA VAL A 49 8.15 7.04 11.37
C VAL A 49 6.78 6.42 11.59
N ASP A 50 5.95 6.43 10.55
CA ASP A 50 4.60 5.87 10.63
C ASP A 50 4.65 4.35 10.53
N TYR A 51 5.45 3.85 9.60
CA TYR A 51 5.57 2.41 9.40
C TYR A 51 6.91 1.89 9.96
N GLY A 52 8.01 2.34 9.34
CA GLY A 52 9.32 1.91 9.79
C GLY A 52 9.71 0.55 9.23
N ARG A 53 9.47 -0.50 10.00
CA ARG A 53 9.79 -1.85 9.58
C ARG A 53 8.96 -2.87 10.33
N ARG A 54 9.31 -3.11 11.60
CA ARG A 54 8.59 -4.07 12.43
C ARG A 54 8.64 -5.48 11.82
N LYS A 55 7.76 -5.73 10.86
CA LYS A 55 7.71 -7.03 10.20
C LYS A 55 8.01 -6.90 8.71
N ARG A 56 9.22 -7.27 8.32
CA ARG A 56 9.64 -7.18 6.92
C ARG A 56 8.84 -8.15 6.06
N ASN A 57 8.61 -9.36 6.58
CA ASN A 57 7.87 -10.38 5.86
C ASN A 57 6.37 -10.05 5.82
N ALA A 58 5.82 -9.71 6.98
CA ALA A 58 4.40 -9.38 7.09
C ALA A 58 4.05 -8.17 6.22
N PHE A 59 4.85 -7.11 6.35
CA PHE A 59 4.62 -5.88 5.59
C PHE A 59 4.67 -6.17 4.09
N ARG A 60 5.63 -6.99 3.68
CA ARG A 60 5.78 -7.35 2.28
C ARG A 60 4.52 -8.00 1.74
N ILE A 61 3.95 -8.90 2.53
CA ILE A 61 2.73 -9.60 2.14
C ILE A 61 1.55 -8.64 2.08
N GLN A 62 1.54 -7.66 2.99
CA GLN A 62 0.48 -6.68 3.05
C GLN A 62 0.47 -5.81 1.79
N VAL A 63 1.66 -5.35 1.41
CA VAL A 63 1.80 -4.50 0.22
C VAL A 63 1.57 -5.33 -1.04
N GLU A 64 1.96 -6.60 -1.00
CA GLU A 64 1.78 -7.49 -2.14
C GLU A 64 0.31 -7.68 -2.43
N LYS A 65 -0.48 -7.90 -1.38
CA LYS A 65 -1.92 -8.10 -1.53
C LYS A 65 -2.61 -6.77 -1.82
N VAL A 66 -2.14 -5.71 -1.16
CA VAL A 66 -2.71 -4.38 -1.36
C VAL A 66 -2.49 -3.91 -2.78
N PHE A 67 -1.37 -4.32 -3.37
CA PHE A 67 -1.05 -3.93 -4.74
C PHE A 67 -1.96 -4.66 -5.73
N SER A 68 -2.22 -5.93 -5.45
CA SER A 68 -3.08 -6.74 -6.31
C SER A 68 -4.55 -6.39 -6.12
N ILE A 69 -4.91 -5.99 -4.90
CA ILE A 69 -6.29 -5.64 -4.60
C ILE A 69 -6.66 -4.27 -5.15
N ILE A 70 -5.76 -3.30 -5.00
CA ILE A 70 -6.00 -1.95 -5.49
C ILE A 70 -6.28 -1.94 -6.99
N SER A 71 -5.64 -2.84 -7.72
CA SER A 71 -5.82 -2.93 -9.15
C SER A 71 -7.20 -3.48 -9.50
N SER A 72 -7.55 -4.62 -8.89
CA SER A 72 -8.83 -5.26 -9.14
C SER A 72 -9.98 -4.52 -8.48
N GLU A 73 -9.78 -4.13 -7.22
CA GLU A 73 -10.82 -3.43 -6.47
C GLU A 73 -11.16 -2.07 -7.09
N LYS A 74 -10.14 -1.27 -7.38
CA LYS A 74 -10.36 0.04 -7.97
C LYS A 74 -10.45 -0.04 -9.50
N GLU A 75 -9.49 -0.72 -10.11
CA GLU A 75 -9.48 -0.87 -11.57
C GLU A 75 -9.37 0.49 -12.25
N LEU A 76 -8.85 0.49 -13.47
CA LEU A 76 -8.71 1.72 -14.24
C LEU A 76 -10.04 2.14 -14.86
N LYS A 77 -10.85 2.84 -14.08
CA LYS A 77 -12.17 3.31 -14.53
C LYS A 77 -12.90 2.23 -15.33
N ASN A 78 -13.09 1.07 -14.69
CA ASN A 78 -13.78 -0.05 -15.33
C ASN A 78 -15.24 -0.10 -14.91
N MET A 5 -18.36 17.35 12.36
CA MET A 5 -17.38 16.25 12.46
C MET A 5 -17.63 15.18 11.39
N LYS A 6 -16.88 14.09 11.46
CA LYS A 6 -17.02 13.01 10.49
C LYS A 6 -18.21 12.10 10.86
N PRO A 7 -18.98 11.67 9.86
CA PRO A 7 -20.14 10.79 10.08
C PRO A 7 -19.75 9.33 10.22
N ARG A 8 -18.84 9.05 11.15
CA ARG A 8 -18.37 7.69 11.38
C ARG A 8 -17.78 7.09 10.11
N PRO A 9 -16.48 7.32 9.85
CA PRO A 9 -15.79 6.80 8.66
C PRO A 9 -15.57 5.30 8.73
N GLY A 10 -14.75 4.78 7.84
CA GLY A 10 -14.47 3.36 7.80
C GLY A 10 -13.11 3.02 8.38
N VAL A 11 -12.20 2.59 7.52
CA VAL A 11 -10.85 2.24 7.94
C VAL A 11 -10.87 1.08 8.94
N PHE A 12 -10.32 -0.05 8.55
CA PHE A 12 -10.27 -1.23 9.42
C PHE A 12 -9.02 -1.23 10.27
N VAL A 13 -7.89 -1.57 9.67
CA VAL A 13 -6.61 -1.60 10.37
C VAL A 13 -5.46 -1.29 9.43
N ASP A 14 -5.35 -2.06 8.35
CA ASP A 14 -4.31 -1.86 7.36
C ASP A 14 -4.87 -1.25 6.08
N ARG A 15 -6.08 -0.70 6.18
CA ARG A 15 -6.73 -0.08 5.02
C ARG A 15 -5.89 1.08 4.48
N LYS A 16 -5.16 1.75 5.37
CA LYS A 16 -4.33 2.87 4.98
C LYS A 16 -3.36 2.48 3.86
N LEU A 17 -2.85 1.25 3.92
CA LEU A 17 -1.93 0.76 2.90
C LEU A 17 -2.56 0.86 1.51
N LYS A 18 -3.85 0.51 1.43
CA LYS A 18 -4.57 0.55 0.16
C LYS A 18 -4.90 1.99 -0.22
N GLN A 19 -5.42 2.75 0.75
CA GLN A 19 -5.79 4.14 0.52
C GLN A 19 -4.57 5.00 0.17
N ARG A 20 -3.50 4.83 0.94
CA ARG A 20 -2.28 5.59 0.70
C ARG A 20 -1.66 5.21 -0.64
N VAL A 21 -1.67 3.91 -0.94
CA VAL A 21 -1.10 3.41 -2.19
C VAL A 21 -1.91 3.92 -3.38
N ILE A 22 -3.22 3.70 -3.35
CA ILE A 22 -4.09 4.13 -4.44
C ILE A 22 -3.93 5.61 -4.74
N GLN A 23 -3.74 6.41 -3.68
CA GLN A 23 -3.56 7.84 -3.83
C GLN A 23 -2.19 8.17 -4.41
N TYR A 24 -1.21 7.31 -4.10
CA TYR A 24 0.15 7.50 -4.59
C TYR A 24 0.25 7.20 -6.08
N LEU A 25 -0.40 6.13 -6.51
CA LEU A 25 -0.38 5.74 -7.92
C LEU A 25 -1.23 6.68 -8.76
N SER A 26 -2.39 7.05 -8.22
CA SER A 26 -3.30 7.95 -8.93
C SER A 26 -2.69 9.34 -9.09
N SER A 27 -2.15 9.87 -8.00
CA SER A 27 -1.53 11.20 -8.02
C SER A 27 -0.26 11.19 -8.86
N ASN A 28 0.54 10.14 -8.70
CA ASN A 28 1.79 10.02 -9.44
C ASN A 28 2.08 8.56 -9.78
N ARG A 29 3.01 8.33 -10.70
CA ARG A 29 3.38 7.00 -11.11
C ARG A 29 4.16 6.28 -10.02
N CYS A 30 4.83 7.06 -9.16
CA CYS A 30 5.61 6.50 -8.07
C CYS A 30 6.78 5.68 -8.59
N GLY A 31 7.39 6.14 -9.67
CA GLY A 31 8.52 5.44 -10.25
C GLY A 31 8.15 4.66 -11.50
N LYS A 32 6.85 4.53 -11.75
CA LYS A 32 6.36 3.80 -12.92
C LYS A 32 6.62 2.30 -12.78
N TYR A 33 7.90 1.93 -12.77
CA TYR A 33 8.28 0.52 -12.64
C TYR A 33 8.35 0.12 -11.17
N VAL A 34 7.21 0.13 -10.50
CA VAL A 34 7.14 -0.23 -9.09
C VAL A 34 6.25 -1.45 -8.88
N ASP A 35 6.87 -2.59 -8.57
CA ASP A 35 6.13 -3.83 -8.34
C ASP A 35 5.70 -3.95 -6.88
N THR A 36 5.24 -5.14 -6.50
CA THR A 36 4.80 -5.37 -5.13
C THR A 36 5.95 -5.18 -4.15
N GLY A 37 7.05 -5.86 -4.39
CA GLY A 37 8.22 -5.75 -3.52
C GLY A 37 8.84 -4.37 -3.55
N ILE A 38 8.78 -3.72 -4.71
CA ILE A 38 9.35 -2.39 -4.88
C ILE A 38 8.49 -1.34 -4.17
N LEU A 39 7.18 -1.42 -4.37
CA LEU A 39 6.26 -0.48 -3.74
C LEU A 39 6.37 -0.54 -2.22
N ALA A 40 6.45 -1.75 -1.69
CA ALA A 40 6.56 -1.95 -0.24
C ALA A 40 7.79 -1.25 0.31
N SER A 41 8.91 -1.37 -0.41
CA SER A 41 10.17 -0.75 0.01
C SER A 41 10.06 0.77 -0.03
N ASP A 42 9.42 1.29 -1.06
CA ASP A 42 9.24 2.73 -1.22
C ASP A 42 8.30 3.28 -0.16
N LEU A 43 7.16 2.63 0.01
CA LEU A 43 6.17 3.06 0.99
C LEU A 43 6.77 3.07 2.40
N GLN A 44 7.67 2.13 2.66
CA GLN A 44 8.32 2.02 3.96
C GLN A 44 9.35 3.13 4.14
N ARG A 45 10.05 3.47 3.07
CA ARG A 45 11.07 4.50 3.12
C ARG A 45 10.45 5.86 3.44
N LEU A 46 9.37 6.19 2.74
CA LEU A 46 8.68 7.46 2.95
C LEU A 46 8.00 7.49 4.32
N TYR A 47 7.54 6.33 4.78
CA TYR A 47 6.88 6.21 6.07
C TYR A 47 7.63 5.26 6.98
N SER A 48 8.95 5.43 7.06
CA SER A 48 9.78 4.59 7.89
C SER A 48 9.47 4.79 9.37
N VAL A 49 9.17 6.03 9.74
CA VAL A 49 8.84 6.35 11.12
C VAL A 49 7.43 5.90 11.48
N ASP A 50 6.55 5.90 10.50
CA ASP A 50 5.17 5.48 10.71
C ASP A 50 5.00 4.00 10.43
N TYR A 51 5.12 3.61 9.17
CA TYR A 51 4.98 2.22 8.77
C TYR A 51 6.16 1.39 9.23
N GLY A 52 7.36 1.92 9.02
CA GLY A 52 8.57 1.21 9.41
C GLY A 52 8.58 0.85 10.89
N ARG A 53 8.46 -0.45 11.17
CA ARG A 53 8.45 -0.93 12.55
C ARG A 53 9.58 -1.91 12.79
N ARG A 54 9.46 -3.09 12.19
CA ARG A 54 10.49 -4.13 12.34
C ARG A 54 10.16 -5.36 11.49
N LYS A 55 8.87 -5.64 11.34
CA LYS A 55 8.43 -6.79 10.56
C LYS A 55 8.37 -6.46 9.07
N ARG A 56 9.50 -6.61 8.39
CA ARG A 56 9.58 -6.32 6.97
C ARG A 56 8.76 -7.32 6.16
N ASN A 57 8.92 -8.61 6.47
CA ASN A 57 8.19 -9.66 5.78
C ASN A 57 6.68 -9.43 5.85
N ALA A 58 6.18 -9.15 7.05
CA ALA A 58 4.75 -8.91 7.24
C ALA A 58 4.29 -7.70 6.44
N PHE A 59 5.02 -6.60 6.57
CA PHE A 59 4.68 -5.37 5.86
C PHE A 59 4.73 -5.60 4.36
N ARG A 60 5.68 -6.43 3.92
CA ARG A 60 5.82 -6.73 2.50
C ARG A 60 4.58 -7.43 1.97
N ILE A 61 4.07 -8.40 2.73
CA ILE A 61 2.88 -9.14 2.33
C ILE A 61 1.68 -8.21 2.23
N GLN A 62 1.60 -7.25 3.15
CA GLN A 62 0.50 -6.29 3.16
C GLN A 62 0.47 -5.49 1.86
N VAL A 63 1.64 -5.01 1.45
CA VAL A 63 1.76 -4.23 0.23
C VAL A 63 1.51 -5.10 -0.99
N GLU A 64 1.95 -6.36 -0.92
CA GLU A 64 1.78 -7.30 -2.01
C GLU A 64 0.30 -7.55 -2.28
N LYS A 65 -0.46 -7.83 -1.21
CA LYS A 65 -1.88 -8.08 -1.33
C LYS A 65 -2.63 -6.80 -1.65
N VAL A 66 -2.17 -5.69 -1.08
CA VAL A 66 -2.80 -4.40 -1.31
C VAL A 66 -2.56 -3.93 -2.75
N PHE A 67 -1.41 -4.30 -3.31
CA PHE A 67 -1.08 -3.92 -4.68
C PHE A 67 -1.95 -4.67 -5.67
N SER A 68 -2.20 -5.94 -5.40
CA SER A 68 -3.03 -6.77 -6.28
C SER A 68 -4.52 -6.42 -6.14
N ILE A 69 -4.91 -6.03 -4.93
CA ILE A 69 -6.31 -5.69 -4.66
C ILE A 69 -6.67 -4.31 -5.21
N ILE A 70 -5.78 -3.34 -5.03
CA ILE A 70 -6.02 -1.99 -5.50
C ILE A 70 -6.27 -1.96 -7.01
N SER A 71 -5.60 -2.86 -7.73
CA SER A 71 -5.76 -2.92 -9.18
C SER A 71 -7.13 -3.46 -9.56
N SER A 72 -7.51 -4.60 -8.99
CA SER A 72 -8.79 -5.21 -9.28
C SER A 72 -9.93 -4.46 -8.61
N GLU A 73 -9.78 -4.19 -7.31
CA GLU A 73 -10.80 -3.49 -6.54
C GLU A 73 -11.09 -2.11 -7.14
N LYS A 74 -10.04 -1.35 -7.40
CA LYS A 74 -10.19 -0.01 -7.96
C LYS A 74 -10.30 -0.05 -9.48
N GLU A 75 -9.30 -0.66 -10.12
CA GLU A 75 -9.28 -0.76 -11.58
C GLU A 75 -9.18 0.62 -12.22
N LEU A 76 -8.31 1.46 -11.67
CA LEU A 76 -8.11 2.82 -12.18
C LEU A 76 -9.39 3.63 -12.03
N LYS A 77 -9.26 4.83 -11.44
CA LYS A 77 -10.40 5.71 -11.22
C LYS A 77 -10.62 6.60 -12.44
N ASN A 78 -11.34 6.08 -13.44
CA ASN A 78 -11.62 6.83 -14.65
C ASN A 78 -12.83 7.74 -14.46
N MET A 5 -20.21 9.98 19.38
CA MET A 5 -18.86 10.59 19.27
C MET A 5 -17.76 9.54 19.42
N LYS A 6 -16.95 9.41 18.38
CA LYS A 6 -15.86 8.44 18.39
C LYS A 6 -14.50 9.14 18.42
N PRO A 7 -13.47 8.47 18.96
CA PRO A 7 -12.12 9.03 19.05
C PRO A 7 -11.48 9.22 17.68
N ARG A 8 -10.16 9.43 17.66
CA ARG A 8 -9.43 9.63 16.42
C ARG A 8 -9.69 8.48 15.44
N PRO A 9 -9.49 8.72 14.14
CA PRO A 9 -9.71 7.70 13.10
C PRO A 9 -8.99 6.39 13.41
N GLY A 10 -9.49 5.30 12.85
CA GLY A 10 -8.88 4.00 13.08
C GLY A 10 -8.90 3.13 11.84
N VAL A 11 -7.71 2.88 11.27
CA VAL A 11 -7.60 2.06 10.08
C VAL A 11 -8.10 0.65 10.34
N PHE A 12 -8.43 -0.07 9.27
CA PHE A 12 -8.93 -1.43 9.37
C PHE A 12 -7.79 -2.43 9.24
N VAL A 13 -7.08 -2.67 10.33
CA VAL A 13 -5.96 -3.61 10.34
C VAL A 13 -4.79 -3.07 9.52
N ASP A 14 -4.98 -3.00 8.21
CA ASP A 14 -3.94 -2.51 7.31
C ASP A 14 -4.55 -1.80 6.10
N ARG A 15 -5.73 -1.22 6.30
CA ARG A 15 -6.43 -0.52 5.22
C ARG A 15 -5.59 0.65 4.73
N LYS A 16 -4.80 1.25 5.62
CA LYS A 16 -3.96 2.38 5.27
C LYS A 16 -3.05 2.05 4.09
N LEU A 17 -2.56 0.82 4.06
CA LEU A 17 -1.68 0.38 2.97
C LEU A 17 -2.35 0.57 1.62
N LYS A 18 -3.62 0.21 1.54
CA LYS A 18 -4.38 0.35 0.30
C LYS A 18 -4.72 1.81 0.03
N GLN A 19 -5.21 2.49 1.05
CA GLN A 19 -5.59 3.90 0.93
C GLN A 19 -4.38 4.77 0.60
N ARG A 20 -3.31 4.62 1.36
CA ARG A 20 -2.10 5.40 1.14
C ARG A 20 -1.50 5.09 -0.22
N VAL A 21 -1.49 3.82 -0.59
CA VAL A 21 -0.96 3.40 -1.88
C VAL A 21 -1.76 3.98 -3.03
N ILE A 22 -3.08 3.77 -3.00
CA ILE A 22 -3.96 4.29 -4.05
C ILE A 22 -3.79 5.79 -4.23
N GLN A 23 -3.55 6.49 -3.12
CA GLN A 23 -3.37 7.94 -3.15
C GLN A 23 -2.03 8.30 -3.77
N TYR A 24 -1.04 7.44 -3.57
CA TYR A 24 0.30 7.67 -4.11
C TYR A 24 0.34 7.41 -5.61
N LEU A 25 -0.34 6.36 -6.05
CA LEU A 25 -0.38 6.01 -7.46
C LEU A 25 -1.25 6.99 -8.25
N SER A 26 -2.38 7.37 -7.66
CA SER A 26 -3.30 8.30 -8.30
C SER A 26 -2.67 9.68 -8.44
N SER A 27 -2.11 10.19 -7.36
CA SER A 27 -1.47 11.50 -7.35
C SER A 27 -0.21 11.50 -8.22
N ASN A 28 0.58 10.44 -8.10
CA ASN A 28 1.81 10.31 -8.87
C ASN A 28 2.03 8.88 -9.33
N ARG A 29 2.87 8.70 -10.34
CA ARG A 29 3.16 7.38 -10.88
C ARG A 29 4.01 6.57 -9.89
N CYS A 30 4.85 7.27 -9.13
CA CYS A 30 5.73 6.64 -8.14
C CYS A 30 6.32 5.33 -8.67
N GLY A 31 6.82 5.37 -9.90
CA GLY A 31 7.41 4.20 -10.50
C GLY A 31 6.51 3.58 -11.56
N LYS A 32 6.86 3.81 -12.82
CA LYS A 32 6.09 3.27 -13.93
C LYS A 32 6.02 1.74 -13.87
N TYR A 33 7.07 1.14 -13.33
CA TYR A 33 7.13 -0.31 -13.21
C TYR A 33 7.33 -0.73 -11.76
N VAL A 34 6.80 0.06 -10.84
CA VAL A 34 6.92 -0.23 -9.42
C VAL A 34 6.18 -1.52 -9.06
N ASP A 35 6.96 -2.57 -8.78
CA ASP A 35 6.38 -3.87 -8.43
C ASP A 35 6.02 -3.91 -6.94
N THR A 36 5.61 -5.08 -6.48
CA THR A 36 5.23 -5.27 -5.09
C THR A 36 6.40 -4.94 -4.16
N GLY A 37 7.54 -5.58 -4.40
CA GLY A 37 8.71 -5.34 -3.58
C GLY A 37 9.22 -3.92 -3.70
N ILE A 38 9.13 -3.35 -4.89
CA ILE A 38 9.58 -1.99 -5.14
C ILE A 38 8.71 -0.98 -4.40
N LEU A 39 7.39 -1.21 -4.44
CA LEU A 39 6.45 -0.32 -3.77
C LEU A 39 6.61 -0.39 -2.26
N ALA A 40 6.78 -1.61 -1.74
CA ALA A 40 6.95 -1.81 -0.31
C ALA A 40 8.16 -1.06 0.22
N SER A 41 9.29 -1.21 -0.46
CA SER A 41 10.52 -0.54 -0.06
C SER A 41 10.37 0.97 -0.16
N ASP A 42 9.65 1.43 -1.18
CA ASP A 42 9.43 2.86 -1.38
C ASP A 42 8.46 3.41 -0.34
N LEU A 43 7.37 2.69 -0.12
CA LEU A 43 6.36 3.11 0.86
C LEU A 43 6.97 3.23 2.25
N GLN A 44 7.86 2.30 2.58
CA GLN A 44 8.51 2.30 3.89
C GLN A 44 9.56 3.40 3.96
N ARG A 45 10.26 3.62 2.85
CA ARG A 45 11.30 4.64 2.80
C ARG A 45 10.72 6.03 3.06
N LEU A 46 9.62 6.35 2.38
CA LEU A 46 8.98 7.64 2.54
C LEU A 46 8.29 7.75 3.91
N TYR A 47 7.77 6.63 4.39
CA TYR A 47 7.09 6.59 5.68
C TYR A 47 7.83 5.66 6.64
N SER A 48 9.14 5.85 6.76
CA SER A 48 9.94 5.03 7.65
C SER A 48 9.56 5.26 9.11
N VAL A 49 9.13 6.48 9.42
CA VAL A 49 8.73 6.82 10.78
C VAL A 49 7.36 6.24 11.12
N ASP A 50 6.48 6.22 10.13
CA ASP A 50 5.13 5.70 10.32
C ASP A 50 5.07 4.20 9.98
N TYR A 51 5.27 3.89 8.70
CA TYR A 51 5.24 2.51 8.24
C TYR A 51 6.42 1.72 8.81
N GLY A 52 7.62 2.28 8.67
CA GLY A 52 8.80 1.62 9.17
C GLY A 52 8.80 1.47 10.68
N ARG A 53 8.39 0.30 11.15
CA ARG A 53 8.33 0.02 12.58
C ARG A 53 8.66 -1.44 12.87
N ARG A 54 7.76 -2.32 12.49
CA ARG A 54 7.96 -3.76 12.71
C ARG A 54 7.24 -4.57 11.64
N LYS A 55 7.26 -5.89 11.79
CA LYS A 55 6.59 -6.78 10.84
C LYS A 55 7.18 -6.61 9.45
N ARG A 56 8.44 -7.01 9.28
CA ARG A 56 9.11 -6.89 7.98
C ARG A 56 8.48 -7.82 6.96
N ASN A 57 8.33 -9.10 7.33
CA ASN A 57 7.75 -10.09 6.44
C ASN A 57 6.27 -9.81 6.21
N ALA A 58 5.54 -9.57 7.30
CA ALA A 58 4.11 -9.29 7.21
C ALA A 58 3.85 -8.04 6.37
N PHE A 59 4.65 -7.00 6.59
CA PHE A 59 4.51 -5.75 5.86
C PHE A 59 4.65 -5.99 4.36
N ARG A 60 5.62 -6.84 3.99
CA ARG A 60 5.87 -7.14 2.59
C ARG A 60 4.64 -7.81 1.96
N ILE A 61 4.05 -8.76 2.69
CA ILE A 61 2.88 -9.48 2.21
C ILE A 61 1.72 -8.52 1.97
N GLN A 62 1.52 -7.60 2.91
CA GLN A 62 0.44 -6.62 2.80
C GLN A 62 0.60 -5.77 1.53
N VAL A 63 1.82 -5.31 1.30
CA VAL A 63 2.10 -4.49 0.13
C VAL A 63 1.92 -5.30 -1.15
N GLU A 64 2.25 -6.58 -1.08
CA GLU A 64 2.12 -7.47 -2.24
C GLU A 64 0.65 -7.66 -2.60
N LYS A 65 -0.18 -7.93 -1.60
CA LYS A 65 -1.60 -8.13 -1.81
C LYS A 65 -2.31 -6.81 -2.08
N VAL A 66 -1.93 -5.78 -1.34
CA VAL A 66 -2.53 -4.45 -1.50
C VAL A 66 -2.28 -3.92 -2.91
N PHE A 67 -1.15 -4.29 -3.49
CA PHE A 67 -0.80 -3.84 -4.84
C PHE A 67 -1.69 -4.51 -5.88
N SER A 68 -1.92 -5.81 -5.70
CA SER A 68 -2.76 -6.57 -6.62
C SER A 68 -4.24 -6.26 -6.43
N ILE A 69 -4.62 -5.94 -5.20
CA ILE A 69 -6.02 -5.64 -4.89
C ILE A 69 -6.41 -4.25 -5.36
N ILE A 70 -5.56 -3.26 -5.09
CA ILE A 70 -5.84 -1.88 -5.50
C ILE A 70 -6.16 -1.79 -7.00
N SER A 71 -5.50 -2.64 -7.78
CA SER A 71 -5.71 -2.65 -9.23
C SER A 71 -7.08 -3.24 -9.57
N SER A 72 -7.36 -4.41 -9.02
CA SER A 72 -8.62 -5.10 -9.29
C SER A 72 -9.80 -4.43 -8.58
N GLU A 73 -9.65 -4.18 -7.27
CA GLU A 73 -10.71 -3.58 -6.48
C GLU A 73 -11.09 -2.19 -7.02
N LYS A 74 -10.10 -1.35 -7.24
CA LYS A 74 -10.35 0.00 -7.75
C LYS A 74 -10.43 0.01 -9.27
N GLU A 75 -9.39 -0.50 -9.93
CA GLU A 75 -9.35 -0.54 -11.38
C GLU A 75 -9.42 0.86 -11.97
N LEU A 76 -8.93 1.01 -13.20
CA LEU A 76 -8.94 2.30 -13.88
C LEU A 76 -10.24 2.51 -14.65
N LYS A 77 -10.67 3.76 -14.72
CA LYS A 77 -11.92 4.09 -15.42
C LYS A 77 -13.10 3.35 -14.83
N ASN A 78 -14.30 3.70 -15.29
CA ASN A 78 -15.52 3.07 -14.80
C ASN A 78 -15.60 1.62 -15.25
N MET A 5 -2.90 1.42 20.83
CA MET A 5 -3.50 2.79 20.93
C MET A 5 -5.02 2.73 20.87
N LYS A 6 -5.65 3.89 20.97
CA LYS A 6 -7.12 3.96 20.93
C LYS A 6 -7.61 4.01 19.49
N PRO A 7 -8.79 3.41 19.23
CA PRO A 7 -9.38 3.39 17.88
C PRO A 7 -9.95 4.75 17.48
N ARG A 8 -9.10 5.76 17.43
CA ARG A 8 -9.54 7.11 17.06
C ARG A 8 -9.48 7.29 15.54
N PRO A 9 -8.33 7.00 14.92
CA PRO A 9 -8.16 7.14 13.47
C PRO A 9 -9.11 6.25 12.68
N GLY A 10 -9.03 4.94 12.91
CA GLY A 10 -9.88 4.00 12.22
C GLY A 10 -9.12 3.07 11.31
N VAL A 11 -8.12 2.39 11.88
CA VAL A 11 -7.30 1.47 11.12
C VAL A 11 -7.87 0.05 11.15
N PHE A 12 -7.46 -0.78 10.20
CA PHE A 12 -7.94 -2.16 10.13
C PHE A 12 -6.87 -3.07 9.53
N VAL A 13 -6.06 -3.67 10.39
CA VAL A 13 -5.00 -4.57 9.94
C VAL A 13 -3.90 -3.80 9.21
N ASP A 14 -4.22 -3.26 8.04
CA ASP A 14 -3.26 -2.51 7.26
C ASP A 14 -3.96 -1.80 6.08
N ARG A 15 -5.13 -1.25 6.35
CA ARG A 15 -5.90 -0.55 5.32
C ARG A 15 -5.11 0.64 4.77
N LYS A 16 -4.29 1.25 5.63
CA LYS A 16 -3.49 2.40 5.22
C LYS A 16 -2.64 2.08 3.99
N LEU A 17 -2.18 0.84 3.90
CA LEU A 17 -1.36 0.42 2.77
C LEU A 17 -2.10 0.64 1.45
N LYS A 18 -3.39 0.34 1.45
CA LYS A 18 -4.21 0.51 0.26
C LYS A 18 -4.51 1.99 0.01
N GLN A 19 -4.99 2.67 1.05
CA GLN A 19 -5.32 4.08 0.96
C GLN A 19 -4.09 4.91 0.56
N ARG A 20 -2.99 4.69 1.26
CA ARG A 20 -1.76 5.42 0.97
C ARG A 20 -1.26 5.12 -0.43
N VAL A 21 -1.33 3.85 -0.82
CA VAL A 21 -0.89 3.44 -2.15
C VAL A 21 -1.77 4.06 -3.24
N ILE A 22 -3.08 3.88 -3.12
CA ILE A 22 -4.01 4.42 -4.11
C ILE A 22 -3.83 5.93 -4.27
N GLN A 23 -3.49 6.60 -3.18
CA GLN A 23 -3.29 8.04 -3.21
C GLN A 23 -1.98 8.39 -3.93
N TYR A 24 -0.98 7.52 -3.78
CA TYR A 24 0.31 7.73 -4.41
C TYR A 24 0.26 7.44 -5.91
N LEU A 25 -0.46 6.40 -6.28
CA LEU A 25 -0.59 6.02 -7.69
C LEU A 25 -1.43 7.04 -8.45
N SER A 26 -2.59 7.38 -7.87
CA SER A 26 -3.50 8.34 -8.50
C SER A 26 -2.83 9.71 -8.64
N SER A 27 -2.18 10.16 -7.56
CA SER A 27 -1.51 11.45 -7.56
C SER A 27 -0.35 11.45 -8.55
N ASN A 28 0.29 10.31 -8.72
CA ASN A 28 1.41 10.19 -9.64
C ASN A 28 1.75 8.72 -9.89
N ARG A 29 2.47 8.47 -10.98
CA ARG A 29 2.87 7.10 -11.33
C ARG A 29 3.83 6.53 -10.30
N CYS A 30 4.73 7.38 -9.79
CA CYS A 30 5.70 6.95 -8.80
C CYS A 30 6.59 5.85 -9.35
N GLY A 31 7.60 6.23 -10.12
CA GLY A 31 8.51 5.26 -10.70
C GLY A 31 8.09 4.81 -12.08
N LYS A 32 8.26 3.54 -12.38
CA LYS A 32 7.90 2.99 -13.67
C LYS A 32 7.24 1.61 -13.52
N TYR A 33 8.04 0.62 -13.14
CA TYR A 33 7.53 -0.74 -12.96
C TYR A 33 7.60 -1.15 -11.49
N VAL A 34 7.15 -0.26 -10.61
CA VAL A 34 7.16 -0.52 -9.18
C VAL A 34 6.35 -1.78 -8.85
N ASP A 35 7.04 -2.83 -8.41
CA ASP A 35 6.39 -4.08 -8.07
C ASP A 35 5.92 -4.07 -6.61
N THR A 36 5.36 -5.19 -6.17
CA THR A 36 4.87 -5.31 -4.81
C THR A 36 6.00 -5.09 -3.80
N GLY A 37 7.06 -5.88 -3.90
CA GLY A 37 8.19 -5.76 -3.00
C GLY A 37 8.85 -4.39 -3.10
N ILE A 38 8.91 -3.85 -4.31
CA ILE A 38 9.52 -2.55 -4.54
C ILE A 38 8.70 -1.44 -3.88
N LEU A 39 7.38 -1.55 -3.98
CA LEU A 39 6.49 -0.56 -3.39
C LEU A 39 6.56 -0.59 -1.87
N ALA A 40 6.65 -1.80 -1.31
CA ALA A 40 6.73 -1.97 0.14
C ALA A 40 7.91 -1.21 0.73
N SER A 41 9.07 -1.37 0.09
CA SER A 41 10.29 -0.70 0.55
C SER A 41 10.18 0.81 0.38
N ASP A 42 9.59 1.24 -0.74
CA ASP A 42 9.44 2.67 -1.02
C ASP A 42 8.44 3.30 -0.06
N LEU A 43 7.29 2.66 0.10
CA LEU A 43 6.25 3.17 1.00
C LEU A 43 6.77 3.31 2.42
N GLN A 44 7.59 2.35 2.84
CA GLN A 44 8.16 2.36 4.19
C GLN A 44 9.24 3.42 4.32
N ARG A 45 10.04 3.58 3.27
CA ARG A 45 11.13 4.56 3.26
C ARG A 45 10.59 5.98 3.41
N LEU A 46 9.57 6.30 2.61
CA LEU A 46 8.97 7.63 2.65
C LEU A 46 8.15 7.83 3.92
N TYR A 47 7.51 6.75 4.39
CA TYR A 47 6.71 6.81 5.60
C TYR A 47 7.32 5.96 6.71
N SER A 48 8.64 6.06 6.86
CA SER A 48 9.34 5.30 7.89
C SER A 48 8.84 5.68 9.28
N VAL A 49 8.60 6.96 9.49
CA VAL A 49 8.12 7.45 10.77
C VAL A 49 6.64 7.08 10.98
N ASP A 50 5.84 7.25 9.93
CA ASP A 50 4.43 6.93 10.00
C ASP A 50 4.20 5.43 10.18
N TYR A 51 4.99 4.63 9.47
CA TYR A 51 4.88 3.19 9.55
C TYR A 51 5.94 2.61 10.50
N GLY A 52 7.16 2.47 10.00
CA GLY A 52 8.24 1.93 10.81
C GLY A 52 7.84 0.68 11.57
N ARG A 53 8.00 -0.47 10.92
CA ARG A 53 7.66 -1.75 11.54
C ARG A 53 8.71 -2.80 11.25
N ARG A 54 9.06 -3.57 12.28
CA ARG A 54 10.06 -4.62 12.14
C ARG A 54 9.58 -5.72 11.19
N LYS A 55 8.26 -5.84 11.05
CA LYS A 55 7.68 -6.85 10.17
C LYS A 55 8.07 -6.61 8.71
N ARG A 56 9.29 -7.02 8.36
CA ARG A 56 9.79 -6.84 7.00
C ARG A 56 9.00 -7.71 6.02
N ASN A 57 8.91 -9.00 6.33
CA ASN A 57 8.20 -9.95 5.48
C ASN A 57 6.69 -9.70 5.54
N ALA A 58 6.17 -9.57 6.76
CA ALA A 58 4.74 -9.33 6.95
C ALA A 58 4.28 -8.09 6.19
N PHE A 59 5.02 -7.00 6.33
CA PHE A 59 4.69 -5.75 5.66
C PHE A 59 4.68 -5.94 4.14
N ARG A 60 5.63 -6.72 3.64
CA ARG A 60 5.74 -6.98 2.21
C ARG A 60 4.50 -7.70 1.71
N ILE A 61 4.04 -8.70 2.45
CA ILE A 61 2.87 -9.46 2.08
C ILE A 61 1.65 -8.55 1.99
N GLN A 62 1.53 -7.62 2.93
CA GLN A 62 0.41 -6.69 2.96
C GLN A 62 0.38 -5.85 1.68
N VAL A 63 1.55 -5.34 1.30
CA VAL A 63 1.66 -4.53 0.09
C VAL A 63 1.38 -5.36 -1.15
N GLU A 64 1.79 -6.63 -1.11
CA GLU A 64 1.57 -7.53 -2.24
C GLU A 64 0.09 -7.68 -2.53
N LYS A 65 -0.69 -7.95 -1.48
CA LYS A 65 -2.14 -8.11 -1.62
C LYS A 65 -2.81 -6.77 -1.88
N VAL A 66 -2.22 -5.71 -1.32
CA VAL A 66 -2.75 -4.36 -1.49
C VAL A 66 -2.54 -3.87 -2.92
N PHE A 67 -1.47 -4.33 -3.54
CA PHE A 67 -1.16 -3.92 -4.91
C PHE A 67 -2.14 -4.57 -5.90
N SER A 68 -2.43 -5.85 -5.66
CA SER A 68 -3.34 -6.59 -6.52
C SER A 68 -4.79 -6.19 -6.27
N ILE A 69 -5.10 -5.82 -5.03
CA ILE A 69 -6.45 -5.44 -4.67
C ILE A 69 -6.80 -4.03 -5.16
N ILE A 70 -5.86 -3.11 -5.03
CA ILE A 70 -6.09 -1.73 -5.47
C ILE A 70 -6.45 -1.68 -6.95
N SER A 71 -5.86 -2.58 -7.73
CA SER A 71 -6.12 -2.62 -9.17
C SER A 71 -7.48 -3.23 -9.47
N SER A 72 -7.78 -4.37 -8.86
CA SER A 72 -9.05 -5.04 -9.08
C SER A 72 -10.20 -4.33 -8.39
N GLU A 73 -9.95 -3.83 -7.18
CA GLU A 73 -10.97 -3.14 -6.41
C GLU A 73 -11.23 -1.73 -6.95
N LYS A 74 -10.16 -0.97 -7.17
CA LYS A 74 -10.29 0.39 -7.68
C LYS A 74 -10.39 0.42 -9.20
N GLU A 75 -9.50 -0.31 -9.87
CA GLU A 75 -9.50 -0.36 -11.33
C GLU A 75 -9.15 1.00 -11.91
N LEU A 76 -7.87 1.37 -11.81
CA LEU A 76 -7.39 2.65 -12.33
C LEU A 76 -6.62 2.46 -13.63
N LYS A 77 -5.94 3.51 -14.08
CA LYS A 77 -5.16 3.45 -15.31
C LYS A 77 -4.20 4.63 -15.40
N ASN A 78 -4.69 5.82 -15.08
CA ASN A 78 -3.87 7.02 -15.12
C ASN A 78 -2.85 7.02 -13.99
N MET A 5 -23.74 -0.43 16.99
CA MET A 5 -22.30 -0.79 16.94
C MET A 5 -21.99 -1.73 15.78
N LYS A 6 -21.15 -1.27 14.85
CA LYS A 6 -20.79 -2.07 13.69
C LYS A 6 -19.90 -3.24 14.10
N PRO A 7 -19.99 -4.38 13.38
CA PRO A 7 -19.19 -5.57 13.68
C PRO A 7 -17.77 -5.47 13.17
N ARG A 8 -17.43 -4.34 12.54
CA ARG A 8 -16.09 -4.12 12.01
C ARG A 8 -15.05 -4.16 13.13
N PRO A 9 -13.93 -4.88 12.93
CA PRO A 9 -12.87 -4.99 13.93
C PRO A 9 -12.02 -3.72 14.01
N GLY A 10 -11.67 -3.18 12.85
CA GLY A 10 -10.87 -1.98 12.81
C GLY A 10 -9.76 -2.05 11.78
N VAL A 11 -8.56 -2.43 12.21
CA VAL A 11 -7.43 -2.54 11.31
C VAL A 11 -7.04 -1.18 10.73
N PHE A 12 -5.76 -0.86 10.77
CA PHE A 12 -5.27 0.42 10.27
C PHE A 12 -3.98 0.22 9.45
N VAL A 13 -3.00 -0.45 10.06
CA VAL A 13 -1.73 -0.71 9.40
C VAL A 13 -1.92 -1.43 8.08
N ASP A 14 -3.00 -2.20 7.98
CA ASP A 14 -3.29 -2.95 6.76
C ASP A 14 -4.10 -2.10 5.79
N ARG A 15 -5.12 -1.42 6.29
CA ARG A 15 -5.97 -0.58 5.46
C ARG A 15 -5.21 0.62 4.94
N LYS A 16 -4.37 1.21 5.79
CA LYS A 16 -3.58 2.37 5.40
C LYS A 16 -2.74 2.06 4.16
N LEU A 17 -2.25 0.84 4.07
CA LEU A 17 -1.43 0.42 2.94
C LEU A 17 -2.17 0.64 1.62
N LYS A 18 -3.46 0.30 1.61
CA LYS A 18 -4.28 0.46 0.42
C LYS A 18 -4.60 1.92 0.17
N GLN A 19 -5.12 2.60 1.18
CA GLN A 19 -5.47 4.01 1.07
C GLN A 19 -4.26 4.86 0.71
N ARG A 20 -3.16 4.65 1.41
CA ARG A 20 -1.94 5.42 1.15
C ARG A 20 -1.39 5.12 -0.24
N VAL A 21 -1.45 3.86 -0.64
CA VAL A 21 -0.97 3.44 -1.95
C VAL A 21 -1.84 4.00 -3.06
N ILE A 22 -3.15 3.78 -2.98
CA ILE A 22 -4.08 4.27 -3.99
C ILE A 22 -3.92 5.77 -4.20
N GLN A 23 -3.70 6.50 -3.11
CA GLN A 23 -3.52 7.95 -3.17
C GLN A 23 -2.17 8.31 -3.79
N TYR A 24 -1.18 7.46 -3.56
CA TYR A 24 0.17 7.69 -4.09
C TYR A 24 0.23 7.44 -5.59
N LEU A 25 -0.47 6.41 -6.06
CA LEU A 25 -0.48 6.07 -7.47
C LEU A 25 -1.29 7.10 -8.26
N SER A 26 -2.49 7.40 -7.78
CA SER A 26 -3.37 8.36 -8.44
C SER A 26 -2.68 9.72 -8.58
N SER A 27 -1.92 10.11 -7.55
CA SER A 27 -1.21 11.38 -7.56
C SER A 27 -0.02 11.33 -8.50
N ASN A 28 0.60 10.16 -8.61
CA ASN A 28 1.76 9.98 -9.48
C ASN A 28 2.08 8.50 -9.66
N ARG A 29 2.67 8.16 -10.80
CA ARG A 29 3.03 6.78 -11.08
C ARG A 29 3.99 6.23 -10.03
N CYS A 30 4.93 7.07 -9.60
CA CYS A 30 5.91 6.67 -8.60
C CYS A 30 6.72 5.48 -9.07
N GLY A 31 7.60 5.71 -10.04
CA GLY A 31 8.43 4.64 -10.57
C GLY A 31 7.98 4.18 -11.94
N LYS A 32 8.93 3.86 -12.80
CA LYS A 32 8.62 3.40 -14.15
C LYS A 32 7.87 2.06 -14.11
N TYR A 33 8.19 1.24 -13.11
CA TYR A 33 7.54 -0.05 -12.96
C TYR A 33 7.59 -0.52 -11.51
N VAL A 34 7.12 0.33 -10.60
CA VAL A 34 7.11 0.01 -9.18
C VAL A 34 6.26 -1.22 -8.90
N ASP A 35 6.92 -2.32 -8.55
CA ASP A 35 6.23 -3.58 -8.25
C ASP A 35 5.84 -3.65 -6.78
N THR A 36 5.36 -4.82 -6.36
CA THR A 36 4.95 -5.02 -4.97
C THR A 36 6.13 -4.79 -4.03
N GLY A 37 7.22 -5.51 -4.25
CA GLY A 37 8.40 -5.37 -3.41
C GLY A 37 8.99 -3.97 -3.48
N ILE A 38 8.94 -3.36 -4.66
CA ILE A 38 9.47 -2.02 -4.85
C ILE A 38 8.60 -0.98 -4.17
N LEU A 39 7.29 -1.12 -4.30
CA LEU A 39 6.34 -0.20 -3.70
C LEU A 39 6.40 -0.28 -2.17
N ALA A 40 6.30 -1.49 -1.65
CA ALA A 40 6.34 -1.72 -0.21
C ALA A 40 7.59 -1.11 0.42
N SER A 41 8.75 -1.41 -0.17
CA SER A 41 10.02 -0.89 0.32
C SER A 41 10.03 0.63 0.32
N ASP A 42 9.58 1.22 -0.79
CA ASP A 42 9.54 2.67 -0.92
C ASP A 42 8.50 3.28 0.02
N LEU A 43 7.36 2.60 0.14
CA LEU A 43 6.28 3.07 0.99
C LEU A 43 6.76 3.24 2.44
N GLN A 44 7.43 2.22 2.95
CA GLN A 44 7.94 2.26 4.32
C GLN A 44 9.11 3.24 4.45
N ARG A 45 9.85 3.39 3.36
CA ARG A 45 11.00 4.30 3.35
C ARG A 45 10.56 5.75 3.45
N LEU A 46 9.55 6.11 2.66
CA LEU A 46 9.04 7.48 2.66
C LEU A 46 8.18 7.74 3.89
N TYR A 47 7.45 6.72 4.33
CA TYR A 47 6.59 6.84 5.49
C TYR A 47 7.21 6.15 6.70
N SER A 48 8.51 6.34 6.89
CA SER A 48 9.23 5.73 8.00
C SER A 48 8.61 6.15 9.34
N VAL A 49 8.04 7.35 9.38
CA VAL A 49 7.43 7.86 10.58
C VAL A 49 6.09 7.18 10.84
N ASP A 50 5.39 6.82 9.76
CA ASP A 50 4.09 6.16 9.88
C ASP A 50 4.26 4.65 9.96
N TYR A 51 4.93 4.07 8.96
CA TYR A 51 5.15 2.63 8.93
C TYR A 51 6.37 2.25 9.77
N GLY A 52 7.56 2.55 9.26
CA GLY A 52 8.77 2.23 9.98
C GLY A 52 9.51 1.04 9.39
N ARG A 53 9.62 -0.03 10.16
CA ARG A 53 10.31 -1.23 9.71
C ARG A 53 9.87 -2.44 10.52
N ARG A 54 8.63 -2.42 10.99
CA ARG A 54 8.09 -3.52 11.78
C ARG A 54 7.50 -4.60 10.89
N LYS A 55 7.81 -5.86 11.20
CA LYS A 55 7.31 -6.99 10.42
C LYS A 55 7.78 -6.90 8.97
N ARG A 56 8.96 -7.46 8.70
CA ARG A 56 9.51 -7.44 7.36
C ARG A 56 8.69 -8.29 6.40
N ASN A 57 8.56 -9.57 6.72
CA ASN A 57 7.80 -10.49 5.88
C ASN A 57 6.32 -10.13 5.89
N ALA A 58 5.78 -9.89 7.08
CA ALA A 58 4.37 -9.54 7.22
C ALA A 58 4.03 -8.29 6.39
N PHE A 59 4.85 -7.26 6.51
CA PHE A 59 4.62 -6.02 5.77
C PHE A 59 4.61 -6.28 4.27
N ARG A 60 5.50 -7.17 3.81
CA ARG A 60 5.57 -7.51 2.41
C ARG A 60 4.27 -8.11 1.92
N ILE A 61 3.67 -8.97 2.74
CA ILE A 61 2.41 -9.61 2.39
C ILE A 61 1.28 -8.59 2.32
N GLN A 62 1.32 -7.60 3.21
CA GLN A 62 0.30 -6.57 3.24
C GLN A 62 0.33 -5.74 1.96
N VAL A 63 1.53 -5.35 1.54
CA VAL A 63 1.69 -4.56 0.32
C VAL A 63 1.42 -5.41 -0.92
N GLU A 64 1.83 -6.67 -0.87
CA GLU A 64 1.63 -7.58 -1.99
C GLU A 64 0.15 -7.76 -2.27
N LYS A 65 -0.62 -8.01 -1.22
CA LYS A 65 -2.06 -8.20 -1.36
C LYS A 65 -2.75 -6.86 -1.63
N VAL A 66 -2.20 -5.79 -1.07
CA VAL A 66 -2.77 -4.46 -1.26
C VAL A 66 -2.48 -3.94 -2.67
N PHE A 67 -1.35 -4.35 -3.23
CA PHE A 67 -0.97 -3.93 -4.57
C PHE A 67 -1.87 -4.59 -5.62
N SER A 68 -2.15 -5.86 -5.42
CA SER A 68 -3.00 -6.61 -6.34
C SER A 68 -4.47 -6.24 -6.18
N ILE A 69 -4.87 -5.90 -4.96
CA ILE A 69 -6.25 -5.54 -4.69
C ILE A 69 -6.59 -4.13 -5.17
N ILE A 70 -5.69 -3.19 -4.94
CA ILE A 70 -5.91 -1.80 -5.35
C ILE A 70 -6.23 -1.71 -6.84
N SER A 71 -5.62 -2.58 -7.63
CA SER A 71 -5.84 -2.59 -9.07
C SER A 71 -7.19 -3.18 -9.43
N SER A 72 -7.48 -4.37 -8.89
CA SER A 72 -8.74 -5.06 -9.17
C SER A 72 -9.91 -4.42 -8.44
N GLU A 73 -9.76 -4.20 -7.14
CA GLU A 73 -10.82 -3.62 -6.33
C GLU A 73 -11.14 -2.19 -6.75
N LYS A 74 -10.10 -1.36 -6.87
CA LYS A 74 -10.28 0.03 -7.26
C LYS A 74 -10.32 0.18 -8.78
N GLU A 75 -9.30 -0.33 -9.45
CA GLU A 75 -9.21 -0.27 -10.90
C GLU A 75 -9.54 1.14 -11.41
N LEU A 76 -9.77 1.27 -12.71
CA LEU A 76 -10.10 2.55 -13.31
C LEU A 76 -11.36 3.15 -12.67
N LYS A 77 -11.37 4.46 -12.54
CA LYS A 77 -12.51 5.16 -11.94
C LYS A 77 -12.73 4.71 -10.50
N ASN A 78 -13.72 5.30 -9.84
CA ASN A 78 -14.03 4.95 -8.45
C ASN A 78 -14.80 3.64 -8.38
N MET A 5 -19.82 10.88 9.96
CA MET A 5 -18.51 11.48 9.60
C MET A 5 -17.37 10.83 10.36
N LYS A 6 -16.46 10.19 9.60
CA LYS A 6 -15.31 9.51 10.21
C LYS A 6 -14.02 10.24 9.88
N PRO A 7 -13.05 10.22 10.80
CA PRO A 7 -11.75 10.88 10.60
C PRO A 7 -10.87 10.14 9.59
N ARG A 8 -10.90 10.59 8.35
CA ARG A 8 -10.10 9.98 7.29
C ARG A 8 -10.45 8.50 7.12
N PRO A 9 -11.46 8.19 6.30
CA PRO A 9 -11.89 6.81 6.05
C PRO A 9 -10.74 5.90 5.64
N GLY A 10 -10.93 4.60 5.81
CA GLY A 10 -9.89 3.65 5.44
C GLY A 10 -8.92 3.40 6.57
N VAL A 11 -9.41 2.88 7.68
CA VAL A 11 -8.58 2.58 8.83
C VAL A 11 -9.00 1.28 9.51
N PHE A 12 -8.85 0.17 8.78
CA PHE A 12 -9.20 -1.14 9.31
C PHE A 12 -8.11 -2.16 9.02
N VAL A 13 -7.42 -2.58 10.07
CA VAL A 13 -6.35 -3.57 9.95
C VAL A 13 -5.16 -2.99 9.19
N ASP A 14 -5.34 -2.77 7.89
CA ASP A 14 -4.27 -2.22 7.05
C ASP A 14 -4.85 -1.51 5.83
N ARG A 15 -6.04 -0.94 5.99
CA ARG A 15 -6.69 -0.23 4.91
C ARG A 15 -5.84 0.93 4.41
N LYS A 16 -5.06 1.50 5.32
CA LYS A 16 -4.18 2.62 4.98
C LYS A 16 -3.25 2.26 3.84
N LEU A 17 -2.76 1.02 3.86
CA LEU A 17 -1.86 0.55 2.81
C LEU A 17 -2.49 0.69 1.44
N LYS A 18 -3.80 0.42 1.36
CA LYS A 18 -4.53 0.52 0.09
C LYS A 18 -4.78 1.98 -0.26
N GLN A 19 -5.35 2.73 0.69
CA GLN A 19 -5.64 4.14 0.47
C GLN A 19 -4.37 4.94 0.19
N ARG A 20 -3.32 4.64 0.94
CA ARG A 20 -2.04 5.32 0.76
C ARG A 20 -1.44 5.00 -0.60
N VAL A 21 -1.45 3.72 -0.96
CA VAL A 21 -0.90 3.28 -2.24
C VAL A 21 -1.70 3.85 -3.40
N ILE A 22 -3.02 3.67 -3.38
CA ILE A 22 -3.88 4.17 -4.44
C ILE A 22 -3.67 5.67 -4.66
N GLN A 23 -3.47 6.40 -3.57
CA GLN A 23 -3.26 7.84 -3.65
C GLN A 23 -1.89 8.17 -4.22
N TYR A 24 -0.92 7.28 -3.96
CA TYR A 24 0.43 7.47 -4.45
C TYR A 24 0.53 7.22 -5.95
N LEU A 25 -0.17 6.19 -6.43
CA LEU A 25 -0.16 5.85 -7.85
C LEU A 25 -0.96 6.88 -8.65
N SER A 26 -2.15 7.21 -8.16
CA SER A 26 -3.02 8.17 -8.83
C SER A 26 -2.35 9.54 -8.91
N SER A 27 -1.85 10.02 -7.78
CA SER A 27 -1.19 11.32 -7.72
C SER A 27 0.03 11.35 -8.64
N ASN A 28 0.72 10.21 -8.74
CA ASN A 28 1.89 10.11 -9.58
C ASN A 28 2.25 8.65 -9.85
N ARG A 29 2.95 8.40 -10.95
CA ARG A 29 3.35 7.04 -11.31
C ARG A 29 4.32 6.47 -10.28
N CYS A 30 5.13 7.35 -9.70
CA CYS A 30 6.11 6.92 -8.70
C CYS A 30 7.06 5.88 -9.27
N GLY A 31 7.46 6.09 -10.52
CA GLY A 31 8.38 5.16 -11.17
C GLY A 31 7.73 4.45 -12.35
N LYS A 32 6.73 5.08 -12.95
CA LYS A 32 6.03 4.52 -14.09
C LYS A 32 5.21 3.29 -13.68
N TYR A 33 5.91 2.22 -13.31
CA TYR A 33 5.25 0.98 -12.90
C TYR A 33 5.94 0.38 -11.67
N VAL A 34 5.34 0.58 -10.51
CA VAL A 34 5.90 0.06 -9.27
C VAL A 34 5.52 -1.40 -9.06
N ASP A 35 6.51 -2.22 -8.71
CA ASP A 35 6.27 -3.64 -8.48
C ASP A 35 5.93 -3.91 -7.01
N THR A 36 5.59 -5.15 -6.70
CA THR A 36 5.23 -5.52 -5.34
C THR A 36 6.40 -5.28 -4.40
N GLY A 37 7.53 -5.93 -4.66
CA GLY A 37 8.69 -5.76 -3.82
C GLY A 37 9.27 -4.36 -3.88
N ILE A 38 9.14 -3.73 -5.04
CA ILE A 38 9.65 -2.37 -5.23
C ILE A 38 8.79 -1.36 -4.48
N LEU A 39 7.47 -1.48 -4.63
CA LEU A 39 6.55 -0.57 -3.97
C LEU A 39 6.72 -0.61 -2.46
N ALA A 40 6.87 -1.82 -1.92
CA ALA A 40 7.06 -2.00 -0.48
C ALA A 40 8.30 -1.27 0.00
N SER A 41 9.39 -1.40 -0.75
CA SER A 41 10.65 -0.74 -0.39
C SER A 41 10.48 0.76 -0.33
N ASP A 42 9.83 1.33 -1.34
CA ASP A 42 9.61 2.76 -1.41
C ASP A 42 8.61 3.20 -0.35
N LEU A 43 7.50 2.47 -0.24
CA LEU A 43 6.47 2.78 0.74
C LEU A 43 7.03 2.74 2.15
N GLN A 44 7.90 1.75 2.42
CA GLN A 44 8.50 1.61 3.73
C GLN A 44 9.58 2.67 3.97
N ARG A 45 10.29 3.03 2.90
CA ARG A 45 11.34 4.04 3.01
C ARG A 45 10.76 5.39 3.44
N LEU A 46 9.68 5.80 2.77
CA LEU A 46 9.03 7.07 3.09
C LEU A 46 8.22 6.96 4.37
N TYR A 47 7.60 5.81 4.59
CA TYR A 47 6.80 5.58 5.78
C TYR A 47 7.41 4.50 6.66
N SER A 48 8.70 4.63 6.94
CA SER A 48 9.40 3.65 7.76
C SER A 48 8.87 3.66 9.19
N VAL A 49 8.80 4.86 9.78
CA VAL A 49 8.32 5.00 11.14
C VAL A 49 6.80 4.82 11.21
N ASP A 50 6.11 5.18 10.13
CA ASP A 50 4.66 5.05 10.07
C ASP A 50 4.25 3.60 9.85
N TYR A 51 5.10 2.84 9.16
CA TYR A 51 4.82 1.44 8.87
C TYR A 51 5.86 0.53 9.52
N GLY A 52 7.08 0.58 9.00
CA GLY A 52 8.15 -0.26 9.53
C GLY A 52 8.28 -0.14 11.05
N ARG A 53 7.63 -1.06 11.76
CA ARG A 53 7.68 -1.04 13.21
C ARG A 53 7.81 -2.47 13.76
N ARG A 54 9.05 -2.96 13.84
CA ARG A 54 9.31 -4.30 14.34
C ARG A 54 8.64 -5.35 13.48
N LYS A 55 8.62 -5.12 12.17
CA LYS A 55 8.01 -6.06 11.23
C LYS A 55 8.16 -5.58 9.80
N ARG A 56 9.41 -5.48 9.35
CA ARG A 56 9.71 -5.02 7.99
C ARG A 56 9.06 -5.95 6.96
N ASN A 57 9.11 -7.25 7.23
CA ASN A 57 8.54 -8.24 6.33
C ASN A 57 7.02 -8.12 6.28
N ALA A 58 6.41 -7.91 7.45
CA ALA A 58 4.95 -7.77 7.53
C ALA A 58 4.45 -6.69 6.59
N PHE A 59 5.22 -5.60 6.47
CA PHE A 59 4.84 -4.49 5.60
C PHE A 59 4.92 -4.92 4.13
N ARG A 60 5.86 -5.79 3.82
CA ARG A 60 6.04 -6.27 2.45
C ARG A 60 4.87 -7.15 2.03
N ILE A 61 4.32 -7.89 2.98
CA ILE A 61 3.20 -8.78 2.72
C ILE A 61 1.92 -7.99 2.50
N GLN A 62 1.59 -7.11 3.45
CA GLN A 62 0.37 -6.30 3.35
C GLN A 62 0.38 -5.46 2.07
N VAL A 63 1.51 -4.82 1.79
CA VAL A 63 1.64 -3.99 0.60
C VAL A 63 1.60 -4.85 -0.66
N GLU A 64 2.12 -6.07 -0.55
CA GLU A 64 2.14 -7.00 -1.67
C GLU A 64 0.72 -7.36 -2.09
N LYS A 65 -0.11 -7.70 -1.12
CA LYS A 65 -1.50 -8.05 -1.37
C LYS A 65 -2.31 -6.81 -1.73
N VAL A 66 -1.93 -5.67 -1.16
CA VAL A 66 -2.61 -4.42 -1.42
C VAL A 66 -2.42 -3.99 -2.88
N PHE A 67 -1.29 -4.33 -3.46
CA PHE A 67 -1.00 -3.98 -4.83
C PHE A 67 -1.94 -4.70 -5.78
N SER A 68 -2.23 -5.96 -5.48
CA SER A 68 -3.12 -6.77 -6.29
C SER A 68 -4.58 -6.36 -6.10
N ILE A 69 -4.94 -6.01 -4.87
CA ILE A 69 -6.29 -5.61 -4.54
C ILE A 69 -6.62 -4.21 -5.07
N ILE A 70 -5.70 -3.27 -4.90
CA ILE A 70 -5.91 -1.90 -5.36
C ILE A 70 -6.29 -1.88 -6.84
N SER A 71 -5.63 -2.71 -7.63
CA SER A 71 -5.89 -2.77 -9.06
C SER A 71 -7.19 -3.51 -9.35
N SER A 72 -7.45 -4.57 -8.60
CA SER A 72 -8.66 -5.37 -8.79
C SER A 72 -9.89 -4.65 -8.25
N GLU A 73 -9.80 -4.16 -7.02
CA GLU A 73 -10.91 -3.46 -6.38
C GLU A 73 -11.17 -2.11 -7.04
N LYS A 74 -10.12 -1.32 -7.21
CA LYS A 74 -10.24 0.01 -7.81
C LYS A 74 -10.29 -0.08 -9.33
N GLU A 75 -9.29 -0.72 -9.92
CA GLU A 75 -9.23 -0.87 -11.37
C GLU A 75 -9.17 0.49 -12.06
N LEU A 76 -8.98 0.48 -13.38
CA LEU A 76 -8.90 1.72 -14.14
C LEU A 76 -9.22 1.46 -15.61
N LYS A 77 -10.36 1.97 -16.06
CA LYS A 77 -10.78 1.79 -17.46
C LYS A 77 -11.81 2.83 -17.85
N ASN A 78 -11.44 3.70 -18.79
CA ASN A 78 -12.34 4.76 -19.25
C ASN A 78 -12.79 4.49 -20.68
N MET A 5 -7.71 10.45 21.69
CA MET A 5 -9.04 11.06 21.87
C MET A 5 -10.11 10.27 21.13
N LYS A 6 -9.73 9.64 20.02
CA LYS A 6 -10.66 8.85 19.23
C LYS A 6 -10.74 7.42 19.75
N PRO A 7 -11.94 6.81 19.70
CA PRO A 7 -12.15 5.44 20.16
C PRO A 7 -11.61 4.40 19.18
N ARG A 8 -10.63 3.64 19.62
CA ARG A 8 -10.02 2.61 18.78
C ARG A 8 -9.46 3.20 17.49
N PRO A 9 -8.32 3.90 17.58
CA PRO A 9 -7.68 4.52 16.41
C PRO A 9 -6.97 3.49 15.53
N GLY A 10 -6.48 3.95 14.38
CA GLY A 10 -5.78 3.06 13.48
C GLY A 10 -6.72 2.37 12.50
N VAL A 11 -6.17 1.43 11.72
CA VAL A 11 -6.97 0.70 10.75
C VAL A 11 -7.14 -0.76 11.17
N PHE A 12 -7.82 -1.54 10.34
CA PHE A 12 -8.05 -2.95 10.63
C PHE A 12 -6.87 -3.80 10.17
N VAL A 13 -6.79 -4.04 8.87
CA VAL A 13 -5.71 -4.84 8.30
C VAL A 13 -4.78 -3.99 7.45
N ASP A 14 -4.18 -2.97 8.06
CA ASP A 14 -3.27 -2.08 7.36
C ASP A 14 -3.96 -1.42 6.18
N ARG A 15 -5.17 -0.92 6.40
CA ARG A 15 -5.95 -0.27 5.35
C ARG A 15 -5.18 0.91 4.77
N LYS A 16 -4.35 1.55 5.60
CA LYS A 16 -3.56 2.70 5.16
C LYS A 16 -2.73 2.35 3.94
N LEU A 17 -2.24 1.10 3.89
CA LEU A 17 -1.43 0.65 2.77
C LEU A 17 -2.18 0.81 1.45
N LYS A 18 -3.47 0.47 1.46
CA LYS A 18 -4.29 0.58 0.26
C LYS A 18 -4.64 2.04 -0.02
N GLN A 19 -5.16 2.72 0.99
CA GLN A 19 -5.54 4.12 0.85
C GLN A 19 -4.35 4.98 0.45
N ARG A 20 -3.23 4.80 1.13
CA ARG A 20 -2.02 5.56 0.82
C ARG A 20 -1.51 5.25 -0.58
N VAL A 21 -1.55 3.96 -0.94
CA VAL A 21 -1.09 3.54 -2.26
C VAL A 21 -1.98 4.09 -3.36
N ILE A 22 -3.28 3.88 -3.24
CA ILE A 22 -4.23 4.38 -4.24
C ILE A 22 -4.06 5.88 -4.46
N GLN A 23 -3.77 6.60 -3.38
CA GLN A 23 -3.57 8.04 -3.46
C GLN A 23 -2.25 8.38 -4.15
N TYR A 24 -1.27 7.50 -3.98
CA TYR A 24 0.05 7.70 -4.58
C TYR A 24 0.01 7.42 -6.08
N LEU A 25 -0.72 6.38 -6.46
CA LEU A 25 -0.82 6.00 -7.87
C LEU A 25 -1.69 6.99 -8.64
N SER A 26 -2.83 7.35 -8.05
CA SER A 26 -3.76 8.28 -8.67
C SER A 26 -3.08 9.63 -8.91
N SER A 27 -2.45 10.16 -7.87
CA SER A 27 -1.78 11.46 -7.97
C SER A 27 -0.65 11.40 -9.00
N ASN A 28 -0.05 10.22 -9.15
CA ASN A 28 1.04 10.05 -10.10
C ASN A 28 1.47 8.58 -10.16
N ARG A 29 2.18 8.22 -11.23
CA ARG A 29 2.65 6.85 -11.40
C ARG A 29 3.63 6.47 -10.30
N CYS A 30 4.50 7.40 -9.95
CA CYS A 30 5.49 7.17 -8.90
C CYS A 30 6.39 5.99 -9.26
N GLY A 31 7.44 6.27 -10.03
CA GLY A 31 8.37 5.23 -10.44
C GLY A 31 8.01 4.65 -11.79
N LYS A 32 9.03 4.32 -12.58
CA LYS A 32 8.82 3.74 -13.90
C LYS A 32 8.04 2.43 -13.81
N TYR A 33 8.50 1.55 -12.92
CA TYR A 33 7.83 0.26 -12.74
C TYR A 33 7.98 -0.23 -11.30
N VAL A 34 7.04 0.16 -10.45
CA VAL A 34 7.06 -0.24 -9.04
C VAL A 34 6.31 -1.56 -8.83
N ASP A 35 7.05 -2.59 -8.45
CA ASP A 35 6.47 -3.90 -8.21
C ASP A 35 5.94 -4.01 -6.79
N THR A 36 5.37 -5.16 -6.45
CA THR A 36 4.82 -5.39 -5.12
C THR A 36 5.90 -5.21 -4.05
N GLY A 37 6.97 -6.00 -4.17
CA GLY A 37 8.05 -5.91 -3.21
C GLY A 37 8.71 -4.56 -3.20
N ILE A 38 8.79 -3.93 -4.37
CA ILE A 38 9.41 -2.62 -4.50
C ILE A 38 8.54 -1.54 -3.87
N LEU A 39 7.24 -1.61 -4.12
CA LEU A 39 6.30 -0.63 -3.57
C LEU A 39 6.32 -0.65 -2.05
N ALA A 40 6.38 -1.85 -1.47
CA ALA A 40 6.40 -2.00 -0.03
C ALA A 40 7.58 -1.26 0.59
N SER A 41 8.77 -1.47 0.04
CA SER A 41 9.97 -0.82 0.54
C SER A 41 9.89 0.69 0.37
N ASP A 42 9.50 1.13 -0.82
CA ASP A 42 9.37 2.55 -1.11
C ASP A 42 8.37 3.22 -0.16
N LEU A 43 7.21 2.60 -0.01
CA LEU A 43 6.17 3.13 0.87
C LEU A 43 6.67 3.25 2.29
N GLN A 44 7.41 2.23 2.74
CA GLN A 44 7.96 2.22 4.09
C GLN A 44 9.13 3.19 4.22
N ARG A 45 9.91 3.32 3.15
CA ARG A 45 11.06 4.21 3.15
C ARG A 45 10.63 5.66 3.40
N LEU A 46 9.62 6.10 2.66
CA LEU A 46 9.11 7.47 2.81
C LEU A 46 8.38 7.64 4.14
N TYR A 47 7.82 6.54 4.65
CA TYR A 47 7.10 6.59 5.92
C TYR A 47 7.78 5.70 6.95
N SER A 48 9.08 5.89 7.14
CA SER A 48 9.84 5.11 8.10
C SER A 48 9.35 5.34 9.52
N VAL A 49 8.83 6.54 9.77
CA VAL A 49 8.33 6.91 11.08
C VAL A 49 7.00 6.22 11.39
N ASP A 50 6.20 6.01 10.34
CA ASP A 50 4.90 5.37 10.50
C ASP A 50 4.92 3.93 10.00
N TYR A 51 5.14 3.75 8.70
CA TYR A 51 5.19 2.42 8.10
C TYR A 51 6.32 1.60 8.67
N GLY A 52 7.39 2.27 9.11
CA GLY A 52 8.54 1.56 9.67
C GLY A 52 8.15 0.68 10.85
N ARG A 53 8.08 -0.62 10.61
CA ARG A 53 7.73 -1.58 11.65
C ARG A 53 8.81 -2.65 11.79
N ARG A 54 8.61 -3.55 12.74
CA ARG A 54 9.56 -4.64 12.98
C ARG A 54 9.31 -5.81 12.03
N LYS A 55 8.05 -5.99 11.65
CA LYS A 55 7.68 -7.07 10.74
C LYS A 55 7.91 -6.66 9.29
N ARG A 56 9.15 -6.79 8.84
CA ARG A 56 9.51 -6.45 7.47
C ARG A 56 8.83 -7.37 6.47
N ASN A 57 8.91 -8.68 6.73
CA ASN A 57 8.30 -9.67 5.86
C ASN A 57 6.79 -9.52 5.85
N ALA A 58 6.20 -9.43 7.04
CA ALA A 58 4.74 -9.28 7.17
C ALA A 58 4.25 -8.05 6.43
N PHE A 59 4.89 -6.91 6.70
CA PHE A 59 4.52 -5.65 6.07
C PHE A 59 4.63 -5.76 4.55
N ARG A 60 5.67 -6.43 4.08
CA ARG A 60 5.89 -6.60 2.65
C ARG A 60 4.72 -7.35 2.01
N ILE A 61 4.25 -8.40 2.70
CA ILE A 61 3.15 -9.20 2.21
C ILE A 61 1.89 -8.35 2.08
N GLN A 62 1.65 -7.48 3.07
CA GLN A 62 0.48 -6.61 3.06
C GLN A 62 0.48 -5.73 1.82
N VAL A 63 1.63 -5.13 1.52
CA VAL A 63 1.76 -4.27 0.35
C VAL A 63 1.56 -5.05 -0.94
N GLU A 64 2.07 -6.28 -0.96
CA GLU A 64 1.95 -7.14 -2.13
C GLU A 64 0.47 -7.39 -2.45
N LYS A 65 -0.30 -7.73 -1.43
CA LYS A 65 -1.72 -7.99 -1.60
C LYS A 65 -2.48 -6.69 -1.87
N VAL A 66 -2.02 -5.61 -1.26
CA VAL A 66 -2.64 -4.31 -1.44
C VAL A 66 -2.46 -3.82 -2.87
N PHE A 67 -1.36 -4.19 -3.50
CA PHE A 67 -1.09 -3.80 -4.87
C PHE A 67 -2.01 -4.51 -5.84
N SER A 68 -2.23 -5.81 -5.59
CA SER A 68 -3.10 -6.62 -6.43
C SER A 68 -4.57 -6.30 -6.21
N ILE A 69 -4.91 -5.92 -4.98
CA ILE A 69 -6.30 -5.60 -4.64
C ILE A 69 -6.71 -4.23 -5.18
N ILE A 70 -5.86 -3.23 -4.99
CA ILE A 70 -6.16 -1.88 -5.47
C ILE A 70 -6.50 -1.89 -6.95
N SER A 71 -5.81 -2.73 -7.71
CA SER A 71 -6.04 -2.82 -9.15
C SER A 71 -7.41 -3.44 -9.44
N SER A 72 -7.71 -4.55 -8.79
CA SER A 72 -8.97 -5.24 -8.98
C SER A 72 -10.12 -4.50 -8.31
N GLU A 73 -9.95 -4.15 -7.04
CA GLU A 73 -10.98 -3.46 -6.28
C GLU A 73 -11.38 -2.14 -6.94
N LYS A 74 -10.40 -1.32 -7.29
CA LYS A 74 -10.67 -0.04 -7.92
C LYS A 74 -10.90 -0.19 -9.42
N GLU A 75 -10.05 -0.98 -10.07
CA GLU A 75 -10.16 -1.21 -11.51
C GLU A 75 -9.94 0.08 -12.27
N LEU A 76 -9.41 -0.04 -13.50
CA LEU A 76 -9.15 1.12 -14.33
C LEU A 76 -10.44 1.88 -14.62
N LYS A 77 -10.37 3.20 -14.57
CA LYS A 77 -11.52 4.05 -14.82
C LYS A 77 -12.65 3.74 -13.83
N ASN A 78 -12.75 4.55 -12.79
CA ASN A 78 -13.78 4.37 -11.77
C ASN A 78 -15.14 4.81 -12.30
N MET A 5 -23.26 4.68 5.12
CA MET A 5 -23.33 3.66 4.04
C MET A 5 -22.28 3.92 2.97
N LYS A 6 -21.25 3.10 2.94
CA LYS A 6 -20.18 3.24 1.96
C LYS A 6 -20.36 2.28 0.79
N PRO A 7 -20.10 2.73 -0.45
CA PRO A 7 -20.25 1.91 -1.65
C PRO A 7 -19.06 0.96 -1.87
N ARG A 8 -18.10 1.00 -0.95
CA ARG A 8 -16.92 0.15 -1.05
C ARG A 8 -16.54 -0.44 0.31
N PRO A 9 -16.98 -1.68 0.59
CA PRO A 9 -16.68 -2.35 1.86
C PRO A 9 -15.21 -2.72 1.99
N GLY A 10 -14.64 -2.47 3.16
CA GLY A 10 -13.25 -2.79 3.40
C GLY A 10 -12.80 -2.47 4.81
N VAL A 11 -12.12 -3.42 5.45
CA VAL A 11 -11.64 -3.23 6.81
C VAL A 11 -10.57 -4.25 7.16
N PHE A 12 -9.75 -3.93 8.15
CA PHE A 12 -8.68 -4.82 8.60
C PHE A 12 -7.68 -5.05 7.47
N VAL A 13 -6.63 -5.81 7.77
CA VAL A 13 -5.60 -6.11 6.78
C VAL A 13 -4.85 -4.85 6.37
N ASP A 14 -4.78 -3.88 7.28
CA ASP A 14 -4.09 -2.61 7.00
C ASP A 14 -4.70 -1.91 5.80
N ARG A 15 -5.82 -1.22 6.01
CA ARG A 15 -6.50 -0.50 4.94
C ARG A 15 -5.67 0.69 4.47
N LYS A 16 -4.89 1.27 5.38
CA LYS A 16 -4.06 2.41 5.07
C LYS A 16 -3.13 2.10 3.91
N LEU A 17 -2.61 0.88 3.89
CA LEU A 17 -1.70 0.45 2.84
C LEU A 17 -2.34 0.60 1.46
N LYS A 18 -3.62 0.24 1.37
CA LYS A 18 -4.36 0.34 0.11
C LYS A 18 -4.71 1.79 -0.19
N GLN A 19 -5.33 2.45 0.79
CA GLN A 19 -5.74 3.85 0.63
C GLN A 19 -4.54 4.74 0.33
N ARG A 20 -3.47 4.56 1.10
CA ARG A 20 -2.26 5.35 0.92
C ARG A 20 -1.62 5.05 -0.43
N VAL A 21 -1.60 3.77 -0.81
CA VAL A 21 -1.03 3.36 -2.08
C VAL A 21 -1.82 3.93 -3.25
N ILE A 22 -3.13 3.70 -3.24
CA ILE A 22 -3.99 4.20 -4.32
C ILE A 22 -3.83 5.70 -4.50
N GLN A 23 -3.62 6.40 -3.39
CA GLN A 23 -3.44 7.84 -3.42
C GLN A 23 -2.08 8.21 -4.01
N TYR A 24 -1.09 7.36 -3.78
CA TYR A 24 0.26 7.58 -4.28
C TYR A 24 0.33 7.33 -5.78
N LEU A 25 -0.35 6.29 -6.24
CA LEU A 25 -0.35 5.94 -7.66
C LEU A 25 -1.19 6.94 -8.46
N SER A 26 -2.39 7.22 -7.96
CA SER A 26 -3.28 8.16 -8.63
C SER A 26 -2.64 9.54 -8.78
N SER A 27 -2.08 10.04 -7.68
CA SER A 27 -1.41 11.34 -7.70
C SER A 27 -0.26 11.36 -8.70
N ASN A 28 0.37 10.20 -8.88
CA ASN A 28 1.49 10.09 -9.81
C ASN A 28 1.99 8.65 -9.88
N ARG A 29 2.66 8.32 -10.98
CA ARG A 29 3.19 6.97 -11.17
C ARG A 29 4.17 6.61 -10.06
N CYS A 30 4.98 7.58 -9.65
CA CYS A 30 5.96 7.37 -8.59
C CYS A 30 6.95 6.27 -8.97
N GLY A 31 7.54 6.41 -10.16
CA GLY A 31 8.49 5.42 -10.63
C GLY A 31 7.99 4.65 -11.84
N LYS A 32 7.09 5.27 -12.60
CA LYS A 32 6.53 4.64 -13.78
C LYS A 32 5.75 3.37 -13.42
N TYR A 33 6.47 2.28 -13.20
CA TYR A 33 5.86 1.00 -12.85
C TYR A 33 6.40 0.49 -11.52
N VAL A 34 5.53 0.38 -10.53
CA VAL A 34 5.93 -0.11 -9.21
C VAL A 34 5.45 -1.54 -8.98
N ASP A 35 6.34 -2.38 -8.44
CA ASP A 35 6.00 -3.76 -8.16
C ASP A 35 5.76 -3.97 -6.67
N THR A 36 5.23 -5.12 -6.30
CA THR A 36 4.95 -5.43 -4.90
C THR A 36 6.19 -5.27 -4.04
N GLY A 37 7.28 -5.92 -4.46
CA GLY A 37 8.52 -5.85 -3.70
C GLY A 37 9.12 -4.46 -3.69
N ILE A 38 8.96 -3.72 -4.78
CA ILE A 38 9.49 -2.38 -4.88
C ILE A 38 8.62 -1.37 -4.12
N LEU A 39 7.31 -1.49 -4.27
CA LEU A 39 6.38 -0.60 -3.58
C LEU A 39 6.58 -0.65 -2.07
N ALA A 40 6.74 -1.86 -1.54
CA ALA A 40 6.95 -2.05 -0.11
C ALA A 40 8.18 -1.29 0.37
N SER A 41 9.22 -1.27 -0.47
CA SER A 41 10.46 -0.58 -0.13
C SER A 41 10.27 0.93 -0.18
N ASP A 42 9.62 1.40 -1.24
CA ASP A 42 9.37 2.83 -1.40
C ASP A 42 8.41 3.34 -0.33
N LEU A 43 7.32 2.62 -0.13
CA LEU A 43 6.32 3.00 0.86
C LEU A 43 6.94 3.07 2.25
N GLN A 44 7.81 2.11 2.55
CA GLN A 44 8.47 2.06 3.86
C GLN A 44 9.56 3.13 3.95
N ARG A 45 10.25 3.37 2.84
CA ARG A 45 11.32 4.37 2.81
C ARG A 45 10.79 5.74 3.20
N LEU A 46 9.68 6.14 2.58
CA LEU A 46 9.07 7.43 2.85
C LEU A 46 8.40 7.44 4.22
N TYR A 47 7.90 6.28 4.64
CA TYR A 47 7.24 6.15 5.93
C TYR A 47 8.05 5.27 6.87
N SER A 48 9.36 5.50 6.89
CA SER A 48 10.25 4.73 7.75
C SER A 48 9.89 4.91 9.22
N VAL A 49 9.38 6.09 9.55
CA VAL A 49 8.99 6.39 10.93
C VAL A 49 7.70 5.68 11.29
N ASP A 50 6.81 5.53 10.31
CA ASP A 50 5.53 4.85 10.54
C ASP A 50 5.64 3.36 10.26
N TYR A 51 5.86 3.01 9.00
CA TYR A 51 6.00 1.61 8.60
C TYR A 51 7.31 1.02 9.10
N GLY A 52 8.38 1.80 8.98
CA GLY A 52 9.68 1.34 9.42
C GLY A 52 9.80 1.28 10.93
N ARG A 53 9.01 0.40 11.54
CA ARG A 53 9.02 0.25 12.99
C ARG A 53 8.11 -0.90 13.42
N ARG A 54 8.08 -1.96 12.62
CA ARG A 54 7.25 -3.12 12.91
C ARG A 54 7.67 -4.32 12.06
N LYS A 55 6.85 -5.36 12.05
CA LYS A 55 7.13 -6.56 11.28
C LYS A 55 7.38 -6.23 9.81
N ARG A 56 8.64 -6.36 9.40
CA ARG A 56 9.03 -6.07 8.02
C ARG A 56 8.40 -7.08 7.06
N ASN A 57 8.55 -8.36 7.36
CA ASN A 57 8.00 -9.42 6.52
C ASN A 57 6.49 -9.26 6.35
N ALA A 58 5.80 -9.03 7.45
CA ALA A 58 4.35 -8.84 7.42
C ALA A 58 3.97 -7.67 6.53
N PHE A 59 4.71 -6.57 6.67
CA PHE A 59 4.46 -5.37 5.88
C PHE A 59 4.54 -5.68 4.39
N ARG A 60 5.54 -6.46 4.00
CA ARG A 60 5.72 -6.83 2.61
C ARG A 60 4.51 -7.60 2.09
N ILE A 61 4.02 -8.54 2.89
CA ILE A 61 2.86 -9.34 2.51
C ILE A 61 1.64 -8.45 2.29
N GLN A 62 1.49 -7.43 3.13
CA GLN A 62 0.37 -6.52 3.04
C GLN A 62 0.42 -5.77 1.70
N VAL A 63 1.60 -5.27 1.34
CA VAL A 63 1.77 -4.54 0.10
C VAL A 63 1.53 -5.44 -1.10
N GLU A 64 1.94 -6.70 -0.98
CA GLU A 64 1.76 -7.67 -2.05
C GLU A 64 0.29 -7.87 -2.36
N LYS A 65 -0.51 -8.07 -1.31
CA LYS A 65 -1.95 -8.27 -1.46
C LYS A 65 -2.64 -6.94 -1.78
N VAL A 66 -2.12 -5.86 -1.22
CA VAL A 66 -2.69 -4.54 -1.45
C VAL A 66 -2.40 -4.05 -2.87
N PHE A 67 -1.25 -4.46 -3.40
CA PHE A 67 -0.87 -4.07 -4.75
C PHE A 67 -1.73 -4.76 -5.80
N SER A 68 -2.03 -6.04 -5.55
CA SER A 68 -2.85 -6.83 -6.46
C SER A 68 -4.33 -6.44 -6.36
N ILE A 69 -4.75 -6.06 -5.16
CA ILE A 69 -6.14 -5.69 -4.92
C ILE A 69 -6.45 -4.30 -5.47
N ILE A 70 -5.55 -3.34 -5.23
CA ILE A 70 -5.76 -1.97 -5.69
C ILE A 70 -6.00 -1.93 -7.20
N SER A 71 -5.34 -2.83 -7.92
CA SER A 71 -5.48 -2.89 -9.38
C SER A 71 -6.84 -3.46 -9.78
N SER A 72 -7.21 -4.59 -9.19
CA SER A 72 -8.47 -5.24 -9.50
C SER A 72 -9.65 -4.49 -8.88
N GLU A 73 -9.56 -4.19 -7.60
CA GLU A 73 -10.62 -3.49 -6.89
C GLU A 73 -10.88 -2.11 -7.49
N LYS A 74 -9.83 -1.34 -7.70
CA LYS A 74 -9.96 0.00 -8.26
C LYS A 74 -10.08 -0.05 -9.78
N GLU A 75 -9.19 -0.78 -10.43
CA GLU A 75 -9.21 -0.91 -11.88
C GLU A 75 -8.86 0.42 -12.54
N LEU A 76 -8.23 0.36 -13.71
CA LEU A 76 -7.83 1.56 -14.44
C LEU A 76 -9.05 2.43 -14.73
N LYS A 77 -8.81 3.73 -14.86
CA LYS A 77 -9.88 4.69 -15.15
C LYS A 77 -9.68 5.34 -16.51
N ASN A 78 -10.58 5.04 -17.44
CA ASN A 78 -10.49 5.60 -18.79
C ASN A 78 -11.80 6.29 -19.18
N MET A 5 -14.24 -18.55 7.71
CA MET A 5 -14.48 -17.41 8.63
C MET A 5 -13.63 -16.20 8.25
N LYS A 6 -14.29 -15.08 8.01
CA LYS A 6 -13.60 -13.85 7.63
C LYS A 6 -13.15 -13.08 8.87
N PRO A 7 -12.01 -12.37 8.77
CA PRO A 7 -11.47 -11.60 9.89
C PRO A 7 -12.30 -10.35 10.18
N ARG A 8 -12.56 -10.11 11.46
CA ARG A 8 -13.35 -8.95 11.88
C ARG A 8 -12.65 -7.65 11.50
N PRO A 9 -11.43 -7.42 12.01
CA PRO A 9 -10.66 -6.20 11.71
C PRO A 9 -10.23 -6.15 10.25
N GLY A 10 -9.99 -4.93 9.75
CA GLY A 10 -9.58 -4.76 8.37
C GLY A 10 -9.68 -3.33 7.90
N VAL A 11 -10.61 -2.57 8.49
CA VAL A 11 -10.80 -1.18 8.13
C VAL A 11 -9.53 -0.36 8.38
N PHE A 12 -8.70 -0.83 9.30
CA PHE A 12 -7.46 -0.13 9.63
C PHE A 12 -6.34 -1.13 9.89
N VAL A 13 -5.22 -0.65 10.43
CA VAL A 13 -4.06 -1.49 10.72
C VAL A 13 -3.71 -2.40 9.55
N ASP A 14 -4.03 -1.96 8.34
CA ASP A 14 -3.75 -2.72 7.13
C ASP A 14 -4.36 -2.05 5.90
N ARG A 15 -5.53 -1.45 6.08
CA ARG A 15 -6.21 -0.76 5.00
C ARG A 15 -5.41 0.44 4.51
N LYS A 16 -4.66 1.05 5.43
CA LYS A 16 -3.85 2.22 5.09
C LYS A 16 -2.91 1.90 3.93
N LEU A 17 -2.41 0.67 3.88
CA LEU A 17 -1.50 0.26 2.82
C LEU A 17 -2.14 0.47 1.45
N LYS A 18 -3.42 0.13 1.35
CA LYS A 18 -4.15 0.28 0.09
C LYS A 18 -4.47 1.75 -0.17
N GLN A 19 -5.06 2.41 0.82
CA GLN A 19 -5.43 3.82 0.70
C GLN A 19 -4.21 4.68 0.40
N ARG A 20 -3.13 4.46 1.14
CA ARG A 20 -1.90 5.21 0.95
C ARG A 20 -1.30 4.94 -0.42
N VAL A 21 -1.32 3.67 -0.83
CA VAL A 21 -0.78 3.26 -2.11
C VAL A 21 -1.60 3.86 -3.27
N ILE A 22 -2.92 3.66 -3.23
CA ILE A 22 -3.79 4.18 -4.27
C ILE A 22 -3.61 5.68 -4.45
N GLN A 23 -3.38 6.38 -3.33
CA GLN A 23 -3.19 7.83 -3.36
C GLN A 23 -1.83 8.18 -3.96
N TYR A 24 -0.84 7.31 -3.74
CA TYR A 24 0.51 7.53 -4.25
C TYR A 24 0.56 7.32 -5.77
N LEU A 25 -0.14 6.31 -6.25
CA LEU A 25 -0.16 6.01 -7.68
C LEU A 25 -0.99 7.04 -8.45
N SER A 26 -2.18 7.32 -7.94
CA SER A 26 -3.06 8.29 -8.58
C SER A 26 -2.40 9.66 -8.69
N SER A 27 -1.85 10.13 -7.56
CA SER A 27 -1.18 11.43 -7.53
C SER A 27 0.03 11.44 -8.46
N ASN A 28 0.74 10.31 -8.51
CA ASN A 28 1.92 10.20 -9.36
C ASN A 28 2.23 8.73 -9.66
N ARG A 29 2.85 8.49 -10.81
CA ARG A 29 3.19 7.13 -11.21
C ARG A 29 4.10 6.47 -10.18
N CYS A 30 5.03 7.24 -9.63
CA CYS A 30 5.96 6.74 -8.63
C CYS A 30 6.80 5.59 -9.19
N GLY A 31 7.30 5.77 -10.41
CA GLY A 31 8.11 4.75 -11.04
C GLY A 31 7.36 4.00 -12.12
N LYS A 32 6.39 4.67 -12.74
CA LYS A 32 5.59 4.07 -13.80
C LYS A 32 4.78 2.89 -13.27
N TYR A 33 5.44 1.75 -13.12
CA TYR A 33 4.78 0.55 -12.62
C TYR A 33 5.57 -0.07 -11.47
N VAL A 34 5.30 0.39 -10.25
CA VAL A 34 5.98 -0.11 -9.07
C VAL A 34 5.70 -1.60 -8.86
N ASP A 35 6.60 -2.28 -8.17
CA ASP A 35 6.45 -3.70 -7.91
C ASP A 35 6.04 -3.94 -6.45
N THR A 36 5.70 -5.18 -6.12
CA THR A 36 5.30 -5.53 -4.77
C THR A 36 6.43 -5.26 -3.78
N GLY A 37 7.55 -5.94 -3.97
CA GLY A 37 8.68 -5.76 -3.08
C GLY A 37 9.25 -4.35 -3.14
N ILE A 38 9.15 -3.72 -4.30
CA ILE A 38 9.64 -2.37 -4.48
C ILE A 38 8.73 -1.35 -3.81
N LEU A 39 7.43 -1.48 -4.05
CA LEU A 39 6.44 -0.57 -3.47
C LEU A 39 6.49 -0.62 -1.95
N ALA A 40 6.49 -1.84 -1.40
CA ALA A 40 6.52 -2.01 0.05
C ALA A 40 7.73 -1.32 0.67
N SER A 41 8.92 -1.61 0.13
CA SER A 41 10.15 -1.03 0.63
C SER A 41 10.10 0.50 0.56
N ASP A 42 9.71 1.01 -0.60
CA ASP A 42 9.62 2.46 -0.81
C ASP A 42 8.61 3.08 0.15
N LEU A 43 7.45 2.44 0.29
CA LEU A 43 6.40 2.94 1.18
C LEU A 43 6.92 3.07 2.61
N GLN A 44 7.54 2.02 3.12
CA GLN A 44 8.07 2.02 4.48
C GLN A 44 9.27 2.96 4.60
N ARG A 45 10.01 3.11 3.50
CA ARG A 45 11.19 3.96 3.48
C ARG A 45 10.79 5.43 3.63
N LEU A 46 9.82 5.86 2.84
CA LEU A 46 9.35 7.24 2.89
C LEU A 46 8.50 7.50 4.13
N TYR A 47 7.82 6.47 4.60
CA TYR A 47 6.98 6.59 5.79
C TYR A 47 7.58 5.83 6.96
N SER A 48 8.89 5.99 7.15
CA SER A 48 9.59 5.32 8.24
C SER A 48 9.03 5.73 9.60
N VAL A 49 8.55 6.97 9.67
CA VAL A 49 7.97 7.49 10.91
C VAL A 49 6.59 6.89 11.17
N ASP A 50 5.78 6.82 10.11
CA ASP A 50 4.43 6.28 10.23
C ASP A 50 4.46 4.75 10.31
N TYR A 51 5.11 4.13 9.33
CA TYR A 51 5.22 2.68 9.28
C TYR A 51 6.39 2.18 10.13
N GLY A 52 7.60 2.56 9.71
CA GLY A 52 8.79 2.15 10.44
C GLY A 52 9.20 0.72 10.12
N ARG A 53 10.42 0.36 10.52
CA ARG A 53 10.92 -0.98 10.28
C ARG A 53 10.54 -1.93 11.42
N ARG A 54 9.29 -2.40 11.39
CA ARG A 54 8.80 -3.30 12.43
C ARG A 54 8.51 -4.68 11.85
N LYS A 55 7.50 -4.75 10.97
CA LYS A 55 7.12 -6.01 10.35
C LYS A 55 7.57 -6.04 8.89
N ARG A 56 8.80 -6.50 8.65
CA ARG A 56 9.35 -6.59 7.31
C ARG A 56 8.60 -7.63 6.47
N ASN A 57 8.34 -8.78 7.07
CA ASN A 57 7.63 -9.85 6.37
C ASN A 57 6.14 -9.53 6.23
N ALA A 58 5.53 -9.12 7.33
CA ALA A 58 4.11 -8.79 7.34
C ALA A 58 3.80 -7.65 6.36
N PHE A 59 4.59 -6.58 6.45
CA PHE A 59 4.41 -5.44 5.58
C PHE A 59 4.54 -5.83 4.11
N ARG A 60 5.52 -6.68 3.82
CA ARG A 60 5.74 -7.14 2.46
C ARG A 60 4.52 -7.88 1.91
N ILE A 61 3.95 -8.75 2.74
CA ILE A 61 2.77 -9.52 2.35
C ILE A 61 1.57 -8.59 2.14
N GLN A 62 1.44 -7.60 3.01
CA GLN A 62 0.33 -6.65 2.92
C GLN A 62 0.38 -5.90 1.59
N VAL A 63 1.55 -5.42 1.21
CA VAL A 63 1.72 -4.68 -0.03
C VAL A 63 1.49 -5.58 -1.23
N GLU A 64 1.83 -6.86 -1.09
CA GLU A 64 1.67 -7.83 -2.17
C GLU A 64 0.19 -7.98 -2.53
N LYS A 65 -0.64 -8.22 -1.52
CA LYS A 65 -2.07 -8.39 -1.73
C LYS A 65 -2.75 -7.05 -2.00
N VAL A 66 -2.22 -5.99 -1.39
CA VAL A 66 -2.78 -4.66 -1.57
C VAL A 66 -2.48 -4.14 -2.97
N PHE A 67 -1.35 -4.54 -3.53
CA PHE A 67 -0.96 -4.10 -4.87
C PHE A 67 -1.85 -4.75 -5.94
N SER A 68 -2.20 -6.01 -5.71
CA SER A 68 -3.04 -6.74 -6.64
C SER A 68 -4.50 -6.29 -6.56
N ILE A 69 -4.93 -5.93 -5.35
CA ILE A 69 -6.30 -5.48 -5.13
C ILE A 69 -6.53 -4.06 -5.64
N ILE A 70 -5.57 -3.18 -5.36
CA ILE A 70 -5.70 -1.78 -5.79
C ILE A 70 -5.88 -1.68 -7.30
N SER A 71 -5.21 -2.55 -8.04
CA SER A 71 -5.30 -2.54 -9.50
C SER A 71 -6.68 -3.02 -9.97
N SER A 72 -7.11 -4.15 -9.45
CA SER A 72 -8.40 -4.72 -9.83
C SER A 72 -9.57 -3.95 -9.22
N GLU A 73 -9.40 -3.52 -7.97
CA GLU A 73 -10.45 -2.78 -7.27
C GLU A 73 -10.64 -1.38 -7.83
N LYS A 74 -9.54 -0.64 -7.97
CA LYS A 74 -9.60 0.72 -8.49
C LYS A 74 -9.55 0.73 -10.02
N GLU A 75 -8.53 0.07 -10.57
CA GLU A 75 -8.36 0.00 -12.02
C GLU A 75 -8.11 1.39 -12.60
N LEU A 76 -7.46 1.43 -13.76
CA LEU A 76 -7.16 2.70 -14.41
C LEU A 76 -8.34 3.17 -15.26
N LYS A 77 -8.36 4.46 -15.58
CA LYS A 77 -9.43 5.04 -16.38
C LYS A 77 -10.78 4.92 -15.67
N ASN A 78 -11.38 3.73 -15.76
CA ASN A 78 -12.67 3.49 -15.12
C ASN A 78 -12.49 2.87 -13.73
N MET A 5 -25.87 -2.67 22.30
CA MET A 5 -24.54 -3.34 22.25
C MET A 5 -24.06 -3.51 20.81
N LYS A 6 -23.43 -2.46 20.28
CA LYS A 6 -22.93 -2.49 18.90
C LYS A 6 -21.51 -3.05 18.87
N PRO A 7 -21.14 -3.72 17.76
CA PRO A 7 -19.80 -4.29 17.60
C PRO A 7 -18.72 -3.23 17.44
N ARG A 8 -17.52 -3.66 17.04
CA ARG A 8 -16.41 -2.74 16.85
C ARG A 8 -15.92 -2.78 15.40
N PRO A 9 -16.80 -2.43 14.45
CA PRO A 9 -16.45 -2.41 13.03
C PRO A 9 -15.49 -1.28 12.67
N GLY A 10 -14.56 -1.56 11.76
CA GLY A 10 -13.59 -0.56 11.35
C GLY A 10 -12.25 -1.16 10.99
N VAL A 11 -11.72 -0.77 9.83
CA VAL A 11 -10.44 -1.28 9.37
C VAL A 11 -9.37 -0.19 9.39
N PHE A 12 -8.79 0.03 10.57
CA PHE A 12 -7.75 1.05 10.72
C PHE A 12 -6.41 0.42 11.06
N VAL A 13 -5.75 -0.12 10.04
CA VAL A 13 -4.44 -0.75 10.23
C VAL A 13 -3.88 -1.26 8.90
N ASP A 14 -4.74 -1.90 8.11
CA ASP A 14 -4.33 -2.43 6.81
C ASP A 14 -4.96 -1.64 5.67
N ARG A 15 -6.14 -1.08 5.93
CA ARG A 15 -6.85 -0.30 4.93
C ARG A 15 -6.02 0.87 4.44
N LYS A 16 -5.19 1.41 5.34
CA LYS A 16 -4.33 2.54 4.99
C LYS A 16 -3.39 2.18 3.84
N LEU A 17 -2.89 0.95 3.85
CA LEU A 17 -1.99 0.48 2.80
C LEU A 17 -2.63 0.63 1.42
N LYS A 18 -3.93 0.36 1.35
CA LYS A 18 -4.66 0.46 0.10
C LYS A 18 -4.91 1.92 -0.26
N GLN A 19 -5.47 2.67 0.69
CA GLN A 19 -5.77 4.08 0.47
C GLN A 19 -4.49 4.88 0.19
N ARG A 20 -3.46 4.64 0.98
CA ARG A 20 -2.19 5.34 0.81
C ARG A 20 -1.55 4.97 -0.53
N VAL A 21 -1.62 3.70 -0.89
CA VAL A 21 -1.04 3.22 -2.14
C VAL A 21 -1.81 3.77 -3.35
N ILE A 22 -3.13 3.60 -3.34
CA ILE A 22 -3.97 4.08 -4.44
C ILE A 22 -3.72 5.56 -4.71
N GLN A 23 -3.53 6.32 -3.63
CA GLN A 23 -3.28 7.75 -3.75
C GLN A 23 -1.88 8.02 -4.31
N TYR A 24 -0.93 7.17 -3.93
CA TYR A 24 0.45 7.32 -4.39
C TYR A 24 0.57 7.05 -5.89
N LEU A 25 -0.14 6.04 -6.36
CA LEU A 25 -0.10 5.67 -7.78
C LEU A 25 -0.87 6.69 -8.62
N SER A 26 -2.03 7.10 -8.11
CA SER A 26 -2.86 8.08 -8.81
C SER A 26 -2.17 9.43 -8.90
N SER A 27 -1.66 9.92 -7.77
CA SER A 27 -0.98 11.20 -7.73
C SER A 27 0.24 11.20 -8.64
N ASN A 28 0.84 10.03 -8.82
CA ASN A 28 2.02 9.90 -9.67
C ASN A 28 2.44 8.44 -9.80
N ARG A 29 3.17 8.12 -10.86
CA ARG A 29 3.64 6.76 -11.09
C ARG A 29 4.64 6.34 -10.01
N CYS A 30 5.40 7.30 -9.51
CA CYS A 30 6.39 7.04 -8.47
C CYS A 30 7.41 6.01 -8.95
N GLY A 31 7.82 6.13 -10.22
CA GLY A 31 8.78 5.21 -10.78
C GLY A 31 8.21 4.39 -11.92
N LYS A 32 7.46 5.03 -12.80
CA LYS A 32 6.85 4.36 -13.94
C LYS A 32 5.85 3.30 -13.46
N TYR A 33 6.37 2.14 -13.08
CA TYR A 33 5.52 1.05 -12.61
C TYR A 33 6.09 0.44 -11.34
N VAL A 34 5.42 0.66 -10.21
CA VAL A 34 5.87 0.13 -8.93
C VAL A 34 5.36 -1.30 -8.72
N ASP A 35 6.28 -2.22 -8.48
CA ASP A 35 5.92 -3.61 -8.24
C ASP A 35 5.62 -3.86 -6.77
N THR A 36 5.22 -5.09 -6.45
CA THR A 36 4.89 -5.44 -5.07
C THR A 36 6.10 -5.22 -4.16
N GLY A 37 7.19 -5.91 -4.45
CA GLY A 37 8.39 -5.77 -3.64
C GLY A 37 8.98 -4.37 -3.71
N ILE A 38 8.91 -3.75 -4.88
CA ILE A 38 9.43 -2.40 -5.06
C ILE A 38 8.60 -1.38 -4.30
N LEU A 39 7.29 -1.49 -4.41
CA LEU A 39 6.38 -0.58 -3.73
C LEU A 39 6.60 -0.62 -2.22
N ALA A 40 6.80 -1.83 -1.69
CA ALA A 40 7.03 -2.01 -0.26
C ALA A 40 8.22 -1.18 0.22
N SER A 41 9.34 -1.30 -0.48
CA SER A 41 10.55 -0.57 -0.13
C SER A 41 10.30 0.93 -0.15
N ASP A 42 9.64 1.40 -1.20
CA ASP A 42 9.34 2.82 -1.34
C ASP A 42 8.36 3.28 -0.27
N LEU A 43 7.28 2.53 -0.09
CA LEU A 43 6.26 2.86 0.89
C LEU A 43 6.86 2.89 2.30
N GLN A 44 7.71 1.93 2.60
CA GLN A 44 8.35 1.85 3.90
C GLN A 44 9.44 2.92 4.06
N ARG A 45 10.16 3.18 2.98
CA ARG A 45 11.22 4.18 2.99
C ARG A 45 10.68 5.55 3.37
N LEU A 46 9.56 5.93 2.77
CA LEU A 46 8.94 7.22 3.04
C LEU A 46 8.18 7.19 4.37
N TYR A 47 7.56 6.06 4.67
CA TYR A 47 6.80 5.90 5.91
C TYR A 47 7.51 4.93 6.86
N SER A 48 8.81 5.12 7.02
CA SER A 48 9.60 4.27 7.90
C SER A 48 9.12 4.37 9.34
N VAL A 49 8.99 5.60 9.82
CA VAL A 49 8.53 5.84 11.19
C VAL A 49 7.08 5.42 11.37
N ASP A 50 6.29 5.60 10.32
CA ASP A 50 4.87 5.24 10.36
C ASP A 50 4.68 3.74 10.16
N TYR A 51 4.90 3.28 8.93
CA TYR A 51 4.75 1.86 8.61
C TYR A 51 5.87 1.04 9.24
N GLY A 52 7.11 1.44 9.00
CA GLY A 52 8.25 0.72 9.56
C GLY A 52 8.21 0.67 11.07
N ARG A 53 8.75 -0.41 11.63
CA ARG A 53 8.78 -0.58 13.08
C ARG A 53 9.59 -1.81 13.47
N ARG A 54 9.08 -2.98 13.10
CA ARG A 54 9.76 -4.24 13.41
C ARG A 54 9.58 -5.24 12.27
N LYS A 55 8.35 -5.79 12.16
CA LYS A 55 8.05 -6.76 11.12
C LYS A 55 8.26 -6.16 9.73
N ARG A 56 9.48 -6.27 9.23
CA ARG A 56 9.83 -5.75 7.90
C ARG A 56 9.10 -6.53 6.80
N ASN A 57 9.24 -7.84 6.81
CA ASN A 57 8.60 -8.69 5.82
C ASN A 57 7.10 -8.52 5.82
N ALA A 58 6.52 -8.38 7.01
CA ALA A 58 5.07 -8.19 7.16
C ALA A 58 4.56 -7.05 6.29
N PHE A 59 5.31 -5.95 6.28
CA PHE A 59 4.92 -4.78 5.48
C PHE A 59 4.83 -5.14 4.00
N ARG A 60 5.78 -5.94 3.53
CA ARG A 60 5.80 -6.36 2.13
C ARG A 60 4.55 -7.14 1.78
N ILE A 61 4.15 -8.05 2.68
CA ILE A 61 2.96 -8.86 2.46
C ILE A 61 1.71 -7.99 2.41
N GLN A 62 1.65 -6.99 3.29
CA GLN A 62 0.50 -6.09 3.34
C GLN A 62 0.34 -5.36 2.02
N VAL A 63 1.45 -4.83 1.50
CA VAL A 63 1.44 -4.11 0.23
C VAL A 63 1.31 -5.09 -0.94
N GLU A 64 1.86 -6.29 -0.76
CA GLU A 64 1.80 -7.31 -1.80
C GLU A 64 0.35 -7.62 -2.16
N LYS A 65 -0.47 -7.89 -1.15
CA LYS A 65 -1.87 -8.19 -1.36
C LYS A 65 -2.66 -6.94 -1.71
N VAL A 66 -2.24 -5.81 -1.13
CA VAL A 66 -2.89 -4.54 -1.39
C VAL A 66 -2.64 -4.07 -2.82
N PHE A 67 -1.48 -4.42 -3.36
CA PHE A 67 -1.12 -4.03 -4.72
C PHE A 67 -2.02 -4.73 -5.73
N SER A 68 -2.31 -5.99 -5.48
CA SER A 68 -3.16 -6.77 -6.37
C SER A 68 -4.63 -6.38 -6.23
N ILE A 69 -5.05 -6.09 -5.00
CA ILE A 69 -6.43 -5.71 -4.74
C ILE A 69 -6.74 -4.30 -5.25
N ILE A 70 -5.85 -3.35 -5.00
CA ILE A 70 -6.06 -1.98 -5.46
C ILE A 70 -6.35 -1.93 -6.96
N SER A 71 -5.71 -2.82 -7.70
CA SER A 71 -5.89 -2.89 -9.15
C SER A 71 -7.24 -3.53 -9.50
N SER A 72 -7.56 -4.63 -8.85
CA SER A 72 -8.81 -5.35 -9.11
C SER A 72 -10.01 -4.61 -8.52
N GLU A 73 -9.92 -4.24 -7.25
CA GLU A 73 -11.02 -3.55 -6.58
C GLU A 73 -11.30 -2.19 -7.20
N LYS A 74 -10.26 -1.40 -7.39
CA LYS A 74 -10.39 -0.06 -7.98
C LYS A 74 -10.55 -0.12 -9.49
N GLU A 75 -9.80 -1.01 -10.13
CA GLU A 75 -9.85 -1.15 -11.58
C GLU A 75 -9.42 0.14 -12.26
N LEU A 76 -9.12 0.05 -13.55
CA LEU A 76 -8.69 1.21 -14.32
C LEU A 76 -9.88 2.13 -14.61
N LYS A 77 -10.11 3.10 -13.73
CA LYS A 77 -11.21 4.03 -13.90
C LYS A 77 -11.07 4.83 -15.20
N ASN A 78 -12.17 5.41 -15.65
CA ASN A 78 -12.16 6.19 -16.88
C ASN A 78 -11.73 7.63 -16.61
N MET A 5 -23.86 -8.76 -2.15
CA MET A 5 -24.32 -7.38 -1.83
C MET A 5 -24.27 -7.12 -0.33
N LYS A 6 -23.09 -7.29 0.26
CA LYS A 6 -22.91 -7.06 1.69
C LYS A 6 -22.03 -5.83 1.94
N PRO A 7 -22.34 -5.06 3.00
CA PRO A 7 -21.58 -3.85 3.33
C PRO A 7 -20.09 -4.14 3.50
N ARG A 8 -19.35 -3.16 4.00
CA ARG A 8 -17.92 -3.30 4.21
C ARG A 8 -17.38 -2.20 5.13
N PRO A 9 -17.01 -2.55 6.38
CA PRO A 9 -16.49 -1.57 7.35
C PRO A 9 -15.13 -1.03 6.92
N GLY A 10 -15.02 0.30 6.89
CA GLY A 10 -13.78 0.93 6.51
C GLY A 10 -12.73 0.87 7.61
N VAL A 11 -12.22 -0.33 7.88
CA VAL A 11 -11.21 -0.51 8.91
C VAL A 11 -10.06 -1.36 8.40
N PHE A 12 -10.31 -2.67 8.27
CA PHE A 12 -9.29 -3.60 7.79
C PHE A 12 -8.06 -3.57 8.69
N VAL A 13 -7.22 -4.60 8.57
CA VAL A 13 -6.01 -4.69 9.38
C VAL A 13 -5.04 -3.57 9.03
N ASP A 14 -5.09 -3.12 7.78
CA ASP A 14 -4.22 -2.05 7.32
C ASP A 14 -4.79 -1.40 6.06
N ARG A 15 -6.03 -0.92 6.15
CA ARG A 15 -6.69 -0.27 5.03
C ARG A 15 -5.88 0.90 4.51
N LYS A 16 -5.14 1.55 5.41
CA LYS A 16 -4.32 2.70 5.04
C LYS A 16 -3.34 2.34 3.92
N LEU A 17 -2.87 1.09 3.95
CA LEU A 17 -1.93 0.61 2.94
C LEU A 17 -2.52 0.75 1.54
N LYS A 18 -3.80 0.40 1.40
CA LYS A 18 -4.48 0.49 0.13
C LYS A 18 -4.80 1.95 -0.24
N GLN A 19 -5.43 2.65 0.69
CA GLN A 19 -5.79 4.05 0.49
C GLN A 19 -4.57 4.90 0.17
N ARG A 20 -3.52 4.74 0.98
CA ARG A 20 -2.29 5.49 0.79
C ARG A 20 -1.63 5.13 -0.54
N VAL A 21 -1.63 3.83 -0.85
CA VAL A 21 -1.04 3.35 -2.09
C VAL A 21 -1.80 3.88 -3.31
N ILE A 22 -3.11 3.69 -3.32
CA ILE A 22 -3.93 4.15 -4.43
C ILE A 22 -3.74 5.64 -4.68
N GLN A 23 -3.55 6.40 -3.60
CA GLN A 23 -3.35 7.84 -3.70
C GLN A 23 -1.97 8.15 -4.25
N TYR A 24 -1.00 7.29 -3.96
CA TYR A 24 0.36 7.48 -4.42
C TYR A 24 0.50 7.14 -5.90
N LEU A 25 -0.18 6.10 -6.34
CA LEU A 25 -0.13 5.68 -7.75
C LEU A 25 -0.91 6.64 -8.63
N SER A 26 -2.16 6.91 -8.24
CA SER A 26 -3.02 7.82 -8.99
C SER A 26 -2.39 9.21 -9.10
N SER A 27 -1.92 9.72 -7.98
CA SER A 27 -1.29 11.03 -7.94
C SER A 27 -0.07 11.08 -8.85
N ASN A 28 0.66 9.98 -8.90
CA ASN A 28 1.85 9.90 -9.74
C ASN A 28 2.38 8.46 -9.80
N ARG A 29 3.29 8.21 -10.74
CA ARG A 29 3.86 6.89 -10.91
C ARG A 29 4.79 6.54 -9.75
N CYS A 30 5.62 7.52 -9.37
CA CYS A 30 6.57 7.32 -8.27
C CYS A 30 7.54 6.19 -8.59
N GLY A 31 8.20 6.30 -9.74
CA GLY A 31 9.16 5.28 -10.13
C GLY A 31 8.73 4.53 -11.39
N LYS A 32 7.98 5.21 -12.25
CA LYS A 32 7.50 4.61 -13.50
C LYS A 32 6.46 3.53 -13.20
N TYR A 33 6.91 2.44 -12.60
CA TYR A 33 6.02 1.34 -12.26
C TYR A 33 6.49 0.63 -11.00
N VAL A 34 5.70 0.70 -9.95
CA VAL A 34 6.03 0.05 -8.68
C VAL A 34 5.49 -1.36 -8.62
N ASP A 35 6.14 -2.20 -7.82
CA ASP A 35 5.74 -3.59 -7.66
C ASP A 35 5.36 -3.88 -6.21
N THR A 36 4.90 -5.10 -5.95
CA THR A 36 4.50 -5.50 -4.60
C THR A 36 5.66 -5.32 -3.61
N GLY A 37 6.76 -6.02 -3.87
CA GLY A 37 7.92 -5.93 -3.00
C GLY A 37 8.55 -4.55 -3.00
N ILE A 38 8.67 -3.96 -4.20
CA ILE A 38 9.26 -2.64 -4.34
C ILE A 38 8.40 -1.57 -3.65
N LEU A 39 7.09 -1.63 -3.88
CA LEU A 39 6.18 -0.67 -3.28
C LEU A 39 6.28 -0.71 -1.76
N ALA A 40 6.39 -1.92 -1.21
CA ALA A 40 6.50 -2.10 0.23
C ALA A 40 7.68 -1.32 0.79
N SER A 41 8.84 -1.47 0.14
CA SER A 41 10.05 -0.78 0.58
C SER A 41 9.92 0.73 0.38
N ASP A 42 9.19 1.12 -0.66
CA ASP A 42 8.99 2.54 -0.96
C ASP A 42 8.02 3.16 0.02
N LEU A 43 6.91 2.47 0.29
CA LEU A 43 5.90 2.97 1.21
C LEU A 43 6.49 3.17 2.60
N GLN A 44 7.35 2.24 3.02
CA GLN A 44 7.99 2.32 4.33
C GLN A 44 9.07 3.40 4.34
N ARG A 45 9.79 3.52 3.23
CA ARG A 45 10.86 4.51 3.11
C ARG A 45 10.32 5.91 3.32
N LEU A 46 9.22 6.23 2.64
CA LEU A 46 8.60 7.55 2.74
C LEU A 46 7.91 7.71 4.10
N TYR A 47 7.36 6.63 4.61
CA TYR A 47 6.68 6.65 5.91
C TYR A 47 7.50 5.93 6.97
N SER A 48 8.80 6.18 6.97
CA SER A 48 9.69 5.54 7.94
C SER A 48 9.26 5.85 9.36
N VAL A 49 8.65 7.01 9.56
CA VAL A 49 8.19 7.43 10.88
C VAL A 49 6.95 6.63 11.30
N ASP A 50 6.15 6.23 10.32
CA ASP A 50 4.95 5.46 10.59
C ASP A 50 5.22 3.96 10.48
N TYR A 51 5.63 3.53 9.28
CA TYR A 51 5.91 2.12 9.05
C TYR A 51 7.29 1.75 9.59
N GLY A 52 8.31 2.52 9.21
CA GLY A 52 9.65 2.26 9.68
C GLY A 52 10.22 0.98 9.11
N ARG A 53 10.38 -0.03 9.95
CA ARG A 53 10.91 -1.32 9.53
C ARG A 53 10.31 -2.46 10.35
N ARG A 54 9.06 -2.29 10.75
CA ARG A 54 8.38 -3.31 11.54
C ARG A 54 7.97 -4.50 10.67
N LYS A 55 8.57 -5.65 10.94
CA LYS A 55 8.27 -6.86 10.18
C LYS A 55 8.54 -6.66 8.69
N ARG A 56 9.68 -7.16 8.23
CA ARG A 56 10.05 -7.03 6.83
C ARG A 56 9.10 -7.86 5.95
N ASN A 57 8.86 -9.10 6.37
CA ASN A 57 7.98 -9.99 5.61
C ASN A 57 6.52 -9.61 5.77
N ALA A 58 6.09 -9.38 7.01
CA ALA A 58 4.70 -9.02 7.29
C ALA A 58 4.27 -7.81 6.47
N PHE A 59 5.07 -6.76 6.49
CA PHE A 59 4.76 -5.54 5.75
C PHE A 59 4.68 -5.83 4.25
N ARG A 60 5.52 -6.74 3.77
CA ARG A 60 5.54 -7.11 2.36
C ARG A 60 4.25 -7.83 1.98
N ILE A 61 3.80 -8.73 2.84
CA ILE A 61 2.58 -9.49 2.60
C ILE A 61 1.38 -8.56 2.45
N GLN A 62 1.28 -7.59 3.36
CA GLN A 62 0.17 -6.64 3.33
C GLN A 62 0.19 -5.84 2.03
N VAL A 63 1.36 -5.36 1.65
CA VAL A 63 1.51 -4.59 0.42
C VAL A 63 1.26 -5.46 -0.80
N GLU A 64 1.70 -6.71 -0.71
CA GLU A 64 1.53 -7.66 -1.81
C GLU A 64 0.05 -7.85 -2.14
N LYS A 65 -0.75 -8.03 -1.09
CA LYS A 65 -2.19 -8.22 -1.26
C LYS A 65 -2.87 -6.89 -1.62
N VAL A 66 -2.34 -5.80 -1.08
CA VAL A 66 -2.89 -4.48 -1.35
C VAL A 66 -2.55 -4.03 -2.76
N PHE A 67 -1.41 -4.47 -3.26
CA PHE A 67 -0.98 -4.12 -4.62
C PHE A 67 -1.83 -4.84 -5.65
N SER A 68 -2.15 -6.10 -5.38
CA SER A 68 -2.97 -6.90 -6.28
C SER A 68 -4.44 -6.49 -6.23
N ILE A 69 -4.89 -6.07 -5.04
CA ILE A 69 -6.27 -5.66 -4.85
C ILE A 69 -6.55 -4.28 -5.45
N ILE A 70 -5.63 -3.35 -5.24
CA ILE A 70 -5.78 -2.00 -5.76
C ILE A 70 -5.92 -2.00 -7.28
N SER A 71 -5.23 -2.92 -7.94
CA SER A 71 -5.28 -3.03 -9.38
C SER A 71 -6.63 -3.57 -9.86
N SER A 72 -7.05 -4.68 -9.28
CA SER A 72 -8.31 -5.31 -9.66
C SER A 72 -9.51 -4.54 -9.12
N GLU A 73 -9.41 -4.10 -7.87
CA GLU A 73 -10.49 -3.36 -7.23
C GLU A 73 -10.67 -1.98 -7.85
N LYS A 74 -9.57 -1.25 -8.00
CA LYS A 74 -9.63 0.11 -8.56
C LYS A 74 -9.63 0.07 -10.08
N GLU A 75 -8.83 -0.83 -10.66
CA GLU A 75 -8.74 -0.96 -12.11
C GLU A 75 -8.11 0.28 -12.73
N LEU A 76 -6.81 0.43 -12.54
CA LEU A 76 -6.08 1.58 -13.07
C LEU A 76 -5.60 1.30 -14.49
N LYS A 77 -5.67 2.31 -15.35
CA LYS A 77 -5.24 2.18 -16.73
C LYS A 77 -5.17 3.54 -17.41
N ASN A 78 -6.17 4.37 -17.18
CA ASN A 78 -6.23 5.70 -17.77
C ASN A 78 -6.25 5.62 -19.29
N MET A 5 -26.48 1.69 20.18
CA MET A 5 -25.31 1.81 19.26
C MET A 5 -25.75 1.68 17.80
N LYS A 6 -25.43 2.70 17.01
CA LYS A 6 -25.79 2.72 15.60
C LYS A 6 -24.67 2.11 14.75
N PRO A 7 -25.02 1.45 13.63
CA PRO A 7 -24.04 0.83 12.74
C PRO A 7 -23.23 1.86 11.96
N ARG A 8 -21.94 1.62 11.85
CA ARG A 8 -21.04 2.53 11.12
C ARG A 8 -19.77 1.82 10.69
N PRO A 9 -19.15 2.26 9.59
CA PRO A 9 -17.91 1.67 9.07
C PRO A 9 -16.71 1.96 9.97
N GLY A 10 -15.53 1.59 9.50
CA GLY A 10 -14.32 1.83 10.27
C GLY A 10 -13.08 1.28 9.60
N VAL A 11 -12.01 1.13 10.37
CA VAL A 11 -10.75 0.61 9.83
C VAL A 11 -10.69 -0.91 9.98
N PHE A 12 -10.00 -1.56 9.04
CA PHE A 12 -9.85 -3.01 9.07
C PHE A 12 -8.64 -3.42 9.89
N VAL A 13 -7.47 -3.01 9.45
CA VAL A 13 -6.22 -3.32 10.14
C VAL A 13 -5.03 -2.71 9.41
N ASP A 14 -5.08 -2.75 8.09
CA ASP A 14 -4.02 -2.19 7.26
C ASP A 14 -4.60 -1.47 6.04
N ARG A 15 -5.86 -1.04 6.16
CA ARG A 15 -6.53 -0.34 5.08
C ARG A 15 -5.69 0.84 4.58
N LYS A 16 -4.92 1.44 5.49
CA LYS A 16 -4.08 2.58 5.15
C LYS A 16 -3.16 2.24 3.99
N LEU A 17 -2.63 1.02 3.98
CA LEU A 17 -1.74 0.57 2.93
C LEU A 17 -2.40 0.70 1.56
N LYS A 18 -3.68 0.37 1.50
CA LYS A 18 -4.43 0.45 0.25
C LYS A 18 -4.76 1.91 -0.09
N GLN A 19 -5.36 2.61 0.87
CA GLN A 19 -5.73 4.00 0.68
C GLN A 19 -4.51 4.87 0.38
N ARG A 20 -3.44 4.65 1.14
CA ARG A 20 -2.21 5.41 0.95
C ARG A 20 -1.60 5.11 -0.42
N VAL A 21 -1.58 3.84 -0.79
CA VAL A 21 -1.02 3.43 -2.07
C VAL A 21 -1.84 4.00 -3.23
N ILE A 22 -3.14 3.78 -3.20
CA ILE A 22 -4.02 4.27 -4.26
C ILE A 22 -3.85 5.77 -4.47
N GLN A 23 -3.66 6.49 -3.37
CA GLN A 23 -3.47 7.94 -3.45
C GLN A 23 -2.11 8.28 -4.03
N TYR A 24 -1.13 7.41 -3.78
CA TYR A 24 0.23 7.62 -4.28
C TYR A 24 0.32 7.33 -5.77
N LEU A 25 -0.37 6.27 -6.21
CA LEU A 25 -0.36 5.90 -7.63
C LEU A 25 -1.19 6.87 -8.45
N SER A 26 -2.32 7.31 -7.86
CA SER A 26 -3.21 8.24 -8.54
C SER A 26 -2.56 9.61 -8.71
N SER A 27 -2.01 10.12 -7.60
CA SER A 27 -1.34 11.42 -7.62
C SER A 27 -0.07 11.38 -8.46
N ASN A 28 0.70 10.31 -8.31
CA ASN A 28 1.94 10.15 -9.05
C ASN A 28 2.14 8.69 -9.45
N ARG A 29 3.08 8.47 -10.37
CA ARG A 29 3.37 7.12 -10.85
C ARG A 29 4.12 6.33 -9.77
N CYS A 30 4.85 7.02 -8.92
CA CYS A 30 5.61 6.39 -7.85
C CYS A 30 6.66 5.43 -8.42
N GLY A 31 7.42 5.91 -9.38
CA GLY A 31 8.45 5.09 -9.99
C GLY A 31 7.97 4.38 -11.24
N LYS A 32 8.83 3.56 -11.82
CA LYS A 32 8.49 2.82 -13.04
C LYS A 32 8.37 1.33 -12.74
N TYR A 33 7.19 0.77 -13.01
CA TYR A 33 6.95 -0.65 -12.78
C TYR A 33 7.13 -0.99 -11.29
N VAL A 34 6.71 -0.08 -10.43
CA VAL A 34 6.82 -0.28 -8.99
C VAL A 34 6.01 -1.50 -8.55
N ASP A 35 6.63 -2.67 -8.63
CA ASP A 35 5.98 -3.91 -8.24
C ASP A 35 5.64 -3.91 -6.75
N THR A 36 5.13 -5.03 -6.25
CA THR A 36 4.77 -5.15 -4.85
C THR A 36 5.98 -4.90 -3.95
N GLY A 37 7.04 -5.67 -4.16
CA GLY A 37 8.24 -5.51 -3.36
C GLY A 37 8.85 -4.14 -3.50
N ILE A 38 8.72 -3.55 -4.69
CA ILE A 38 9.26 -2.23 -4.95
C ILE A 38 8.43 -1.14 -4.24
N LEU A 39 7.11 -1.29 -4.30
CA LEU A 39 6.21 -0.34 -3.66
C LEU A 39 6.41 -0.32 -2.15
N ALA A 40 6.53 -1.51 -1.56
CA ALA A 40 6.73 -1.63 -0.12
C ALA A 40 8.00 -0.91 0.32
N SER A 41 9.08 -1.12 -0.42
CA SER A 41 10.36 -0.49 -0.09
C SER A 41 10.23 1.03 -0.13
N ASP A 42 9.54 1.54 -1.14
CA ASP A 42 9.35 2.99 -1.28
C ASP A 42 8.38 3.51 -0.23
N LEU A 43 7.25 2.83 -0.08
CA LEU A 43 6.24 3.24 0.89
C LEU A 43 6.84 3.31 2.30
N GLN A 44 7.72 2.37 2.61
CA GLN A 44 8.36 2.33 3.91
C GLN A 44 9.43 3.42 4.05
N ARG A 45 10.14 3.68 2.96
CA ARG A 45 11.18 4.70 2.96
C ARG A 45 10.61 6.08 3.23
N LEU A 46 9.54 6.42 2.54
CA LEU A 46 8.89 7.71 2.71
C LEU A 46 8.13 7.77 4.03
N TYR A 47 7.54 6.65 4.44
CA TYR A 47 6.79 6.57 5.68
C TYR A 47 7.40 5.53 6.62
N SER A 48 8.69 5.67 6.89
CA SER A 48 9.39 4.75 7.78
C SER A 48 8.88 4.86 9.21
N VAL A 49 8.56 6.08 9.61
CA VAL A 49 8.06 6.33 10.96
C VAL A 49 6.61 5.90 11.10
N ASP A 50 5.85 6.02 10.01
CA ASP A 50 4.45 5.65 10.01
C ASP A 50 4.26 4.16 9.72
N TYR A 51 5.10 3.64 8.84
CA TYR A 51 5.01 2.23 8.46
C TYR A 51 6.22 1.45 8.97
N GLY A 52 7.42 1.94 8.65
CA GLY A 52 8.63 1.28 9.08
C GLY A 52 8.65 0.98 10.57
N ARG A 53 8.40 -0.28 10.91
CA ARG A 53 8.38 -0.71 12.31
C ARG A 53 9.43 -1.77 12.57
N ARG A 54 9.25 -2.94 11.95
CA ARG A 54 10.18 -4.05 12.11
C ARG A 54 9.78 -5.24 11.25
N LYS A 55 8.48 -5.49 11.16
CA LYS A 55 7.96 -6.61 10.36
C LYS A 55 8.24 -6.38 8.87
N ARG A 56 9.44 -6.74 8.45
CA ARG A 56 9.83 -6.59 7.04
C ARG A 56 9.02 -7.52 6.15
N ASN A 57 8.85 -8.75 6.60
CA ASN A 57 8.09 -9.75 5.84
C ASN A 57 6.61 -9.42 5.82
N ALA A 58 6.05 -9.12 6.99
CA ALA A 58 4.64 -8.80 7.11
C ALA A 58 4.28 -7.61 6.23
N PHE A 59 5.08 -6.54 6.32
CA PHE A 59 4.83 -5.34 5.52
C PHE A 59 4.85 -5.67 4.04
N ARG A 60 5.75 -6.55 3.64
CA ARG A 60 5.86 -6.96 2.24
C ARG A 60 4.59 -7.67 1.78
N ILE A 61 4.06 -8.52 2.65
CA ILE A 61 2.85 -9.28 2.33
C ILE A 61 1.65 -8.34 2.18
N GLN A 62 1.56 -7.36 3.07
CA GLN A 62 0.47 -6.40 3.03
C GLN A 62 0.46 -5.65 1.71
N VAL A 63 1.63 -5.18 1.29
CA VAL A 63 1.75 -4.45 0.04
C VAL A 63 1.48 -5.35 -1.16
N GLU A 64 1.82 -6.63 -1.02
CA GLU A 64 1.60 -7.61 -2.08
C GLU A 64 0.11 -7.79 -2.33
N LYS A 65 -0.64 -8.00 -1.25
CA LYS A 65 -2.08 -8.18 -1.35
C LYS A 65 -2.78 -6.86 -1.64
N VAL A 66 -2.22 -5.78 -1.13
CA VAL A 66 -2.79 -4.45 -1.32
C VAL A 66 -2.53 -3.96 -2.76
N PHE A 67 -1.40 -4.36 -3.32
CA PHE A 67 -1.05 -3.96 -4.68
C PHE A 67 -1.95 -4.65 -5.70
N SER A 68 -2.25 -5.92 -5.47
CA SER A 68 -3.10 -6.69 -6.37
C SER A 68 -4.57 -6.30 -6.21
N ILE A 69 -4.96 -5.93 -5.00
CA ILE A 69 -6.34 -5.55 -4.72
C ILE A 69 -6.65 -4.14 -5.23
N ILE A 70 -5.75 -3.21 -4.99
CA ILE A 70 -5.95 -1.82 -5.44
C ILE A 70 -6.24 -1.77 -6.94
N SER A 71 -5.61 -2.66 -7.69
CA SER A 71 -5.81 -2.72 -9.13
C SER A 71 -7.16 -3.32 -9.49
N SER A 72 -7.49 -4.45 -8.86
CA SER A 72 -8.75 -5.13 -9.14
C SER A 72 -9.94 -4.40 -8.52
N GLU A 73 -9.84 -4.06 -7.24
CA GLU A 73 -10.92 -3.38 -6.53
C GLU A 73 -11.18 -1.98 -7.11
N LYS A 74 -10.11 -1.20 -7.27
CA LYS A 74 -10.25 0.15 -7.79
C LYS A 74 -10.39 0.16 -9.31
N GLU A 75 -9.62 -0.70 -9.98
CA GLU A 75 -9.66 -0.78 -11.43
C GLU A 75 -9.11 0.50 -12.06
N LEU A 76 -7.80 0.64 -12.03
CA LEU A 76 -7.14 1.82 -12.59
C LEU A 76 -6.53 1.51 -13.96
N LYS A 77 -7.22 0.70 -14.74
CA LYS A 77 -6.74 0.32 -16.07
C LYS A 77 -7.43 1.15 -17.15
N ASN A 78 -6.75 1.30 -18.28
CA ASN A 78 -7.29 2.07 -19.39
C ASN A 78 -7.66 1.17 -20.56
N MET A 5 -16.91 11.33 16.72
CA MET A 5 -15.44 11.37 16.89
C MET A 5 -14.74 10.56 15.79
N LYS A 6 -15.42 9.54 15.30
CA LYS A 6 -14.87 8.69 14.25
C LYS A 6 -15.31 9.18 12.87
N PRO A 7 -14.39 9.16 11.88
CA PRO A 7 -14.69 9.60 10.52
C PRO A 7 -15.49 8.57 9.74
N ARG A 8 -15.94 8.95 8.55
CA ARG A 8 -16.73 8.06 7.70
C ARG A 8 -15.87 6.89 7.21
N PRO A 9 -14.72 7.18 6.54
CA PRO A 9 -13.83 6.13 6.03
C PRO A 9 -13.21 5.30 7.15
N GLY A 10 -13.27 3.99 7.01
CA GLY A 10 -12.71 3.10 8.01
C GLY A 10 -11.31 2.65 7.67
N VAL A 11 -10.55 2.24 8.69
CA VAL A 11 -9.18 1.77 8.49
C VAL A 11 -9.09 0.26 8.63
N PHE A 12 -10.06 -0.33 9.32
CA PHE A 12 -10.09 -1.78 9.53
C PHE A 12 -8.88 -2.23 10.34
N VAL A 13 -7.75 -2.41 9.66
CA VAL A 13 -6.52 -2.84 10.31
C VAL A 13 -5.30 -2.40 9.51
N ASP A 14 -5.35 -2.64 8.20
CA ASP A 14 -4.26 -2.26 7.32
C ASP A 14 -4.78 -1.59 6.05
N ARG A 15 -6.01 -1.06 6.13
CA ARG A 15 -6.63 -0.40 4.99
C ARG A 15 -5.77 0.77 4.51
N LYS A 16 -5.04 1.39 5.43
CA LYS A 16 -4.19 2.52 5.09
C LYS A 16 -3.21 2.16 3.98
N LEU A 17 -2.71 0.92 4.01
CA LEU A 17 -1.78 0.45 2.99
C LEU A 17 -2.37 0.59 1.60
N LYS A 18 -3.65 0.27 1.47
CA LYS A 18 -4.35 0.36 0.19
C LYS A 18 -4.67 1.82 -0.14
N GLN A 19 -5.29 2.51 0.81
CA GLN A 19 -5.66 3.91 0.62
C GLN A 19 -4.42 4.76 0.33
N ARG A 20 -3.35 4.52 1.07
CA ARG A 20 -2.12 5.27 0.89
C ARG A 20 -1.50 4.96 -0.47
N VAL A 21 -1.49 3.69 -0.83
CA VAL A 21 -0.93 3.27 -2.11
C VAL A 21 -1.74 3.82 -3.28
N ILE A 22 -3.05 3.60 -3.25
CA ILE A 22 -3.92 4.10 -4.32
C ILE A 22 -3.76 5.59 -4.52
N GLN A 23 -3.57 6.32 -3.42
CA GLN A 23 -3.39 7.77 -3.48
C GLN A 23 -2.03 8.13 -4.06
N TYR A 24 -1.04 7.27 -3.82
CA TYR A 24 0.31 7.49 -4.31
C TYR A 24 0.41 7.24 -5.81
N LEU A 25 -0.26 6.21 -6.29
CA LEU A 25 -0.24 5.87 -7.71
C LEU A 25 -1.06 6.87 -8.52
N SER A 26 -2.27 7.16 -8.04
CA SER A 26 -3.15 8.09 -8.72
C SER A 26 -2.52 9.47 -8.82
N SER A 27 -2.01 9.97 -7.70
CA SER A 27 -1.37 11.28 -7.66
C SER A 27 -0.15 11.32 -8.57
N ASN A 28 0.62 10.23 -8.56
CA ASN A 28 1.82 10.14 -9.37
C ASN A 28 2.19 8.68 -9.63
N ARG A 29 2.99 8.46 -10.67
CA ARG A 29 3.42 7.10 -11.02
C ARG A 29 4.23 6.48 -9.89
N CYS A 30 5.20 7.23 -9.37
CA CYS A 30 6.05 6.76 -8.29
C CYS A 30 6.84 5.53 -8.71
N GLY A 31 7.48 5.62 -9.87
CA GLY A 31 8.27 4.50 -10.37
C GLY A 31 7.84 4.03 -11.75
N LYS A 32 6.72 4.57 -12.23
CA LYS A 32 6.20 4.19 -13.55
C LYS A 32 5.67 2.76 -13.53
N TYR A 33 6.58 1.80 -13.34
CA TYR A 33 6.19 0.39 -13.31
C TYR A 33 6.54 -0.23 -11.96
N VAL A 34 6.30 0.53 -10.89
CA VAL A 34 6.59 0.06 -9.54
C VAL A 34 5.86 -1.25 -9.24
N ASP A 35 6.63 -2.30 -8.96
CA ASP A 35 6.05 -3.60 -8.67
C ASP A 35 5.77 -3.75 -7.18
N THR A 36 5.32 -4.93 -6.78
CA THR A 36 5.01 -5.20 -5.38
C THR A 36 6.23 -4.99 -4.50
N GLY A 37 7.31 -5.72 -4.81
CA GLY A 37 8.54 -5.61 -4.05
C GLY A 37 9.11 -4.21 -4.09
N ILE A 38 8.92 -3.52 -5.22
CA ILE A 38 9.42 -2.17 -5.39
C ILE A 38 8.58 -1.17 -4.60
N LEU A 39 7.26 -1.31 -4.68
CA LEU A 39 6.35 -0.43 -3.97
C LEU A 39 6.56 -0.52 -2.47
N ALA A 40 6.82 -1.73 -1.99
CA ALA A 40 7.05 -1.95 -0.56
C ALA A 40 8.24 -1.13 -0.06
N SER A 41 9.32 -1.15 -0.82
CA SER A 41 10.52 -0.41 -0.46
C SER A 41 10.26 1.09 -0.45
N ASP A 42 9.48 1.56 -1.42
CA ASP A 42 9.14 2.96 -1.52
C ASP A 42 8.18 3.37 -0.41
N LEU A 43 7.13 2.59 -0.23
CA LEU A 43 6.13 2.87 0.81
C LEU A 43 6.77 2.86 2.19
N GLN A 44 7.66 1.91 2.42
CA GLN A 44 8.34 1.79 3.70
C GLN A 44 9.40 2.87 3.86
N ARG A 45 10.00 3.28 2.75
CA ARG A 45 11.02 4.32 2.78
C ARG A 45 10.44 5.65 3.23
N LEU A 46 9.31 6.03 2.66
CA LEU A 46 8.66 7.29 3.01
C LEU A 46 7.98 7.17 4.37
N TYR A 47 7.48 5.98 4.69
CA TYR A 47 6.81 5.75 5.96
C TYR A 47 7.56 4.69 6.78
N SER A 48 8.87 4.87 6.91
CA SER A 48 9.69 3.93 7.66
C SER A 48 9.33 3.94 9.15
N VAL A 49 9.26 5.14 9.72
CA VAL A 49 8.92 5.29 11.13
C VAL A 49 7.48 4.87 11.39
N ASP A 50 6.62 5.08 10.39
CA ASP A 50 5.21 4.73 10.52
C ASP A 50 4.98 3.25 10.25
N TYR A 51 5.82 2.67 9.40
CA TYR A 51 5.72 1.26 9.05
C TYR A 51 6.92 0.48 9.56
N GLY A 52 8.05 0.64 8.90
CA GLY A 52 9.27 -0.05 9.29
C GLY A 52 9.67 0.24 10.73
N ARG A 53 9.17 -0.56 11.65
CA ARG A 53 9.48 -0.37 13.07
C ARG A 53 9.07 -1.60 13.88
N ARG A 54 7.88 -2.12 13.59
CA ARG A 54 7.37 -3.29 14.30
C ARG A 54 7.52 -4.55 13.46
N LYS A 55 6.80 -4.61 12.35
CA LYS A 55 6.85 -5.77 11.46
C LYS A 55 7.27 -5.35 10.05
N ARG A 56 8.56 -5.47 9.76
CA ARG A 56 9.09 -5.10 8.45
C ARG A 56 8.57 -6.05 7.38
N ASN A 57 8.74 -7.35 7.61
CA ASN A 57 8.29 -8.36 6.66
C ASN A 57 6.79 -8.24 6.38
N ALA A 58 6.01 -8.01 7.44
CA ALA A 58 4.58 -7.87 7.31
C ALA A 58 4.21 -6.78 6.30
N PHE A 59 5.03 -5.74 6.26
CA PHE A 59 4.80 -4.63 5.34
C PHE A 59 4.91 -5.10 3.88
N ARG A 60 5.92 -5.92 3.62
CA ARG A 60 6.14 -6.45 2.27
C ARG A 60 4.94 -7.28 1.81
N ILE A 61 4.47 -8.16 2.70
CA ILE A 61 3.33 -9.01 2.39
C ILE A 61 2.07 -8.18 2.15
N GLN A 62 1.86 -7.19 3.03
CA GLN A 62 0.68 -6.32 2.92
C GLN A 62 0.69 -5.57 1.59
N VAL A 63 1.84 -5.03 1.22
CA VAL A 63 1.97 -4.30 -0.04
C VAL A 63 1.77 -5.23 -1.24
N GLU A 64 2.17 -6.48 -1.08
CA GLU A 64 2.02 -7.47 -2.14
C GLU A 64 0.55 -7.73 -2.45
N LYS A 65 -0.22 -7.98 -1.40
CA LYS A 65 -1.65 -8.25 -1.56
C LYS A 65 -2.41 -6.97 -1.86
N VAL A 66 -2.01 -5.88 -1.22
CA VAL A 66 -2.65 -4.58 -1.43
C VAL A 66 -2.45 -4.10 -2.86
N PHE A 67 -1.32 -4.46 -3.46
CA PHE A 67 -1.01 -4.06 -4.82
C PHE A 67 -1.92 -4.77 -5.81
N SER A 68 -2.23 -6.03 -5.54
CA SER A 68 -3.09 -6.82 -6.41
C SER A 68 -4.55 -6.41 -6.26
N ILE A 69 -4.93 -6.04 -5.05
CA ILE A 69 -6.31 -5.64 -4.77
C ILE A 69 -6.60 -4.23 -5.27
N ILE A 70 -5.68 -3.30 -5.03
CA ILE A 70 -5.87 -1.92 -5.46
C ILE A 70 -6.17 -1.85 -6.96
N SER A 71 -5.57 -2.75 -7.73
CA SER A 71 -5.78 -2.78 -9.17
C SER A 71 -7.15 -3.36 -9.52
N SER A 72 -7.49 -4.48 -8.89
CA SER A 72 -8.77 -5.14 -9.14
C SER A 72 -9.94 -4.37 -8.51
N GLU A 73 -9.80 -4.04 -7.23
CA GLU A 73 -10.85 -3.32 -6.52
C GLU A 73 -11.11 -1.95 -7.14
N LYS A 74 -10.05 -1.20 -7.37
CA LYS A 74 -10.18 0.14 -7.96
C LYS A 74 -10.32 0.05 -9.48
N GLU A 75 -9.36 -0.61 -10.13
CA GLU A 75 -9.38 -0.74 -11.58
C GLU A 75 -9.28 0.61 -12.26
N LEU A 76 -8.64 0.64 -13.42
CA LEU A 76 -8.47 1.88 -14.18
C LEU A 76 -8.24 1.59 -15.66
N LYS A 77 -8.80 0.47 -16.13
CA LYS A 77 -8.66 0.09 -17.53
C LYS A 77 -9.85 0.56 -18.34
N ASN A 78 -9.57 1.08 -19.54
CA ASN A 78 -10.62 1.57 -20.43
C ASN A 78 -11.01 0.52 -21.46
N MET A 5 -15.31 -17.13 7.25
CA MET A 5 -14.32 -18.01 7.94
C MET A 5 -13.07 -18.19 7.09
N LYS A 6 -12.55 -17.09 6.56
CA LYS A 6 -11.36 -17.12 5.72
C LYS A 6 -10.13 -16.73 6.53
N PRO A 7 -9.00 -17.44 6.33
CA PRO A 7 -7.75 -17.16 7.04
C PRO A 7 -6.95 -16.03 6.38
N ARG A 8 -7.60 -14.89 6.18
CA ARG A 8 -6.94 -13.74 5.55
C ARG A 8 -7.14 -12.48 6.39
N PRO A 9 -6.26 -12.25 7.38
CA PRO A 9 -6.33 -11.07 8.26
C PRO A 9 -5.99 -9.78 7.52
N GLY A 10 -6.47 -8.67 8.06
CA GLY A 10 -6.20 -7.38 7.44
C GLY A 10 -7.47 -6.60 7.15
N VAL A 11 -7.66 -5.49 7.85
CA VAL A 11 -8.83 -4.65 7.66
C VAL A 11 -8.78 -3.42 8.56
N PHE A 12 -8.32 -3.62 9.79
CA PHE A 12 -8.23 -2.53 10.76
C PHE A 12 -7.08 -1.58 10.40
N VAL A 13 -5.86 -2.01 10.69
CA VAL A 13 -4.68 -1.19 10.41
C VAL A 13 -4.02 -1.60 9.09
N ASP A 14 -4.81 -2.19 8.20
CA ASP A 14 -4.30 -2.64 6.90
C ASP A 14 -4.87 -1.81 5.76
N ARG A 15 -6.06 -1.25 5.98
CA ARG A 15 -6.71 -0.43 4.96
C ARG A 15 -5.83 0.74 4.54
N LYS A 16 -5.01 1.23 5.46
CA LYS A 16 -4.11 2.35 5.17
C LYS A 16 -3.20 2.02 4.00
N LEU A 17 -2.68 0.81 3.97
CA LEU A 17 -1.80 0.38 2.89
C LEU A 17 -2.47 0.55 1.53
N LYS A 18 -3.75 0.24 1.47
CA LYS A 18 -4.52 0.36 0.23
C LYS A 18 -4.82 1.82 -0.06
N GLN A 19 -5.38 2.52 0.93
CA GLN A 19 -5.73 3.93 0.77
C GLN A 19 -4.48 4.78 0.47
N ARG A 20 -3.40 4.52 1.20
CA ARG A 20 -2.17 5.26 1.02
C ARG A 20 -1.57 4.99 -0.36
N VAL A 21 -1.60 3.72 -0.78
CA VAL A 21 -1.06 3.34 -2.08
C VAL A 21 -1.89 3.94 -3.21
N ILE A 22 -3.20 3.72 -3.17
CA ILE A 22 -4.09 4.24 -4.20
C ILE A 22 -3.91 5.75 -4.37
N GLN A 23 -3.68 6.44 -3.26
CA GLN A 23 -3.49 7.89 -3.30
C GLN A 23 -2.13 8.24 -3.89
N TYR A 24 -1.15 7.36 -3.66
CA TYR A 24 0.20 7.58 -4.17
C TYR A 24 0.26 7.36 -5.69
N LEU A 25 -0.47 6.36 -6.16
CA LEU A 25 -0.49 6.06 -7.60
C LEU A 25 -1.29 7.11 -8.36
N SER A 26 -2.42 7.51 -7.80
CA SER A 26 -3.28 8.51 -8.43
C SER A 26 -2.55 9.85 -8.55
N SER A 27 -1.98 10.31 -7.45
CA SER A 27 -1.26 11.58 -7.44
C SER A 27 -0.08 11.55 -8.42
N ASN A 28 0.49 10.37 -8.60
CA ASN A 28 1.62 10.20 -9.51
C ASN A 28 1.99 8.73 -9.66
N ARG A 29 2.69 8.41 -10.73
CA ARG A 29 3.11 7.03 -11.00
C ARG A 29 3.98 6.51 -9.85
N CYS A 30 4.77 7.40 -9.27
CA CYS A 30 5.65 7.02 -8.16
C CYS A 30 6.63 5.93 -8.59
N GLY A 31 6.99 5.94 -9.87
CA GLY A 31 7.92 4.94 -10.38
C GLY A 31 7.42 4.30 -11.66
N LYS A 32 8.35 3.99 -12.56
CA LYS A 32 8.00 3.37 -13.84
C LYS A 32 7.59 1.92 -13.65
N TYR A 33 6.28 1.69 -13.56
CA TYR A 33 5.76 0.34 -13.37
C TYR A 33 6.26 -0.27 -12.07
N VAL A 34 6.03 0.45 -10.97
CA VAL A 34 6.46 -0.02 -9.66
C VAL A 34 5.82 -1.36 -9.31
N ASP A 35 6.63 -2.30 -8.85
CA ASP A 35 6.13 -3.63 -8.49
C ASP A 35 5.86 -3.71 -6.98
N THR A 36 5.39 -4.87 -6.54
CA THR A 36 5.09 -5.09 -5.13
C THR A 36 6.34 -4.90 -4.29
N GLY A 37 7.37 -5.67 -4.58
CA GLY A 37 8.62 -5.57 -3.84
C GLY A 37 9.21 -4.18 -3.90
N ILE A 38 8.99 -3.49 -5.01
CA ILE A 38 9.51 -2.14 -5.20
C ILE A 38 8.68 -1.14 -4.41
N LEU A 39 7.36 -1.27 -4.49
CA LEU A 39 6.46 -0.38 -3.79
C LEU A 39 6.65 -0.47 -2.28
N ALA A 40 6.79 -1.71 -1.79
CA ALA A 40 6.99 -1.94 -0.36
C ALA A 40 8.24 -1.24 0.14
N SER A 41 9.28 -1.21 -0.70
CA SER A 41 10.54 -0.57 -0.34
C SER A 41 10.39 0.95 -0.39
N ASP A 42 9.66 1.45 -1.37
CA ASP A 42 9.45 2.89 -1.52
C ASP A 42 8.46 3.40 -0.48
N LEU A 43 7.43 2.61 -0.21
CA LEU A 43 6.41 2.99 0.77
C LEU A 43 7.01 3.07 2.17
N GLN A 44 7.84 2.09 2.52
CA GLN A 44 8.48 2.05 3.83
C GLN A 44 9.59 3.09 3.94
N ARG A 45 10.24 3.38 2.81
CA ARG A 45 11.33 4.35 2.80
C ARG A 45 10.82 5.74 3.16
N LEU A 46 9.72 6.14 2.54
CA LEU A 46 9.12 7.45 2.80
C LEU A 46 8.43 7.46 4.16
N TYR A 47 7.85 6.32 4.54
CA TYR A 47 7.16 6.19 5.82
C TYR A 47 7.90 5.24 6.74
N SER A 48 9.22 5.40 6.81
CA SER A 48 10.05 4.55 7.65
C SER A 48 9.65 4.67 9.11
N VAL A 49 9.48 5.90 9.58
CA VAL A 49 9.09 6.15 10.97
C VAL A 49 7.68 5.65 11.24
N ASP A 50 6.83 5.68 10.23
CA ASP A 50 5.46 5.24 10.36
C ASP A 50 5.34 3.73 10.11
N TYR A 51 5.45 3.34 8.85
CA TYR A 51 5.36 1.92 8.48
C TYR A 51 6.51 1.13 9.10
N GLY A 52 7.73 1.51 8.76
CA GLY A 52 8.89 0.81 9.29
C GLY A 52 8.97 0.87 10.80
N ARG A 53 8.29 -0.06 11.46
CA ARG A 53 8.28 -0.11 12.92
C ARG A 53 8.36 -1.55 13.42
N ARG A 54 7.30 -2.32 13.14
CA ARG A 54 7.24 -3.72 13.57
C ARG A 54 6.93 -4.64 12.39
N LYS A 55 7.27 -5.91 12.54
CA LYS A 55 7.03 -6.92 11.50
C LYS A 55 7.41 -6.38 10.11
N ARG A 56 8.70 -6.49 9.78
CA ARG A 56 9.18 -6.02 8.49
C ARG A 56 8.63 -6.86 7.35
N ASN A 57 8.77 -8.17 7.45
CA ASN A 57 8.27 -9.08 6.42
C ASN A 57 6.77 -8.90 6.20
N ALA A 58 6.04 -8.71 7.29
CA ALA A 58 4.60 -8.52 7.21
C ALA A 58 4.23 -7.38 6.26
N PHE A 59 4.98 -6.29 6.35
CA PHE A 59 4.74 -5.13 5.50
C PHE A 59 4.86 -5.51 4.02
N ARG A 60 5.87 -6.31 3.71
CA ARG A 60 6.10 -6.75 2.34
C ARG A 60 4.89 -7.50 1.81
N ILE A 61 4.37 -8.43 2.62
CA ILE A 61 3.21 -9.21 2.23
C ILE A 61 1.97 -8.33 2.11
N GLN A 62 1.86 -7.35 3.01
CA GLN A 62 0.72 -6.44 3.00
C GLN A 62 0.66 -5.66 1.68
N VAL A 63 1.81 -5.17 1.24
CA VAL A 63 1.88 -4.41 0.00
C VAL A 63 1.62 -5.31 -1.19
N GLU A 64 2.04 -6.56 -1.10
CA GLU A 64 1.84 -7.52 -2.19
C GLU A 64 0.36 -7.73 -2.45
N LYS A 65 -0.41 -7.97 -1.38
CA LYS A 65 -1.84 -8.18 -1.49
C LYS A 65 -2.56 -6.87 -1.80
N VAL A 66 -2.07 -5.79 -1.22
CA VAL A 66 -2.66 -4.47 -1.42
C VAL A 66 -2.43 -3.98 -2.85
N PHE A 67 -1.30 -4.38 -3.43
CA PHE A 67 -0.97 -3.98 -4.79
C PHE A 67 -1.87 -4.69 -5.79
N SER A 68 -2.11 -5.98 -5.54
CA SER A 68 -2.96 -6.78 -6.42
C SER A 68 -4.43 -6.44 -6.22
N ILE A 69 -4.81 -6.07 -5.00
CA ILE A 69 -6.19 -5.73 -4.69
C ILE A 69 -6.57 -4.35 -5.23
N ILE A 70 -5.67 -3.37 -5.04
CA ILE A 70 -5.94 -2.02 -5.51
C ILE A 70 -6.26 -2.01 -7.00
N SER A 71 -5.58 -2.87 -7.75
CA SER A 71 -5.80 -2.95 -9.19
C SER A 71 -7.11 -3.66 -9.51
N SER A 72 -7.38 -4.75 -8.82
CA SER A 72 -8.60 -5.52 -9.04
C SER A 72 -9.83 -4.80 -8.48
N GLU A 73 -9.73 -4.39 -7.22
CA GLU A 73 -10.83 -3.70 -6.55
C GLU A 73 -11.14 -2.36 -7.21
N LYS A 74 -10.10 -1.55 -7.44
CA LYS A 74 -10.28 -0.24 -8.06
C LYS A 74 -10.35 -0.34 -9.58
N GLU A 75 -9.36 -1.01 -10.17
CA GLU A 75 -9.31 -1.18 -11.62
C GLU A 75 -9.09 0.17 -12.32
N LEU A 76 -8.04 0.24 -13.12
CA LEU A 76 -7.71 1.47 -13.83
C LEU A 76 -8.78 1.80 -14.87
N LYS A 77 -9.02 0.88 -15.80
CA LYS A 77 -10.03 1.08 -16.83
C LYS A 77 -10.77 -0.22 -17.13
N ASN A 78 -10.06 -1.17 -17.74
CA ASN A 78 -10.66 -2.46 -18.08
C ASN A 78 -10.24 -3.52 -17.08
N MET A 5 -25.91 2.31 19.17
CA MET A 5 -24.50 2.57 18.77
C MET A 5 -24.40 2.95 17.29
N LYS A 6 -23.19 3.18 16.82
CA LYS A 6 -22.96 3.55 15.43
C LYS A 6 -22.38 2.38 14.64
N PRO A 7 -22.76 2.24 13.36
CA PRO A 7 -22.26 1.17 12.50
C PRO A 7 -20.83 1.40 12.05
N ARG A 8 -19.88 0.85 12.79
CA ARG A 8 -18.46 1.00 12.47
C ARG A 8 -17.63 -0.08 13.16
N PRO A 9 -17.54 -1.28 12.54
CA PRO A 9 -16.76 -2.39 13.09
C PRO A 9 -15.33 -1.99 13.45
N GLY A 10 -14.58 -1.55 12.46
CA GLY A 10 -13.21 -1.14 12.69
C GLY A 10 -12.32 -1.38 11.49
N VAL A 11 -11.86 -0.31 10.86
CA VAL A 11 -11.00 -0.41 9.69
C VAL A 11 -9.74 0.43 9.86
N PHE A 12 -8.87 0.01 10.79
CA PHE A 12 -7.63 0.73 11.05
C PHE A 12 -6.47 -0.25 11.23
N VAL A 13 -6.56 -1.39 10.56
CA VAL A 13 -5.52 -2.41 10.66
C VAL A 13 -4.48 -2.22 9.56
N ASP A 14 -4.88 -2.43 8.32
CA ASP A 14 -3.98 -2.29 7.17
C ASP A 14 -4.71 -1.69 5.97
N ARG A 15 -5.87 -1.10 6.21
CA ARG A 15 -6.65 -0.49 5.13
C ARG A 15 -5.95 0.76 4.59
N LYS A 16 -5.22 1.44 5.46
CA LYS A 16 -4.50 2.65 5.05
C LYS A 16 -3.51 2.35 3.94
N LEU A 17 -2.93 1.15 3.98
CA LEU A 17 -1.97 0.74 2.95
C LEU A 17 -2.59 0.82 1.57
N LYS A 18 -3.86 0.43 1.45
CA LYS A 18 -4.56 0.47 0.17
C LYS A 18 -4.91 1.90 -0.21
N GLN A 19 -5.55 2.61 0.72
CA GLN A 19 -5.94 4.00 0.49
C GLN A 19 -4.73 4.88 0.19
N ARG A 20 -3.67 4.69 0.96
CA ARG A 20 -2.45 5.47 0.77
C ARG A 20 -1.80 5.15 -0.57
N VAL A 21 -1.81 3.87 -0.93
CA VAL A 21 -1.21 3.44 -2.20
C VAL A 21 -2.03 3.96 -3.38
N ILE A 22 -3.33 3.71 -3.38
CA ILE A 22 -4.20 4.16 -4.45
C ILE A 22 -4.05 5.65 -4.70
N GLN A 23 -3.93 6.41 -3.63
CA GLN A 23 -3.77 7.86 -3.73
C GLN A 23 -2.37 8.22 -4.24
N TYR A 24 -1.39 7.38 -3.90
CA TYR A 24 -0.02 7.61 -4.32
C TYR A 24 0.16 7.37 -5.82
N LEU A 25 -0.50 6.33 -6.33
CA LEU A 25 -0.41 6.00 -7.75
C LEU A 25 -1.18 7.02 -8.60
N SER A 26 -2.41 7.31 -8.18
CA SER A 26 -3.25 8.25 -8.89
C SER A 26 -2.61 9.63 -8.96
N SER A 27 -2.15 10.12 -7.81
CA SER A 27 -1.51 11.43 -7.73
C SER A 27 -0.25 11.46 -8.59
N ASN A 28 0.41 10.31 -8.72
CA ASN A 28 1.63 10.22 -9.50
C ASN A 28 2.04 8.76 -9.70
N ARG A 29 2.77 8.49 -10.77
CA ARG A 29 3.23 7.14 -11.07
C ARG A 29 4.13 6.61 -9.96
N CYS A 30 4.89 7.50 -9.34
CA CYS A 30 5.80 7.13 -8.26
C CYS A 30 6.83 6.12 -8.75
N GLY A 31 7.19 6.22 -10.03
CA GLY A 31 8.18 5.32 -10.59
C GLY A 31 7.82 4.87 -11.99
N LYS A 32 8.09 3.60 -12.30
CA LYS A 32 7.79 3.06 -13.62
C LYS A 32 7.13 1.69 -13.50
N TYR A 33 7.80 0.78 -12.81
CA TYR A 33 7.28 -0.58 -12.63
C TYR A 33 7.30 -0.96 -11.16
N VAL A 34 6.95 -0.02 -10.30
CA VAL A 34 6.93 -0.25 -8.86
C VAL A 34 6.04 -1.45 -8.52
N ASP A 35 6.65 -2.63 -8.44
CA ASP A 35 5.92 -3.86 -8.12
C ASP A 35 5.64 -3.94 -6.62
N THR A 36 5.12 -5.07 -6.18
CA THR A 36 4.80 -5.29 -4.77
C THR A 36 6.03 -5.05 -3.89
N GLY A 37 7.12 -5.73 -4.22
CA GLY A 37 8.34 -5.59 -3.45
C GLY A 37 8.93 -4.20 -3.57
N ILE A 38 8.78 -3.58 -4.74
CA ILE A 38 9.31 -2.24 -4.96
C ILE A 38 8.46 -1.19 -4.25
N LEU A 39 7.15 -1.37 -4.28
CA LEU A 39 6.23 -0.43 -3.63
C LEU A 39 6.46 -0.40 -2.12
N ALA A 40 6.63 -1.59 -1.54
CA ALA A 40 6.86 -1.69 -0.11
C ALA A 40 8.11 -0.93 0.31
N SER A 41 9.16 -1.04 -0.50
CA SER A 41 10.42 -0.37 -0.21
C SER A 41 10.23 1.15 -0.19
N ASP A 42 9.60 1.68 -1.24
CA ASP A 42 9.36 3.12 -1.34
C ASP A 42 8.38 3.57 -0.27
N LEU A 43 7.26 2.86 -0.15
CA LEU A 43 6.25 3.19 0.83
C LEU A 43 6.81 3.14 2.26
N GLN A 44 7.68 2.16 2.50
CA GLN A 44 8.30 1.99 3.80
C GLN A 44 9.36 3.06 4.04
N ARG A 45 10.08 3.43 2.98
CA ARG A 45 11.13 4.44 3.09
C ARG A 45 10.56 5.78 3.50
N LEU A 46 9.49 6.20 2.83
CA LEU A 46 8.84 7.47 3.14
C LEU A 46 8.13 7.41 4.48
N TYR A 47 7.61 6.24 4.83
CA TYR A 47 6.91 6.06 6.08
C TYR A 47 7.67 5.11 7.01
N SER A 48 9.00 5.29 7.05
CA SER A 48 9.84 4.45 7.90
C SER A 48 9.45 4.60 9.38
N VAL A 49 9.07 5.81 9.76
CA VAL A 49 8.67 6.07 11.14
C VAL A 49 7.28 5.52 11.43
N ASP A 50 6.44 5.50 10.41
CA ASP A 50 5.07 5.01 10.55
C ASP A 50 4.99 3.51 10.27
N TYR A 51 5.19 3.13 9.01
CA TYR A 51 5.14 1.73 8.61
C TYR A 51 6.43 1.01 8.98
N GLY A 52 7.56 1.67 8.72
CA GLY A 52 8.85 1.07 9.02
C GLY A 52 8.94 0.51 10.42
N ARG A 53 8.70 -0.79 10.55
CA ARG A 53 8.73 -1.45 11.86
C ARG A 53 9.64 -2.68 11.81
N ARG A 54 9.65 -3.44 12.90
CA ARG A 54 10.47 -4.65 12.98
C ARG A 54 9.95 -5.72 12.04
N LYS A 55 8.63 -5.76 11.84
CA LYS A 55 8.01 -6.73 10.97
C LYS A 55 8.12 -6.31 9.51
N ARG A 56 9.35 -6.31 8.99
CA ARG A 56 9.59 -5.93 7.62
C ARG A 56 8.83 -6.84 6.65
N ASN A 57 8.82 -8.13 6.96
CA ASN A 57 8.12 -9.10 6.12
C ASN A 57 6.62 -8.85 6.12
N ALA A 58 6.09 -8.40 7.25
CA ALA A 58 4.67 -8.11 7.37
C ALA A 58 4.25 -7.02 6.40
N PHE A 59 5.01 -5.93 6.37
CA PHE A 59 4.71 -4.81 5.48
C PHE A 59 4.73 -5.26 4.02
N ARG A 60 5.63 -6.18 3.70
CA ARG A 60 5.75 -6.70 2.35
C ARG A 60 4.49 -7.43 1.93
N ILE A 61 3.95 -8.24 2.84
CA ILE A 61 2.73 -9.01 2.58
C ILE A 61 1.54 -8.08 2.41
N GLN A 62 1.47 -7.06 3.25
CA GLN A 62 0.37 -6.09 3.20
C GLN A 62 0.37 -5.36 1.87
N VAL A 63 1.55 -4.92 1.43
CA VAL A 63 1.67 -4.20 0.17
C VAL A 63 1.40 -5.12 -1.01
N GLU A 64 1.83 -6.37 -0.90
CA GLU A 64 1.63 -7.35 -1.95
C GLU A 64 0.15 -7.58 -2.21
N LYS A 65 -0.59 -7.92 -1.16
CA LYS A 65 -2.02 -8.15 -1.27
C LYS A 65 -2.76 -6.87 -1.61
N VAL A 66 -2.23 -5.74 -1.13
CA VAL A 66 -2.84 -4.45 -1.38
C VAL A 66 -2.55 -3.98 -2.80
N PHE A 67 -1.40 -4.36 -3.33
CA PHE A 67 -1.01 -3.96 -4.68
C PHE A 67 -1.88 -4.69 -5.71
N SER A 68 -2.17 -5.96 -5.42
CA SER A 68 -2.98 -6.77 -6.32
C SER A 68 -4.46 -6.38 -6.24
N ILE A 69 -4.90 -6.01 -5.04
CA ILE A 69 -6.29 -5.63 -4.82
C ILE A 69 -6.60 -4.24 -5.39
N ILE A 70 -5.69 -3.29 -5.16
CA ILE A 70 -5.87 -1.93 -5.65
C ILE A 70 -6.07 -1.90 -7.17
N SER A 71 -5.37 -2.81 -7.86
CA SER A 71 -5.48 -2.87 -9.32
C SER A 71 -6.82 -3.45 -9.75
N SER A 72 -7.19 -4.59 -9.17
CA SER A 72 -8.44 -5.25 -9.51
C SER A 72 -9.65 -4.52 -8.93
N GLU A 73 -9.50 -3.96 -7.74
CA GLU A 73 -10.59 -3.27 -7.07
C GLU A 73 -10.85 -1.89 -7.69
N LYS A 74 -9.80 -1.10 -7.86
CA LYS A 74 -9.95 0.23 -8.43
C LYS A 74 -9.91 0.20 -9.96
N GLU A 75 -9.25 -0.80 -10.51
CA GLU A 75 -9.14 -0.95 -11.96
C GLU A 75 -8.39 0.24 -12.57
N LEU A 76 -7.07 0.20 -12.48
CA LEU A 76 -6.23 1.27 -13.01
C LEU A 76 -5.26 0.73 -14.07
N LYS A 77 -5.68 -0.33 -14.75
CA LYS A 77 -4.85 -0.94 -15.78
C LYS A 77 -5.37 -0.61 -17.18
N ASN A 78 -5.83 0.62 -17.35
CA ASN A 78 -6.36 1.07 -18.63
C ASN A 78 -7.56 0.24 -19.04
N MET A 5 -17.38 -23.21 6.97
CA MET A 5 -16.14 -22.41 6.76
C MET A 5 -16.28 -21.00 7.36
N LYS A 6 -15.26 -20.57 8.09
CA LYS A 6 -15.28 -19.25 8.70
C LYS A 6 -14.80 -18.19 7.70
N PRO A 7 -15.36 -16.96 7.80
CA PRO A 7 -14.98 -15.86 6.91
C PRO A 7 -13.61 -15.30 7.22
N ARG A 8 -12.88 -14.92 6.17
CA ARG A 8 -11.53 -14.37 6.33
C ARG A 8 -11.60 -12.86 6.57
N PRO A 9 -11.22 -12.40 7.78
CA PRO A 9 -11.24 -10.97 8.11
C PRO A 9 -10.49 -10.13 7.08
N GLY A 10 -11.24 -9.30 6.36
CA GLY A 10 -10.64 -8.46 5.34
C GLY A 10 -9.86 -7.31 5.94
N VAL A 11 -10.12 -6.10 5.46
CA VAL A 11 -9.43 -4.91 5.95
C VAL A 11 -9.90 -4.54 7.35
N PHE A 12 -9.02 -3.93 8.13
CA PHE A 12 -9.35 -3.53 9.49
C PHE A 12 -8.36 -2.50 10.01
N VAL A 13 -7.12 -2.93 10.23
CA VAL A 13 -6.07 -2.05 10.73
C VAL A 13 -5.02 -1.77 9.66
N ASP A 14 -4.90 -2.69 8.70
CA ASP A 14 -3.92 -2.55 7.62
C ASP A 14 -4.57 -1.93 6.39
N ARG A 15 -5.68 -1.24 6.58
CA ARG A 15 -6.39 -0.59 5.47
C ARG A 15 -5.58 0.57 4.92
N LYS A 16 -4.80 1.22 5.79
CA LYS A 16 -3.98 2.36 5.39
C LYS A 16 -3.07 2.00 4.22
N LEU A 17 -2.58 0.77 4.22
CA LEU A 17 -1.68 0.32 3.15
C LEU A 17 -2.35 0.47 1.79
N LYS A 18 -3.63 0.10 1.72
CA LYS A 18 -4.38 0.21 0.47
C LYS A 18 -4.70 1.66 0.15
N GLN A 19 -5.22 2.38 1.13
CA GLN A 19 -5.57 3.79 0.96
C GLN A 19 -4.35 4.64 0.60
N ARG A 20 -3.28 4.47 1.36
CA ARG A 20 -2.06 5.22 1.12
C ARG A 20 -1.47 4.90 -0.24
N VAL A 21 -1.51 3.62 -0.62
CA VAL A 21 -0.99 3.18 -1.90
C VAL A 21 -1.81 3.76 -3.06
N ILE A 22 -3.12 3.58 -3.01
CA ILE A 22 -4.00 4.09 -4.06
C ILE A 22 -3.78 5.58 -4.27
N GLN A 23 -3.55 6.31 -3.20
CA GLN A 23 -3.32 7.74 -3.27
C GLN A 23 -1.95 8.05 -3.86
N TYR A 24 -1.00 7.15 -3.61
CA TYR A 24 0.36 7.32 -4.12
C TYR A 24 0.43 7.05 -5.62
N LEU A 25 -0.29 6.04 -6.08
CA LEU A 25 -0.29 5.69 -7.49
C LEU A 25 -1.08 6.70 -8.31
N SER A 26 -2.30 7.00 -7.85
CA SER A 26 -3.16 7.96 -8.53
C SER A 26 -2.48 9.31 -8.66
N SER A 27 -1.93 9.81 -7.56
CA SER A 27 -1.25 11.09 -7.56
C SER A 27 -0.05 11.08 -8.50
N ASN A 28 0.55 9.90 -8.67
CA ASN A 28 1.71 9.75 -9.56
C ASN A 28 2.16 8.30 -9.59
N ARG A 29 2.94 7.96 -10.62
CA ARG A 29 3.45 6.61 -10.78
C ARG A 29 4.38 6.23 -9.63
N CYS A 30 5.12 7.21 -9.13
CA CYS A 30 6.05 6.99 -8.03
C CYS A 30 7.10 5.96 -8.41
N GLY A 31 7.45 5.92 -9.69
CA GLY A 31 8.45 4.98 -10.17
C GLY A 31 8.02 4.27 -11.44
N LYS A 32 9.00 3.93 -12.27
CA LYS A 32 8.72 3.24 -13.53
C LYS A 32 8.39 1.78 -13.29
N TYR A 33 7.12 1.42 -13.54
CA TYR A 33 6.66 0.05 -13.35
C TYR A 33 6.84 -0.38 -11.90
N VAL A 34 6.44 0.48 -10.98
CA VAL A 34 6.56 0.18 -9.55
C VAL A 34 5.80 -1.08 -9.18
N ASP A 35 6.54 -2.11 -8.75
CA ASP A 35 5.94 -3.38 -8.37
C ASP A 35 5.71 -3.44 -6.86
N THR A 36 5.30 -4.60 -6.37
CA THR A 36 5.06 -4.81 -4.95
C THR A 36 6.34 -4.60 -4.15
N GLY A 37 7.38 -5.35 -4.50
CA GLY A 37 8.65 -5.23 -3.79
C GLY A 37 9.21 -3.83 -3.85
N ILE A 38 9.00 -3.15 -4.97
CA ILE A 38 9.49 -1.80 -5.16
C ILE A 38 8.59 -0.79 -4.43
N LEU A 39 7.28 -1.04 -4.46
CA LEU A 39 6.31 -0.17 -3.81
C LEU A 39 6.42 -0.28 -2.30
N ALA A 40 6.46 -1.51 -1.80
CA ALA A 40 6.55 -1.76 -0.36
C ALA A 40 7.80 -1.11 0.22
N SER A 41 8.93 -1.32 -0.44
CA SER A 41 10.20 -0.75 0.01
C SER A 41 10.14 0.77 0.02
N ASP A 42 9.54 1.34 -1.02
CA ASP A 42 9.42 2.79 -1.14
C ASP A 42 8.43 3.34 -0.11
N LEU A 43 7.34 2.61 0.09
CA LEU A 43 6.31 3.02 1.04
C LEU A 43 6.88 3.16 2.44
N GLN A 44 7.70 2.18 2.84
CA GLN A 44 8.31 2.20 4.17
C GLN A 44 9.44 3.22 4.24
N ARG A 45 10.15 3.39 3.13
CA ARG A 45 11.26 4.33 3.07
C ARG A 45 10.76 5.77 3.28
N LEU A 46 9.65 6.11 2.63
CA LEU A 46 9.10 7.46 2.75
C LEU A 46 8.35 7.62 4.07
N TYR A 47 7.71 6.55 4.52
CA TYR A 47 6.95 6.58 5.77
C TYR A 47 7.68 5.80 6.86
N SER A 48 8.99 6.01 6.96
CA SER A 48 9.81 5.34 7.96
C SER A 48 9.34 5.69 9.38
N VAL A 49 8.86 6.91 9.54
CA VAL A 49 8.38 7.38 10.83
C VAL A 49 7.01 6.77 11.16
N ASP A 50 6.18 6.62 10.14
CA ASP A 50 4.85 6.05 10.32
C ASP A 50 4.91 4.53 10.39
N TYR A 51 5.49 3.91 9.37
CA TYR A 51 5.61 2.46 9.32
C TYR A 51 6.93 2.00 9.93
N GLY A 52 8.03 2.43 9.34
CA GLY A 52 9.34 2.07 9.84
C GLY A 52 9.57 0.56 9.82
N ARG A 53 9.77 -0.02 10.99
CA ARG A 53 10.01 -1.45 11.10
C ARG A 53 8.72 -2.18 11.46
N ARG A 54 7.62 -1.76 10.85
CA ARG A 54 6.32 -2.38 11.10
C ARG A 54 6.19 -3.69 10.35
N LYS A 55 6.65 -4.78 10.98
CA LYS A 55 6.59 -6.10 10.37
C LYS A 55 7.32 -6.12 9.03
N ARG A 56 8.49 -6.76 9.03
CA ARG A 56 9.30 -6.86 7.83
C ARG A 56 8.63 -7.72 6.76
N ASN A 57 8.34 -8.97 7.12
CA ASN A 57 7.71 -9.91 6.21
C ASN A 57 6.23 -9.58 6.02
N ALA A 58 5.52 -9.39 7.13
CA ALA A 58 4.11 -9.08 7.09
C ALA A 58 3.82 -7.89 6.18
N PHE A 59 4.56 -6.80 6.37
CA PHE A 59 4.38 -5.61 5.56
C PHE A 59 4.57 -5.91 4.08
N ARG A 60 5.63 -6.65 3.76
CA ARG A 60 5.91 -7.01 2.38
C ARG A 60 4.75 -7.77 1.76
N ILE A 61 4.30 -8.81 2.46
CA ILE A 61 3.17 -9.61 1.99
C ILE A 61 1.91 -8.76 1.86
N GLN A 62 1.78 -7.78 2.75
CA GLN A 62 0.63 -6.88 2.73
C GLN A 62 0.63 -6.03 1.47
N VAL A 63 1.78 -5.46 1.14
CA VAL A 63 1.92 -4.63 -0.04
C VAL A 63 1.66 -5.43 -1.30
N GLU A 64 2.12 -6.67 -1.31
CA GLU A 64 1.93 -7.55 -2.46
C GLU A 64 0.45 -7.77 -2.73
N LYS A 65 -0.30 -8.05 -1.67
CA LYS A 65 -1.74 -8.28 -1.80
C LYS A 65 -2.47 -6.96 -2.00
N VAL A 66 -2.00 -5.91 -1.32
CA VAL A 66 -2.61 -4.59 -1.43
C VAL A 66 -2.44 -4.03 -2.84
N PHE A 67 -1.34 -4.37 -3.48
CA PHE A 67 -1.07 -3.89 -4.83
C PHE A 67 -2.00 -4.56 -5.84
N SER A 68 -2.21 -5.86 -5.67
CA SER A 68 -3.09 -6.62 -6.56
C SER A 68 -4.56 -6.32 -6.29
N ILE A 69 -4.88 -6.05 -5.02
CA ILE A 69 -6.26 -5.76 -4.63
C ILE A 69 -6.70 -4.36 -5.05
N ILE A 70 -5.83 -3.38 -4.85
CA ILE A 70 -6.14 -2.00 -5.20
C ILE A 70 -6.56 -1.88 -6.67
N SER A 71 -5.95 -2.69 -7.52
CA SER A 71 -6.25 -2.67 -8.95
C SER A 71 -7.62 -3.27 -9.23
N SER A 72 -7.86 -4.47 -8.71
CA SER A 72 -9.14 -5.15 -8.91
C SER A 72 -10.26 -4.52 -8.09
N GLU A 73 -10.00 -4.32 -6.81
CA GLU A 73 -10.99 -3.72 -5.91
C GLU A 73 -11.43 -2.35 -6.41
N LYS A 74 -10.47 -1.51 -6.74
CA LYS A 74 -10.76 -0.16 -7.23
C LYS A 74 -11.06 -0.18 -8.72
N GLU A 75 -10.12 -0.71 -9.50
CA GLU A 75 -10.29 -0.79 -10.95
C GLU A 75 -10.44 0.60 -11.56
N LEU A 76 -9.45 1.02 -12.32
CA LEU A 76 -9.46 2.34 -12.96
C LEU A 76 -10.36 2.31 -14.20
N LYS A 77 -10.24 1.26 -15.00
CA LYS A 77 -11.03 1.12 -16.21
C LYS A 77 -10.73 -0.20 -16.91
N ASN A 78 -10.54 -1.25 -16.12
CA ASN A 78 -10.24 -2.57 -16.68
C ASN A 78 -11.24 -3.60 -16.18
N MET A 5 -7.15 -1.25 17.91
CA MET A 5 -6.75 -2.60 18.37
C MET A 5 -7.95 -3.50 18.58
N LYS A 6 -8.48 -4.06 17.50
CA LYS A 6 -9.64 -4.94 17.57
C LYS A 6 -9.21 -6.39 17.76
N PRO A 7 -10.05 -7.20 18.42
CA PRO A 7 -9.75 -8.62 18.67
C PRO A 7 -9.82 -9.45 17.40
N ARG A 8 -8.68 -9.91 16.92
CA ARG A 8 -8.61 -10.73 15.71
C ARG A 8 -9.16 -9.96 14.51
N PRO A 9 -8.49 -8.87 14.11
CA PRO A 9 -8.92 -8.04 12.98
C PRO A 9 -9.04 -8.86 11.69
N GLY A 10 -9.11 -8.16 10.56
CA GLY A 10 -9.23 -8.83 9.28
C GLY A 10 -8.78 -7.96 8.13
N VAL A 11 -9.38 -6.78 8.01
CA VAL A 11 -9.04 -5.85 6.95
C VAL A 11 -9.59 -4.46 7.23
N PHE A 12 -9.51 -4.04 8.48
CA PHE A 12 -10.01 -2.73 8.89
C PHE A 12 -8.86 -1.79 9.25
N VAL A 13 -7.77 -2.37 9.76
CA VAL A 13 -6.60 -1.59 10.14
C VAL A 13 -5.57 -1.54 9.02
N ASP A 14 -5.64 -2.52 8.11
CA ASP A 14 -4.71 -2.58 6.98
C ASP A 14 -5.25 -1.81 5.77
N ARG A 15 -6.29 -1.02 5.98
CA ARG A 15 -6.88 -0.22 4.91
C ARG A 15 -5.94 0.89 4.47
N LYS A 16 -5.14 1.40 5.41
CA LYS A 16 -4.19 2.46 5.12
C LYS A 16 -3.27 2.08 3.97
N LEU A 17 -2.82 0.84 3.97
CA LEU A 17 -1.92 0.36 2.92
C LEU A 17 -2.56 0.52 1.54
N LYS A 18 -3.85 0.20 1.47
CA LYS A 18 -4.58 0.31 0.20
C LYS A 18 -4.89 1.78 -0.12
N GLN A 19 -5.49 2.48 0.83
CA GLN A 19 -5.84 3.88 0.65
C GLN A 19 -4.60 4.73 0.38
N ARG A 20 -3.53 4.47 1.13
CA ARG A 20 -2.28 5.20 0.97
C ARG A 20 -1.65 4.92 -0.38
N VAL A 21 -1.68 3.64 -0.78
CA VAL A 21 -1.10 3.24 -2.06
C VAL A 21 -1.91 3.81 -3.22
N ILE A 22 -3.22 3.60 -3.21
CA ILE A 22 -4.08 4.10 -4.28
C ILE A 22 -3.90 5.61 -4.47
N GLN A 23 -3.73 6.32 -3.37
CA GLN A 23 -3.54 7.77 -3.41
C GLN A 23 -2.15 8.12 -3.95
N TYR A 24 -1.18 7.25 -3.67
CA TYR A 24 0.18 7.47 -4.12
C TYR A 24 0.32 7.26 -5.63
N LEU A 25 -0.36 6.24 -6.16
CA LEU A 25 -0.31 5.95 -7.58
C LEU A 25 -1.11 6.99 -8.37
N SER A 26 -2.28 7.35 -7.86
CA SER A 26 -3.14 8.32 -8.52
C SER A 26 -2.48 9.69 -8.55
N SER A 27 -2.00 10.14 -7.40
CA SER A 27 -1.35 11.44 -7.29
C SER A 27 -0.10 11.48 -8.16
N ASN A 28 0.67 10.40 -8.14
CA ASN A 28 1.89 10.31 -8.92
C ASN A 28 2.21 8.86 -9.28
N ARG A 29 3.10 8.68 -10.25
CA ARG A 29 3.49 7.34 -10.69
C ARG A 29 4.24 6.60 -9.59
N CYS A 30 5.19 7.29 -8.96
CA CYS A 30 5.99 6.70 -7.90
C CYS A 30 6.73 5.46 -8.39
N GLY A 31 7.90 5.67 -9.00
CA GLY A 31 8.69 4.57 -9.51
C GLY A 31 8.01 3.86 -10.66
N LYS A 32 8.57 4.03 -11.86
CA LYS A 32 8.01 3.41 -13.05
C LYS A 32 7.97 1.88 -12.91
N TYR A 33 6.78 1.31 -13.13
CA TYR A 33 6.60 -0.13 -13.03
C TYR A 33 6.89 -0.61 -11.60
N VAL A 34 6.42 0.15 -10.62
CA VAL A 34 6.62 -0.19 -9.22
C VAL A 34 5.87 -1.47 -8.85
N ASP A 35 6.63 -2.54 -8.61
CA ASP A 35 6.04 -3.82 -8.25
C ASP A 35 5.76 -3.90 -6.75
N THR A 36 5.30 -5.07 -6.30
CA THR A 36 5.00 -5.27 -4.89
C THR A 36 6.24 -5.02 -4.03
N GLY A 37 7.32 -5.75 -4.31
CA GLY A 37 8.54 -5.59 -3.56
C GLY A 37 9.11 -4.19 -3.66
N ILE A 38 8.91 -3.56 -4.81
CA ILE A 38 9.40 -2.21 -5.04
C ILE A 38 8.54 -1.18 -4.32
N LEU A 39 7.23 -1.38 -4.36
CA LEU A 39 6.30 -0.46 -3.71
C LEU A 39 6.48 -0.48 -2.19
N ALA A 40 6.61 -1.68 -1.63
CA ALA A 40 6.80 -1.84 -0.19
C ALA A 40 8.04 -1.10 0.27
N SER A 41 9.09 -1.15 -0.54
CA SER A 41 10.35 -0.48 -0.21
C SER A 41 10.20 1.03 -0.30
N ASP A 42 9.39 1.49 -1.24
CA ASP A 42 9.15 2.91 -1.44
C ASP A 42 8.20 3.46 -0.37
N LEU A 43 7.14 2.70 -0.10
CA LEU A 43 6.15 3.10 0.89
C LEU A 43 6.80 3.24 2.28
N GLN A 44 7.69 2.31 2.60
CA GLN A 44 8.37 2.33 3.89
C GLN A 44 9.43 3.43 3.94
N ARG A 45 10.13 3.63 2.83
CA ARG A 45 11.17 4.65 2.76
C ARG A 45 10.60 6.03 3.08
N LEU A 46 9.48 6.36 2.44
CA LEU A 46 8.83 7.64 2.65
C LEU A 46 8.18 7.71 4.02
N TYR A 47 7.67 6.57 4.49
CA TYR A 47 7.03 6.50 5.80
C TYR A 47 7.78 5.54 6.71
N SER A 48 9.08 5.76 6.87
CA SER A 48 9.91 4.90 7.71
C SER A 48 9.49 5.02 9.17
N VAL A 49 9.29 6.25 9.64
CA VAL A 49 8.89 6.49 11.02
C VAL A 49 7.54 5.83 11.32
N ASP A 50 6.68 5.76 10.31
CA ASP A 50 5.36 5.17 10.47
C ASP A 50 5.36 3.70 10.06
N TYR A 51 5.44 3.45 8.75
CA TYR A 51 5.45 2.09 8.23
C TYR A 51 6.72 1.35 8.60
N GLY A 52 7.87 1.96 8.30
CA GLY A 52 9.14 1.34 8.62
C GLY A 52 9.43 1.29 10.10
N ARG A 53 8.60 0.53 10.83
CA ARG A 53 8.77 0.40 12.27
C ARG A 53 9.06 -1.05 12.65
N ARG A 54 8.17 -1.95 12.22
CA ARG A 54 8.34 -3.37 12.52
C ARG A 54 7.69 -4.23 11.43
N LYS A 55 7.86 -5.55 11.54
CA LYS A 55 7.30 -6.47 10.57
C LYS A 55 7.85 -6.22 9.18
N ARG A 56 9.10 -6.61 8.96
CA ARG A 56 9.75 -6.41 7.68
C ARG A 56 9.09 -7.28 6.61
N ASN A 57 8.95 -8.57 6.90
CA ASN A 57 8.34 -9.51 5.96
C ASN A 57 6.83 -9.29 5.88
N ALA A 58 6.20 -9.17 7.05
CA ALA A 58 4.75 -8.97 7.12
C ALA A 58 4.32 -7.77 6.28
N PHE A 59 5.10 -6.69 6.35
CA PHE A 59 4.80 -5.49 5.58
C PHE A 59 4.78 -5.79 4.09
N ARG A 60 5.74 -6.59 3.64
CA ARG A 60 5.83 -6.96 2.23
C ARG A 60 4.58 -7.70 1.78
N ILE A 61 4.09 -8.59 2.64
CA ILE A 61 2.90 -9.38 2.33
C ILE A 61 1.69 -8.46 2.18
N GLN A 62 1.60 -7.45 3.04
CA GLN A 62 0.48 -6.52 3.00
C GLN A 62 0.47 -5.75 1.68
N VAL A 63 1.64 -5.26 1.29
CA VAL A 63 1.77 -4.51 0.04
C VAL A 63 1.52 -5.40 -1.17
N GLU A 64 1.91 -6.67 -1.05
CA GLU A 64 1.72 -7.63 -2.13
C GLU A 64 0.24 -7.84 -2.43
N LYS A 65 -0.53 -8.06 -1.37
CA LYS A 65 -1.98 -8.27 -1.50
C LYS A 65 -2.69 -6.95 -1.80
N VAL A 66 -2.19 -5.87 -1.23
CA VAL A 66 -2.78 -4.55 -1.43
C VAL A 66 -2.53 -4.06 -2.85
N PHE A 67 -1.40 -4.45 -3.43
CA PHE A 67 -1.06 -4.06 -4.78
C PHE A 67 -1.98 -4.73 -5.80
N SER A 68 -2.28 -6.01 -5.57
CA SER A 68 -3.15 -6.76 -6.47
C SER A 68 -4.61 -6.36 -6.30
N ILE A 69 -5.00 -6.02 -5.06
CA ILE A 69 -6.37 -5.65 -4.77
C ILE A 69 -6.69 -4.23 -5.27
N ILE A 70 -5.78 -3.28 -5.03
CA ILE A 70 -5.99 -1.91 -5.47
C ILE A 70 -6.30 -1.84 -6.96
N SER A 71 -5.68 -2.73 -7.72
CA SER A 71 -5.88 -2.78 -9.16
C SER A 71 -7.25 -3.39 -9.51
N SER A 72 -7.57 -4.50 -8.87
CA SER A 72 -8.83 -5.18 -9.11
C SER A 72 -10.01 -4.45 -8.49
N GLU A 73 -9.89 -4.10 -7.22
CA GLU A 73 -10.95 -3.39 -6.51
C GLU A 73 -11.23 -2.03 -7.15
N LYS A 74 -10.18 -1.26 -7.39
CA LYS A 74 -10.33 0.06 -8.00
C LYS A 74 -10.50 -0.05 -9.51
N GLU A 75 -9.55 -0.72 -10.15
CA GLU A 75 -9.59 -0.89 -11.61
C GLU A 75 -9.66 0.45 -12.31
N LEU A 76 -9.08 1.48 -11.70
CA LEU A 76 -9.08 2.82 -12.27
C LEU A 76 -7.97 3.67 -11.67
N LYS A 77 -7.84 4.90 -12.16
CA LYS A 77 -6.82 5.82 -11.67
C LYS A 77 -7.21 7.26 -11.96
N ASN A 78 -7.50 8.01 -10.89
CA ASN A 78 -7.88 9.41 -11.03
C ASN A 78 -9.16 9.55 -11.86
N MET A 5 -18.31 8.29 25.56
CA MET A 5 -17.59 7.64 26.68
C MET A 5 -16.19 7.21 26.25
N LYS A 6 -16.14 6.21 25.38
CA LYS A 6 -14.86 5.70 24.88
C LYS A 6 -14.43 6.45 23.62
N PRO A 7 -13.12 6.41 23.30
CA PRO A 7 -12.57 7.09 22.12
C PRO A 7 -13.17 6.56 20.82
N ARG A 8 -12.70 7.08 19.70
CA ARG A 8 -13.18 6.66 18.39
C ARG A 8 -12.20 5.70 17.73
N PRO A 9 -12.71 4.67 17.03
CA PRO A 9 -11.87 3.68 16.35
C PRO A 9 -11.25 4.23 15.07
N GLY A 10 -10.67 3.33 14.27
CA GLY A 10 -10.05 3.74 13.03
C GLY A 10 -9.83 2.58 12.08
N VAL A 11 -8.57 2.23 11.84
CA VAL A 11 -8.23 1.13 10.94
C VAL A 11 -7.90 -0.13 11.73
N PHE A 12 -7.57 -1.20 11.01
CA PHE A 12 -7.23 -2.47 11.65
C PHE A 12 -6.83 -3.52 10.62
N VAL A 13 -7.48 -3.48 9.46
CA VAL A 13 -7.18 -4.43 8.39
C VAL A 13 -6.16 -3.87 7.41
N ASP A 14 -5.26 -3.03 7.91
CA ASP A 14 -4.22 -2.43 7.08
C ASP A 14 -4.83 -1.70 5.88
N ARG A 15 -5.97 -1.06 6.10
CA ARG A 15 -6.65 -0.33 5.05
C ARG A 15 -5.79 0.82 4.52
N LYS A 16 -4.97 1.39 5.41
CA LYS A 16 -4.10 2.49 5.04
C LYS A 16 -3.20 2.12 3.87
N LEU A 17 -2.74 0.86 3.85
CA LEU A 17 -1.88 0.39 2.78
C LEU A 17 -2.54 0.57 1.43
N LYS A 18 -3.82 0.25 1.36
CA LYS A 18 -4.58 0.37 0.11
C LYS A 18 -4.90 1.84 -0.18
N GLN A 19 -5.47 2.52 0.79
CA GLN A 19 -5.83 3.94 0.64
C GLN A 19 -4.60 4.79 0.33
N ARG A 20 -3.52 4.55 1.08
CA ARG A 20 -2.29 5.30 0.89
C ARG A 20 -1.68 5.00 -0.48
N VAL A 21 -1.72 3.73 -0.88
CA VAL A 21 -1.18 3.32 -2.16
C VAL A 21 -1.99 3.90 -3.31
N ILE A 22 -3.30 3.70 -3.29
CA ILE A 22 -4.18 4.20 -4.33
C ILE A 22 -3.99 5.71 -4.53
N GLN A 23 -3.81 6.41 -3.42
CA GLN A 23 -3.61 7.86 -3.46
C GLN A 23 -2.23 8.21 -4.02
N TYR A 24 -1.27 7.34 -3.78
CA TYR A 24 0.10 7.55 -4.25
C TYR A 24 0.21 7.29 -5.75
N LEU A 25 -0.45 6.24 -6.22
CA LEU A 25 -0.41 5.90 -7.64
C LEU A 25 -1.17 6.93 -8.47
N SER A 26 -2.25 7.47 -7.90
CA SER A 26 -3.07 8.46 -8.59
C SER A 26 -2.34 9.80 -8.68
N SER A 27 -1.82 10.26 -7.55
CA SER A 27 -1.09 11.52 -7.51
C SER A 27 0.12 11.49 -8.44
N ASN A 28 0.74 10.32 -8.54
CA ASN A 28 1.91 10.15 -9.40
C ASN A 28 2.26 8.67 -9.56
N ARG A 29 3.04 8.36 -10.58
CA ARG A 29 3.44 6.98 -10.84
C ARG A 29 4.21 6.41 -9.65
N CYS A 30 5.02 7.24 -9.02
CA CYS A 30 5.81 6.82 -7.87
C CYS A 30 6.67 5.60 -8.21
N GLY A 31 7.72 5.82 -9.00
CA GLY A 31 8.60 4.74 -9.38
C GLY A 31 8.10 3.99 -10.61
N LYS A 32 8.92 3.97 -11.65
CA LYS A 32 8.55 3.29 -12.90
C LYS A 32 8.44 1.79 -12.67
N TYR A 33 7.31 1.22 -13.09
CA TYR A 33 7.08 -0.21 -12.95
C TYR A 33 7.10 -0.62 -11.47
N VAL A 34 6.62 0.27 -10.61
CA VAL A 34 6.59 -0.01 -9.18
C VAL A 34 5.78 -1.26 -8.88
N ASP A 35 6.46 -2.40 -8.81
CA ASP A 35 5.81 -3.68 -8.54
C ASP A 35 5.49 -3.80 -7.05
N THR A 36 4.97 -4.96 -6.66
CA THR A 36 4.62 -5.22 -5.26
C THR A 36 5.81 -4.97 -4.35
N GLY A 37 6.93 -5.65 -4.64
CA GLY A 37 8.12 -5.49 -3.84
C GLY A 37 8.68 -4.09 -3.90
N ILE A 38 8.57 -3.46 -5.07
CA ILE A 38 9.07 -2.10 -5.26
C ILE A 38 8.20 -1.08 -4.53
N LEU A 39 6.89 -1.31 -4.56
CA LEU A 39 5.95 -0.41 -3.90
C LEU A 39 6.12 -0.47 -2.39
N ALA A 40 6.15 -1.68 -1.84
CA ALA A 40 6.31 -1.87 -0.40
C ALA A 40 7.56 -1.16 0.11
N SER A 41 8.69 -1.39 -0.55
CA SER A 41 9.94 -0.77 -0.16
C SER A 41 9.83 0.75 -0.16
N ASP A 42 9.31 1.30 -1.25
CA ASP A 42 9.16 2.74 -1.38
C ASP A 42 8.17 3.28 -0.33
N LEU A 43 7.08 2.55 -0.13
CA LEU A 43 6.07 2.95 0.84
C LEU A 43 6.64 3.01 2.24
N GLN A 44 7.43 2.01 2.61
CA GLN A 44 8.04 1.95 3.93
C GLN A 44 9.20 2.95 4.04
N ARG A 45 9.85 3.22 2.93
CA ARG A 45 10.98 4.15 2.91
C ARG A 45 10.51 5.57 3.23
N LEU A 46 9.44 6.01 2.57
CA LEU A 46 8.90 7.34 2.79
C LEU A 46 8.17 7.42 4.13
N TYR A 47 7.66 6.28 4.60
CA TYR A 47 6.96 6.23 5.87
C TYR A 47 7.74 5.41 6.89
N SER A 48 9.07 5.48 6.80
CA SER A 48 9.93 4.74 7.71
C SER A 48 9.62 5.09 9.16
N VAL A 49 9.17 6.32 9.39
CA VAL A 49 8.83 6.77 10.72
C VAL A 49 7.49 6.19 11.17
N ASP A 50 6.59 5.98 10.21
CA ASP A 50 5.27 5.44 10.49
C ASP A 50 5.29 3.91 10.40
N TYR A 51 5.49 3.39 9.20
CA TYR A 51 5.51 1.96 8.97
C TYR A 51 6.84 1.36 9.43
N GLY A 52 7.94 2.03 9.10
CA GLY A 52 9.25 1.55 9.48
C GLY A 52 9.40 1.41 10.98
N ARG A 53 9.06 0.23 11.50
CA ARG A 53 9.17 -0.03 12.93
C ARG A 53 9.47 -1.49 13.20
N ARG A 54 8.57 -2.37 12.77
CA ARG A 54 8.75 -3.80 12.96
C ARG A 54 8.03 -4.60 11.86
N LYS A 55 8.32 -5.88 11.78
CA LYS A 55 7.71 -6.75 10.78
C LYS A 55 8.05 -6.26 9.37
N ARG A 56 9.31 -6.41 8.98
CA ARG A 56 9.76 -6.00 7.66
C ARG A 56 9.13 -6.86 6.58
N ASN A 57 9.07 -8.17 6.83
CA ASN A 57 8.48 -9.10 5.86
C ASN A 57 6.96 -8.98 5.85
N ALA A 58 6.37 -8.77 7.02
CA ALA A 58 4.92 -8.63 7.14
C ALA A 58 4.41 -7.50 6.27
N PHE A 59 5.09 -6.36 6.33
CA PHE A 59 4.70 -5.19 5.54
C PHE A 59 4.75 -5.51 4.05
N ARG A 60 5.75 -6.29 3.65
CA ARG A 60 5.90 -6.66 2.25
C ARG A 60 4.70 -7.46 1.76
N ILE A 61 4.22 -8.37 2.61
CA ILE A 61 3.07 -9.20 2.26
C ILE A 61 1.81 -8.35 2.13
N GLN A 62 1.63 -7.42 3.06
CA GLN A 62 0.47 -6.54 3.04
C GLN A 62 0.43 -5.72 1.76
N VAL A 63 1.57 -5.15 1.39
CA VAL A 63 1.66 -4.35 0.18
C VAL A 63 1.49 -5.21 -1.07
N GLU A 64 2.01 -6.44 -1.01
CA GLU A 64 1.90 -7.37 -2.13
C GLU A 64 0.44 -7.65 -2.46
N LYS A 65 -0.35 -7.91 -1.42
CA LYS A 65 -1.77 -8.19 -1.59
C LYS A 65 -2.54 -6.91 -1.88
N VAL A 66 -2.05 -5.80 -1.34
CA VAL A 66 -2.69 -4.50 -1.55
C VAL A 66 -2.50 -4.01 -2.98
N PHE A 67 -1.37 -4.38 -3.58
CA PHE A 67 -1.06 -3.97 -4.94
C PHE A 67 -1.98 -4.68 -5.93
N SER A 68 -2.21 -5.96 -5.70
CA SER A 68 -3.07 -6.76 -6.58
C SER A 68 -4.55 -6.43 -6.36
N ILE A 69 -4.90 -6.09 -5.12
CA ILE A 69 -6.29 -5.77 -4.80
C ILE A 69 -6.68 -4.37 -5.27
N ILE A 70 -5.80 -3.39 -5.07
CA ILE A 70 -6.08 -2.02 -5.49
C ILE A 70 -6.45 -1.98 -6.98
N SER A 71 -5.82 -2.85 -7.76
CA SER A 71 -6.08 -2.91 -9.20
C SER A 71 -7.43 -3.55 -9.49
N SER A 72 -7.70 -4.68 -8.84
CA SER A 72 -8.96 -5.40 -9.05
C SER A 72 -10.13 -4.70 -8.37
N GLU A 73 -9.97 -4.37 -7.09
CA GLU A 73 -11.02 -3.71 -6.34
C GLU A 73 -11.39 -2.37 -6.95
N LYS A 74 -10.39 -1.55 -7.24
CA LYS A 74 -10.62 -0.24 -7.84
C LYS A 74 -10.90 -0.35 -9.33
N GLU A 75 -10.04 -1.08 -10.03
CA GLU A 75 -10.19 -1.28 -11.46
C GLU A 75 -10.16 0.07 -12.20
N LEU A 76 -9.87 0.02 -13.50
CA LEU A 76 -9.80 1.23 -14.31
C LEU A 76 -9.89 0.88 -15.80
N LYS A 77 -9.06 -0.07 -16.22
CA LYS A 77 -9.05 -0.49 -17.63
C LYS A 77 -8.80 -1.99 -17.74
N ASN A 78 -9.01 -2.53 -18.93
CA ASN A 78 -8.81 -3.95 -19.17
C ASN A 78 -9.74 -4.79 -18.31
#